data_2V1T
# 
_entry.id   2V1T 
# 
_audit_conform.dict_name       mmcif_pdbx.dic 
_audit_conform.dict_version    5.403 
_audit_conform.dict_location   http://mmcif.pdb.org/dictionaries/ascii/mmcif_pdbx.dic 
# 
loop_
_database_2.database_id 
_database_2.database_code 
_database_2.pdbx_database_accession 
_database_2.pdbx_DOI 
PDB   2V1T         pdb_00002v1t 10.2210/pdb2v1t/pdb 
PDBE  EBI-32622    ?            ?                   
WWPDB D_1290032622 ?            ?                   
# 
loop_
_pdbx_audit_revision_history.ordinal 
_pdbx_audit_revision_history.data_content_type 
_pdbx_audit_revision_history.major_revision 
_pdbx_audit_revision_history.minor_revision 
_pdbx_audit_revision_history.revision_date 
_pdbx_audit_revision_history.part_number 
1 'Structure model' 1 0 2007-06-12 ? 
2 'Structure model' 1 1 2011-07-13 ? 
3 'Structure model' 1 2 2025-04-09 ? 
# 
_pdbx_audit_revision_details.ordinal             1 
_pdbx_audit_revision_details.revision_ordinal    1 
_pdbx_audit_revision_details.data_content_type   'Structure model' 
_pdbx_audit_revision_details.provider            repository 
_pdbx_audit_revision_details.type                'Initial release' 
_pdbx_audit_revision_details.description         ? 
_pdbx_audit_revision_details.details             ? 
# 
loop_
_pdbx_audit_revision_group.ordinal 
_pdbx_audit_revision_group.revision_ordinal 
_pdbx_audit_revision_group.data_content_type 
_pdbx_audit_revision_group.group 
1 2 'Structure model' Advisory                    
2 2 'Structure model' 'Version format compliance' 
3 3 'Structure model' 'Data collection'           
4 3 'Structure model' 'Database references'       
5 3 'Structure model' 'Derived calculations'      
6 3 'Structure model' Other                       
7 3 'Structure model' 'Structure summary'         
# 
loop_
_pdbx_audit_revision_category.ordinal 
_pdbx_audit_revision_category.revision_ordinal 
_pdbx_audit_revision_category.data_content_type 
_pdbx_audit_revision_category.category 
1 3 'Structure model' chem_comp_atom            
2 3 'Structure model' chem_comp_bond            
3 3 'Structure model' database_2                
4 3 'Structure model' pdbx_database_status      
5 3 'Structure model' pdbx_entry_details        
6 3 'Structure model' pdbx_modification_feature 
7 3 'Structure model' struct_conn               
# 
loop_
_pdbx_audit_revision_item.ordinal 
_pdbx_audit_revision_item.revision_ordinal 
_pdbx_audit_revision_item.data_content_type 
_pdbx_audit_revision_item.item 
1  3 'Structure model' '_database_2.pdbx_DOI'                         
2  3 'Structure model' '_database_2.pdbx_database_accession'          
3  3 'Structure model' '_pdbx_database_status.status_code_sf'         
4  3 'Structure model' '_pdbx_entry_details.has_protein_modification' 
5  3 'Structure model' '_struct_conn.pdbx_dist_value'                 
6  3 'Structure model' '_struct_conn.pdbx_leaving_atom_flag'          
7  3 'Structure model' '_struct_conn.ptnr1_auth_asym_id'              
8  3 'Structure model' '_struct_conn.ptnr1_auth_comp_id'              
9  3 'Structure model' '_struct_conn.ptnr1_auth_seq_id'               
10 3 'Structure model' '_struct_conn.ptnr1_label_asym_id'             
11 3 'Structure model' '_struct_conn.ptnr1_label_atom_id'             
12 3 'Structure model' '_struct_conn.ptnr1_label_comp_id'             
13 3 'Structure model' '_struct_conn.ptnr1_label_seq_id'              
14 3 'Structure model' '_struct_conn.ptnr2_auth_asym_id'              
15 3 'Structure model' '_struct_conn.ptnr2_auth_comp_id'              
16 3 'Structure model' '_struct_conn.ptnr2_auth_seq_id'               
17 3 'Structure model' '_struct_conn.ptnr2_label_asym_id'             
18 3 'Structure model' '_struct_conn.ptnr2_label_atom_id'             
19 3 'Structure model' '_struct_conn.ptnr2_label_comp_id'             
20 3 'Structure model' '_struct_conn.ptnr2_label_seq_id'              
# 
_pdbx_database_PDB_obs_spr.id               SPRSDE 
_pdbx_database_PDB_obs_spr.date             2007-06-12 
_pdbx_database_PDB_obs_spr.pdb_id           2V1T 
_pdbx_database_PDB_obs_spr.replace_pdb_id   1WT4 
_pdbx_database_PDB_obs_spr.details          ? 
# 
_pdbx_database_status.status_code                     REL 
_pdbx_database_status.entry_id                        2V1T 
_pdbx_database_status.deposit_site                    PDBE 
_pdbx_database_status.process_site                    PDBE 
_pdbx_database_status.SG_entry                        . 
_pdbx_database_status.recvd_initial_deposition_date   2007-05-29 
_pdbx_database_status.pdb_format_compatible           Y 
_pdbx_database_status.status_code_sf                  REL 
_pdbx_database_status.status_code_mr                  ? 
_pdbx_database_status.status_code_cs                  ? 
_pdbx_database_status.methods_development_category    ? 
_pdbx_database_status.status_code_nmr_data            ? 
# 
loop_
_pdbx_database_related.db_name 
_pdbx_database_related.db_id 
_pdbx_database_related.content_type 
_pdbx_database_related.details 
PDB 1OM2 unspecified 
;SOLUTION NMR STRUCTURE OF THE MITOCHONDRIAL PROTEIN IMPORTRECEPTOR TOM20 FROM RAT IN A COMPLEX WITH A PRESEQUENCEPEPTIDE DERIVED FROM RAT ALDEHYDE DEHYDROGENASE (ALDH)
;
PDB 1WT4 unspecified 'CRYSTAL STRUCTURE OF RAT TOM20-ALDH PRESEQUENCE COMPLEX' 
PDB 2CUV unspecified 'CRYSTAL STRUCTURE OF DISULFIDE BOND TETHERED TOM20-PRESEQUENCE COMPLEXES' 
# 
loop_
_audit_author.name 
_audit_author.pdbx_ordinal 
'Obita, T.'   1 
'Igura, M.'   2 
'Ose, T.'     3 
'Endo, T.'    4 
'Maenaka, K.' 5 
'Kohda, D.'   6 
# 
_citation.id                        primary 
_citation.title                     
'Tom20 Recognizes Mitochondrial Presequences Through Dynamic Equilibrium Among Multiple Bound States.' 
_citation.journal_abbrev            'Embo J.' 
_citation.journal_volume            26 
_citation.page_first                4777 
_citation.page_last                 ? 
_citation.year                      2007 
_citation.journal_id_ASTM           EMJODG 
_citation.country                   UK 
_citation.journal_id_ISSN           0261-4189 
_citation.journal_id_CSD            0897 
_citation.book_publisher            ? 
_citation.pdbx_database_id_PubMed   17948058 
_citation.pdbx_database_id_DOI      10.1038/SJ.EMBOJ.7601888 
# 
loop_
_citation_author.citation_id 
_citation_author.name 
_citation_author.ordinal 
_citation_author.identifier_ORCID 
primary 'Saitoh, T.'  1 ? 
primary 'Igura, M.'   2 ? 
primary 'Obita, T.'   3 ? 
primary 'Ose, T.'     4 ? 
primary 'Kojima, R.'  5 ? 
primary 'Maenaka, K.' 6 ? 
primary 'Endo, T.'    7 ? 
primary 'Kohda, D.'   8 ? 
# 
loop_
_entity.id 
_entity.type 
_entity.src_method 
_entity.pdbx_description 
_entity.formula_weight 
_entity.pdbx_number_of_molecules 
_entity.pdbx_ec 
_entity.pdbx_mutation 
_entity.pdbx_fragment 
_entity.details 
1 polymer man 'MITOCHONDRIAL IMPORT RECEPTOR SUBUNIT TOM20 HOMOLOG' 8069.077 2   ?       ?   'CYTOSOLIC DOMAIN, RESIDUES 59-126' ? 
2 polymer syn 'ALDEHYDE DEHYDROGENASE'                              1301.564 2   1.2.1.3 YES 
'C-TERMINAL HALF OF THE PRESEQUENCE OF MITOCHONDRIAL PRECURSOR, RESIDUES 12-24' ? 
3 water   nat water                                                 18.015   168 ?       ?   ? ? 
# 
loop_
_entity_name_com.entity_id 
_entity_name_com.name 
1 'MITOCHONDRIAL 20 KDA OUTER MEMBRANE PROTEIN, OUTER MITOCHONDRIAL MEMBRANE RECEPTOR TOM20' 
2 'ALDH CLASS 2, ALDH1, ALDH-E2'                                                             
# 
loop_
_entity_poly.entity_id 
_entity_poly.type 
_entity_poly.nstd_linkage 
_entity_poly.nstd_monomer 
_entity_poly.pdbx_seq_one_letter_code 
_entity_poly.pdbx_seq_one_letter_code_can 
_entity_poly.pdbx_strand_id 
_entity_poly.pdbx_target_identifier 
1 'polypeptide(L)' no yes 'GPLGSDLKDAEAVQKFFLEEIQLGEELLAQGDYEKGVDHLTNAIAVCGQPQQLLQVLQQTLPPPVFQ(MSE)LLTKL' 
GPLGSDLKDAEAVQKFFLEEIQLGEELLAQGDYEKGVDHLTNAIAVCGQPQQLLQVLQQTLPPPVFQMLLTKL A,B ? 
2 'polypeptide(L)' no yes 'GPRLSRLLSAAG(CY3)'                                                             GPRLSRLLSAAGC C,D ? 
# 
_pdbx_entity_nonpoly.entity_id   3 
_pdbx_entity_nonpoly.name        water 
_pdbx_entity_nonpoly.comp_id     HOH 
# 
loop_
_entity_poly_seq.entity_id 
_entity_poly_seq.num 
_entity_poly_seq.mon_id 
_entity_poly_seq.hetero 
1 1  GLY n 
1 2  PRO n 
1 3  LEU n 
1 4  GLY n 
1 5  SER n 
1 6  ASP n 
1 7  LEU n 
1 8  LYS n 
1 9  ASP n 
1 10 ALA n 
1 11 GLU n 
1 12 ALA n 
1 13 VAL n 
1 14 GLN n 
1 15 LYS n 
1 16 PHE n 
1 17 PHE n 
1 18 LEU n 
1 19 GLU n 
1 20 GLU n 
1 21 ILE n 
1 22 GLN n 
1 23 LEU n 
1 24 GLY n 
1 25 GLU n 
1 26 GLU n 
1 27 LEU n 
1 28 LEU n 
1 29 ALA n 
1 30 GLN n 
1 31 GLY n 
1 32 ASP n 
1 33 TYR n 
1 34 GLU n 
1 35 LYS n 
1 36 GLY n 
1 37 VAL n 
1 38 ASP n 
1 39 HIS n 
1 40 LEU n 
1 41 THR n 
1 42 ASN n 
1 43 ALA n 
1 44 ILE n 
1 45 ALA n 
1 46 VAL n 
1 47 CYS n 
1 48 GLY n 
1 49 GLN n 
1 50 PRO n 
1 51 GLN n 
1 52 GLN n 
1 53 LEU n 
1 54 LEU n 
1 55 GLN n 
1 56 VAL n 
1 57 LEU n 
1 58 GLN n 
1 59 GLN n 
1 60 THR n 
1 61 LEU n 
1 62 PRO n 
1 63 PRO n 
1 64 PRO n 
1 65 VAL n 
1 66 PHE n 
1 67 GLN n 
1 68 MSE n 
1 69 LEU n 
1 70 LEU n 
1 71 THR n 
1 72 LYS n 
1 73 LEU n 
2 1  GLY n 
2 2  PRO n 
2 3  ARG n 
2 4  LEU n 
2 5  SER n 
2 6  ARG n 
2 7  LEU n 
2 8  LEU n 
2 9  SER n 
2 10 ALA n 
2 11 ALA n 
2 12 GLY n 
2 13 CY3 n 
# 
_entity_src_gen.entity_id                          1 
_entity_src_gen.pdbx_src_id                        1 
_entity_src_gen.pdbx_alt_source_flag               sample 
_entity_src_gen.pdbx_seq_type                      ? 
_entity_src_gen.pdbx_beg_seq_num                   ? 
_entity_src_gen.pdbx_end_seq_num                   ? 
_entity_src_gen.gene_src_common_name               RAT 
_entity_src_gen.gene_src_genus                     ? 
_entity_src_gen.pdbx_gene_src_gene                 ? 
_entity_src_gen.gene_src_species                   ? 
_entity_src_gen.gene_src_strain                    ? 
_entity_src_gen.gene_src_tissue                    ? 
_entity_src_gen.gene_src_tissue_fraction           ? 
_entity_src_gen.gene_src_details                   ? 
_entity_src_gen.pdbx_gene_src_fragment             ? 
_entity_src_gen.pdbx_gene_src_scientific_name      'RATTUS NORVEGICUS' 
_entity_src_gen.pdbx_gene_src_ncbi_taxonomy_id     10116 
_entity_src_gen.pdbx_gene_src_variant              ? 
_entity_src_gen.pdbx_gene_src_cell_line            ? 
_entity_src_gen.pdbx_gene_src_atcc                 ? 
_entity_src_gen.pdbx_gene_src_organ                ? 
_entity_src_gen.pdbx_gene_src_organelle            ? 
_entity_src_gen.pdbx_gene_src_cell                 ? 
_entity_src_gen.pdbx_gene_src_cellular_location    ? 
_entity_src_gen.host_org_common_name               ? 
_entity_src_gen.pdbx_host_org_scientific_name      'ESCHERICHIA COLI' 
_entity_src_gen.pdbx_host_org_ncbi_taxonomy_id     469008 
_entity_src_gen.host_org_genus                     ? 
_entity_src_gen.pdbx_host_org_gene                 ? 
_entity_src_gen.pdbx_host_org_organ                ? 
_entity_src_gen.host_org_species                   ? 
_entity_src_gen.pdbx_host_org_tissue               ? 
_entity_src_gen.pdbx_host_org_tissue_fraction      ? 
_entity_src_gen.pdbx_host_org_strain               'BL21(DE3)' 
_entity_src_gen.pdbx_host_org_variant              ? 
_entity_src_gen.pdbx_host_org_cell_line            ? 
_entity_src_gen.pdbx_host_org_atcc                 ? 
_entity_src_gen.pdbx_host_org_culture_collection   ? 
_entity_src_gen.pdbx_host_org_cell                 ? 
_entity_src_gen.pdbx_host_org_organelle            ? 
_entity_src_gen.pdbx_host_org_cellular_location    ? 
_entity_src_gen.pdbx_host_org_vector_type          PLASMID 
_entity_src_gen.pdbx_host_org_vector               ? 
_entity_src_gen.host_org_details                   ? 
_entity_src_gen.expression_system_id               ? 
_entity_src_gen.plasmid_name                       PGEX-6P-1 
_entity_src_gen.plasmid_details                    ? 
_entity_src_gen.pdbx_description                   ? 
# 
_pdbx_entity_src_syn.entity_id              2 
_pdbx_entity_src_syn.pdbx_src_id            1 
_pdbx_entity_src_syn.pdbx_alt_source_flag   sample 
_pdbx_entity_src_syn.pdbx_beg_seq_num       ? 
_pdbx_entity_src_syn.pdbx_end_seq_num       ? 
_pdbx_entity_src_syn.organism_scientific    'RATTUS NORVEGICUS' 
_pdbx_entity_src_syn.organism_common_name   RAT 
_pdbx_entity_src_syn.ncbi_taxonomy_id       10116 
_pdbx_entity_src_syn.details                ? 
# 
loop_
_chem_comp.id 
_chem_comp.type 
_chem_comp.mon_nstd_flag 
_chem_comp.name 
_chem_comp.pdbx_synonyms 
_chem_comp.formula 
_chem_comp.formula_weight 
ALA 'L-peptide linking' y ALANINE                         ? 'C3 H7 N O2'     89.093  
ARG 'L-peptide linking' y ARGININE                        ? 'C6 H15 N4 O2 1' 175.209 
ASN 'L-peptide linking' y ASPARAGINE                      ? 'C4 H8 N2 O3'    132.118 
ASP 'L-peptide linking' y 'ASPARTIC ACID'                 ? 'C4 H7 N O4'     133.103 
CY3 'L-peptide linking' n 2-AMINO-3-MERCAPTO-PROPIONAMIDE ? 'C3 H8 N2 O S'   120.173 
CYS 'L-peptide linking' y CYSTEINE                        ? 'C3 H7 N O2 S'   121.158 
GLN 'L-peptide linking' y GLUTAMINE                       ? 'C5 H10 N2 O3'   146.144 
GLU 'L-peptide linking' y 'GLUTAMIC ACID'                 ? 'C5 H9 N O4'     147.129 
GLY 'peptide linking'   y GLYCINE                         ? 'C2 H5 N O2'     75.067  
HIS 'L-peptide linking' y HISTIDINE                       ? 'C6 H10 N3 O2 1' 156.162 
HOH non-polymer         . WATER                           ? 'H2 O'           18.015  
ILE 'L-peptide linking' y ISOLEUCINE                      ? 'C6 H13 N O2'    131.173 
LEU 'L-peptide linking' y LEUCINE                         ? 'C6 H13 N O2'    131.173 
LYS 'L-peptide linking' y LYSINE                          ? 'C6 H15 N2 O2 1' 147.195 
MSE 'L-peptide linking' n SELENOMETHIONINE                ? 'C5 H11 N O2 Se' 196.106 
PHE 'L-peptide linking' y PHENYLALANINE                   ? 'C9 H11 N O2'    165.189 
PRO 'L-peptide linking' y PROLINE                         ? 'C5 H9 N O2'     115.130 
SER 'L-peptide linking' y SERINE                          ? 'C3 H7 N O3'     105.093 
THR 'L-peptide linking' y THREONINE                       ? 'C4 H9 N O3'     119.119 
TYR 'L-peptide linking' y TYROSINE                        ? 'C9 H11 N O3'    181.189 
VAL 'L-peptide linking' y VALINE                          ? 'C5 H11 N O2'    117.146 
# 
loop_
_pdbx_poly_seq_scheme.asym_id 
_pdbx_poly_seq_scheme.entity_id 
_pdbx_poly_seq_scheme.seq_id 
_pdbx_poly_seq_scheme.mon_id 
_pdbx_poly_seq_scheme.ndb_seq_num 
_pdbx_poly_seq_scheme.pdb_seq_num 
_pdbx_poly_seq_scheme.auth_seq_num 
_pdbx_poly_seq_scheme.pdb_mon_id 
_pdbx_poly_seq_scheme.auth_mon_id 
_pdbx_poly_seq_scheme.pdb_strand_id 
_pdbx_poly_seq_scheme.pdb_ins_code 
_pdbx_poly_seq_scheme.hetero 
A 1 1  GLY 1  54  54  GLY GLY A . n 
A 1 2  PRO 2  55  55  PRO PRO A . n 
A 1 3  LEU 3  56  56  LEU LEU A . n 
A 1 4  GLY 4  57  57  GLY GLY A . n 
A 1 5  SER 5  58  58  SER SER A . n 
A 1 6  ASP 6  59  59  ASP ASP A . n 
A 1 7  LEU 7  60  60  LEU LEU A . n 
A 1 8  LYS 8  61  61  LYS LYS A . n 
A 1 9  ASP 9  62  62  ASP ASP A . n 
A 1 10 ALA 10 63  63  ALA ALA A . n 
A 1 11 GLU 11 64  64  GLU GLU A . n 
A 1 12 ALA 12 65  65  ALA ALA A . n 
A 1 13 VAL 13 66  66  VAL VAL A . n 
A 1 14 GLN 14 67  67  GLN GLN A . n 
A 1 15 LYS 15 68  68  LYS LYS A . n 
A 1 16 PHE 16 69  69  PHE PHE A . n 
A 1 17 PHE 17 70  70  PHE PHE A . n 
A 1 18 LEU 18 71  71  LEU LEU A . n 
A 1 19 GLU 19 72  72  GLU GLU A . n 
A 1 20 GLU 20 73  73  GLU GLU A . n 
A 1 21 ILE 21 74  74  ILE ILE A . n 
A 1 22 GLN 22 75  75  GLN GLN A . n 
A 1 23 LEU 23 76  76  LEU LEU A . n 
A 1 24 GLY 24 77  77  GLY GLY A . n 
A 1 25 GLU 25 78  78  GLU GLU A . n 
A 1 26 GLU 26 79  79  GLU GLU A . n 
A 1 27 LEU 27 80  80  LEU LEU A . n 
A 1 28 LEU 28 81  81  LEU LEU A . n 
A 1 29 ALA 29 82  82  ALA ALA A . n 
A 1 30 GLN 30 83  83  GLN GLN A . n 
A 1 31 GLY 31 84  84  GLY GLY A . n 
A 1 32 ASP 32 85  85  ASP ASP A . n 
A 1 33 TYR 33 86  86  TYR TYR A . n 
A 1 34 GLU 34 87  87  GLU GLU A . n 
A 1 35 LYS 35 88  88  LYS LYS A . n 
A 1 36 GLY 36 89  89  GLY GLY A . n 
A 1 37 VAL 37 90  90  VAL VAL A . n 
A 1 38 ASP 38 91  91  ASP ASP A . n 
A 1 39 HIS 39 92  92  HIS HIS A . n 
A 1 40 LEU 40 93  93  LEU LEU A . n 
A 1 41 THR 41 94  94  THR THR A . n 
A 1 42 ASN 42 95  95  ASN ASN A . n 
A 1 43 ALA 43 96  96  ALA ALA A . n 
A 1 44 ILE 44 97  97  ILE ILE A . n 
A 1 45 ALA 45 98  98  ALA ALA A . n 
A 1 46 VAL 46 99  99  VAL VAL A . n 
A 1 47 CYS 47 100 100 CYS CYS A . n 
A 1 48 GLY 48 101 101 GLY GLY A . n 
A 1 49 GLN 49 102 102 GLN GLN A . n 
A 1 50 PRO 50 103 103 PRO PRO A . n 
A 1 51 GLN 51 104 104 GLN GLN A . n 
A 1 52 GLN 52 105 105 GLN GLN A . n 
A 1 53 LEU 53 106 106 LEU LEU A . n 
A 1 54 LEU 54 107 107 LEU LEU A . n 
A 1 55 GLN 55 108 108 GLN GLN A . n 
A 1 56 VAL 56 109 109 VAL VAL A . n 
A 1 57 LEU 57 110 110 LEU LEU A . n 
A 1 58 GLN 58 111 111 GLN GLN A . n 
A 1 59 GLN 59 112 112 GLN GLN A . n 
A 1 60 THR 60 113 113 THR THR A . n 
A 1 61 LEU 61 114 114 LEU LEU A . n 
A 1 62 PRO 62 115 115 PRO PRO A . n 
A 1 63 PRO 63 116 116 PRO PRO A . n 
A 1 64 PRO 64 117 117 PRO PRO A . n 
A 1 65 VAL 65 118 118 VAL VAL A . n 
A 1 66 PHE 66 119 119 PHE PHE A . n 
A 1 67 GLN 67 120 120 GLN GLN A . n 
A 1 68 MSE 68 121 121 MSE MSE A . n 
A 1 69 LEU 69 122 122 LEU LEU A . n 
A 1 70 LEU 70 123 123 LEU LEU A . n 
A 1 71 THR 71 124 124 THR THR A . n 
A 1 72 LYS 72 125 125 LYS LYS A . n 
A 1 73 LEU 73 126 126 LEU LEU A . n 
B 1 1  GLY 1  54  ?   ?   ?   B . n 
B 1 2  PRO 2  55  ?   ?   ?   B . n 
B 1 3  LEU 3  56  ?   ?   ?   B . n 
B 1 4  GLY 4  57  ?   ?   ?   B . n 
B 1 5  SER 5  58  ?   ?   ?   B . n 
B 1 6  ASP 6  59  59  ASP ASP B . n 
B 1 7  LEU 7  60  60  LEU LEU B . n 
B 1 8  LYS 8  61  61  LYS LYS B . n 
B 1 9  ASP 9  62  62  ASP ASP B . n 
B 1 10 ALA 10 63  63  ALA ALA B . n 
B 1 11 GLU 11 64  64  GLU GLU B . n 
B 1 12 ALA 12 65  65  ALA ALA B . n 
B 1 13 VAL 13 66  66  VAL VAL B . n 
B 1 14 GLN 14 67  67  GLN GLN B . n 
B 1 15 LYS 15 68  68  LYS LYS B . n 
B 1 16 PHE 16 69  69  PHE PHE B . n 
B 1 17 PHE 17 70  70  PHE PHE B . n 
B 1 18 LEU 18 71  71  LEU LEU B . n 
B 1 19 GLU 19 72  72  GLU GLU B . n 
B 1 20 GLU 20 73  73  GLU GLU B . n 
B 1 21 ILE 21 74  74  ILE ILE B . n 
B 1 22 GLN 22 75  75  GLN GLN B . n 
B 1 23 LEU 23 76  76  LEU LEU B . n 
B 1 24 GLY 24 77  77  GLY GLY B . n 
B 1 25 GLU 25 78  78  GLU GLU B . n 
B 1 26 GLU 26 79  79  GLU GLU B . n 
B 1 27 LEU 27 80  80  LEU LEU B . n 
B 1 28 LEU 28 81  81  LEU LEU B . n 
B 1 29 ALA 29 82  82  ALA ALA B . n 
B 1 30 GLN 30 83  83  GLN GLN B . n 
B 1 31 GLY 31 84  84  GLY GLY B . n 
B 1 32 ASP 32 85  85  ASP ASP B . n 
B 1 33 TYR 33 86  86  TYR TYR B . n 
B 1 34 GLU 34 87  87  GLU GLU B . n 
B 1 35 LYS 35 88  88  LYS LYS B . n 
B 1 36 GLY 36 89  89  GLY GLY B . n 
B 1 37 VAL 37 90  90  VAL VAL B . n 
B 1 38 ASP 38 91  91  ASP ASP B . n 
B 1 39 HIS 39 92  92  HIS HIS B . n 
B 1 40 LEU 40 93  93  LEU LEU B . n 
B 1 41 THR 41 94  94  THR THR B . n 
B 1 42 ASN 42 95  95  ASN ASN B . n 
B 1 43 ALA 43 96  96  ALA ALA B . n 
B 1 44 ILE 44 97  97  ILE ILE B . n 
B 1 45 ALA 45 98  98  ALA ALA B . n 
B 1 46 VAL 46 99  99  VAL VAL B . n 
B 1 47 CYS 47 100 100 CYS CYS B . n 
B 1 48 GLY 48 101 101 GLY GLY B . n 
B 1 49 GLN 49 102 102 GLN GLN B . n 
B 1 50 PRO 50 103 103 PRO PRO B . n 
B 1 51 GLN 51 104 104 GLN GLN B . n 
B 1 52 GLN 52 105 105 GLN GLN B . n 
B 1 53 LEU 53 106 106 LEU LEU B . n 
B 1 54 LEU 54 107 107 LEU LEU B . n 
B 1 55 GLN 55 108 108 GLN GLN B . n 
B 1 56 VAL 56 109 109 VAL VAL B . n 
B 1 57 LEU 57 110 110 LEU LEU B . n 
B 1 58 GLN 58 111 111 GLN GLN B . n 
B 1 59 GLN 59 112 112 GLN GLN B . n 
B 1 60 THR 60 113 113 THR THR B . n 
B 1 61 LEU 61 114 114 LEU LEU B . n 
B 1 62 PRO 62 115 115 PRO PRO B . n 
B 1 63 PRO 63 116 116 PRO PRO B . n 
B 1 64 PRO 64 117 117 PRO PRO B . n 
B 1 65 VAL 65 118 118 VAL VAL B . n 
B 1 66 PHE 66 119 119 PHE PHE B . n 
B 1 67 GLN 67 120 120 GLN GLN B . n 
B 1 68 MSE 68 121 121 MSE MSE B . n 
B 1 69 LEU 69 122 122 LEU LEU B . n 
B 1 70 LEU 70 123 123 LEU LEU B . n 
B 1 71 THR 71 124 124 THR THR B . n 
B 1 72 LYS 72 125 125 LYS LYS B . n 
B 1 73 LEU 73 126 126 LEU LEU B . n 
C 2 1  GLY 1  12  12  GLY GLY C . n 
C 2 2  PRO 2  13  13  PRO PRO C . n 
C 2 3  ARG 3  14  14  ARG ARG C . n 
C 2 4  LEU 4  15  15  LEU LEU C . n 
C 2 5  SER 5  16  16  SER SER C . n 
C 2 6  ARG 6  17  17  ARG ARG C . n 
C 2 7  LEU 7  18  18  LEU LEU C . n 
C 2 8  LEU 8  19  19  LEU LEU C . n 
C 2 9  SER 9  20  20  SER SER C . n 
C 2 10 ALA 10 21  21  ALA ALA C . n 
C 2 11 ALA 11 22  22  ALA ALA C . n 
C 2 12 GLY 12 23  23  GLY GLY C . n 
C 2 13 CY3 13 24  24  CY3 CY3 C . n 
D 2 1  GLY 1  12  12  GLY GLY D . n 
D 2 2  PRO 2  13  13  PRO PRO D . n 
D 2 3  ARG 3  14  14  ARG ARG D . n 
D 2 4  LEU 4  15  15  LEU LEU D . n 
D 2 5  SER 5  16  16  SER SER D . n 
D 2 6  ARG 6  17  17  ARG ARG D . n 
D 2 7  LEU 7  18  18  LEU LEU D . n 
D 2 8  LEU 8  19  19  LEU LEU D . n 
D 2 9  SER 9  20  20  SER SER D . n 
D 2 10 ALA 10 21  21  ALA ALA D . n 
D 2 11 ALA 11 22  22  ALA ALA D . n 
D 2 12 GLY 12 23  23  GLY GLY D . n 
D 2 13 CY3 13 24  24  CY3 CY3 D . n 
# 
loop_
_pdbx_nonpoly_scheme.asym_id 
_pdbx_nonpoly_scheme.entity_id 
_pdbx_nonpoly_scheme.mon_id 
_pdbx_nonpoly_scheme.ndb_seq_num 
_pdbx_nonpoly_scheme.pdb_seq_num 
_pdbx_nonpoly_scheme.auth_seq_num 
_pdbx_nonpoly_scheme.pdb_mon_id 
_pdbx_nonpoly_scheme.auth_mon_id 
_pdbx_nonpoly_scheme.pdb_strand_id 
_pdbx_nonpoly_scheme.pdb_ins_code 
E 3 HOH 1  2001 2001 HOH HOH A . 
E 3 HOH 2  2002 2002 HOH HOH A . 
E 3 HOH 3  2003 2003 HOH HOH A . 
E 3 HOH 4  2004 2004 HOH HOH A . 
E 3 HOH 5  2005 2005 HOH HOH A . 
E 3 HOH 6  2006 2006 HOH HOH A . 
E 3 HOH 7  2007 2007 HOH HOH A . 
E 3 HOH 8  2008 2008 HOH HOH A . 
E 3 HOH 9  2009 2009 HOH HOH A . 
E 3 HOH 10 2010 2010 HOH HOH A . 
E 3 HOH 11 2011 2011 HOH HOH A . 
E 3 HOH 12 2012 2012 HOH HOH A . 
E 3 HOH 13 2013 2013 HOH HOH A . 
E 3 HOH 14 2014 2014 HOH HOH A . 
E 3 HOH 15 2015 2015 HOH HOH A . 
E 3 HOH 16 2016 2016 HOH HOH A . 
E 3 HOH 17 2017 2017 HOH HOH A . 
E 3 HOH 18 2018 2018 HOH HOH A . 
E 3 HOH 19 2019 2019 HOH HOH A . 
E 3 HOH 20 2020 2020 HOH HOH A . 
E 3 HOH 21 2021 2021 HOH HOH A . 
E 3 HOH 22 2022 2022 HOH HOH A . 
E 3 HOH 23 2023 2023 HOH HOH A . 
E 3 HOH 24 2024 2024 HOH HOH A . 
E 3 HOH 25 2025 2025 HOH HOH A . 
E 3 HOH 26 2026 2026 HOH HOH A . 
E 3 HOH 27 2027 2027 HOH HOH A . 
E 3 HOH 28 2028 2028 HOH HOH A . 
E 3 HOH 29 2029 2029 HOH HOH A . 
E 3 HOH 30 2030 2030 HOH HOH A . 
E 3 HOH 31 2031 2031 HOH HOH A . 
E 3 HOH 32 2032 2032 HOH HOH A . 
E 3 HOH 33 2033 2033 HOH HOH A . 
E 3 HOH 34 2034 2034 HOH HOH A . 
E 3 HOH 35 2035 2035 HOH HOH A . 
E 3 HOH 36 2036 2036 HOH HOH A . 
E 3 HOH 37 2037 2037 HOH HOH A . 
E 3 HOH 38 2038 2038 HOH HOH A . 
E 3 HOH 39 2039 2039 HOH HOH A . 
E 3 HOH 40 2040 2040 HOH HOH A . 
E 3 HOH 41 2041 2041 HOH HOH A . 
E 3 HOH 42 2042 2042 HOH HOH A . 
E 3 HOH 43 2043 2043 HOH HOH A . 
E 3 HOH 44 2044 2044 HOH HOH A . 
E 3 HOH 45 2045 2045 HOH HOH A . 
E 3 HOH 46 2046 2046 HOH HOH A . 
E 3 HOH 47 2047 2047 HOH HOH A . 
E 3 HOH 48 2048 2048 HOH HOH A . 
E 3 HOH 49 2049 2049 HOH HOH A . 
E 3 HOH 50 2050 2050 HOH HOH A . 
E 3 HOH 51 2051 2051 HOH HOH A . 
E 3 HOH 52 2052 2052 HOH HOH A . 
E 3 HOH 53 2053 2053 HOH HOH A . 
E 3 HOH 54 2054 2054 HOH HOH A . 
E 3 HOH 55 2055 2055 HOH HOH A . 
E 3 HOH 56 2056 2056 HOH HOH A . 
E 3 HOH 57 2057 2057 HOH HOH A . 
E 3 HOH 58 2058 2058 HOH HOH A . 
E 3 HOH 59 2059 2059 HOH HOH A . 
E 3 HOH 60 2060 2060 HOH HOH A . 
E 3 HOH 61 2061 2061 HOH HOH A . 
E 3 HOH 62 2062 2062 HOH HOH A . 
E 3 HOH 63 2063 2063 HOH HOH A . 
E 3 HOH 64 2064 2064 HOH HOH A . 
E 3 HOH 65 2065 2065 HOH HOH A . 
E 3 HOH 66 2066 2066 HOH HOH A . 
E 3 HOH 67 2067 2067 HOH HOH A . 
E 3 HOH 68 2068 2068 HOH HOH A . 
E 3 HOH 69 2069 2069 HOH HOH A . 
E 3 HOH 70 2070 2070 HOH HOH A . 
F 3 HOH 1  2001 2001 HOH HOH B . 
F 3 HOH 2  2002 2002 HOH HOH B . 
F 3 HOH 3  2003 2003 HOH HOH B . 
F 3 HOH 4  2004 2004 HOH HOH B . 
F 3 HOH 5  2005 2005 HOH HOH B . 
F 3 HOH 6  2006 2006 HOH HOH B . 
F 3 HOH 7  2007 2007 HOH HOH B . 
F 3 HOH 8  2008 2008 HOH HOH B . 
F 3 HOH 9  2009 2009 HOH HOH B . 
F 3 HOH 10 2010 2010 HOH HOH B . 
F 3 HOH 11 2011 2011 HOH HOH B . 
F 3 HOH 12 2012 2012 HOH HOH B . 
F 3 HOH 13 2013 2013 HOH HOH B . 
F 3 HOH 14 2014 2014 HOH HOH B . 
F 3 HOH 15 2015 2015 HOH HOH B . 
F 3 HOH 16 2016 2016 HOH HOH B . 
F 3 HOH 17 2017 2017 HOH HOH B . 
F 3 HOH 18 2018 2018 HOH HOH B . 
F 3 HOH 19 2019 2019 HOH HOH B . 
F 3 HOH 20 2020 2020 HOH HOH B . 
F 3 HOH 21 2021 2021 HOH HOH B . 
F 3 HOH 22 2022 2022 HOH HOH B . 
F 3 HOH 23 2023 2023 HOH HOH B . 
F 3 HOH 24 2024 2024 HOH HOH B . 
F 3 HOH 25 2025 2025 HOH HOH B . 
F 3 HOH 26 2026 2026 HOH HOH B . 
F 3 HOH 27 2027 2027 HOH HOH B . 
F 3 HOH 28 2028 2028 HOH HOH B . 
F 3 HOH 29 2029 2029 HOH HOH B . 
F 3 HOH 30 2030 2030 HOH HOH B . 
F 3 HOH 31 2031 2031 HOH HOH B . 
F 3 HOH 32 2032 2032 HOH HOH B . 
F 3 HOH 33 2033 2033 HOH HOH B . 
F 3 HOH 34 2034 2034 HOH HOH B . 
F 3 HOH 35 2035 2035 HOH HOH B . 
F 3 HOH 36 2036 2036 HOH HOH B . 
F 3 HOH 37 2037 2037 HOH HOH B . 
F 3 HOH 38 2038 2038 HOH HOH B . 
F 3 HOH 39 2039 2039 HOH HOH B . 
F 3 HOH 40 2040 2040 HOH HOH B . 
F 3 HOH 41 2041 2041 HOH HOH B . 
F 3 HOH 42 2042 2042 HOH HOH B . 
F 3 HOH 43 2043 2043 HOH HOH B . 
F 3 HOH 44 2044 2044 HOH HOH B . 
F 3 HOH 45 2045 2045 HOH HOH B . 
F 3 HOH 46 2046 2046 HOH HOH B . 
F 3 HOH 47 2047 2047 HOH HOH B . 
F 3 HOH 48 2048 2048 HOH HOH B . 
F 3 HOH 49 2049 2049 HOH HOH B . 
F 3 HOH 50 2050 2050 HOH HOH B . 
F 3 HOH 51 2051 2051 HOH HOH B . 
F 3 HOH 52 2052 2052 HOH HOH B . 
F 3 HOH 53 2053 2053 HOH HOH B . 
F 3 HOH 54 2054 2054 HOH HOH B . 
F 3 HOH 55 2055 2055 HOH HOH B . 
F 3 HOH 56 2056 2056 HOH HOH B . 
F 3 HOH 57 2057 2057 HOH HOH B . 
F 3 HOH 58 2058 2058 HOH HOH B . 
F 3 HOH 59 2059 2059 HOH HOH B . 
F 3 HOH 60 2060 2060 HOH HOH B . 
F 3 HOH 61 2061 2061 HOH HOH B . 
F 3 HOH 62 2062 2062 HOH HOH B . 
F 3 HOH 63 2063 2063 HOH HOH B . 
F 3 HOH 64 2064 2064 HOH HOH B . 
F 3 HOH 65 2065 2065 HOH HOH B . 
F 3 HOH 66 2066 2066 HOH HOH B . 
G 3 HOH 1  2001 2001 HOH HOH C . 
G 3 HOH 2  2002 2002 HOH HOH C . 
G 3 HOH 3  2003 2003 HOH HOH C . 
G 3 HOH 4  2004 2004 HOH HOH C . 
G 3 HOH 5  2005 2005 HOH HOH C . 
G 3 HOH 6  2006 2006 HOH HOH C . 
G 3 HOH 7  2007 2007 HOH HOH C . 
G 3 HOH 8  2008 2008 HOH HOH C . 
G 3 HOH 9  2009 2009 HOH HOH C . 
G 3 HOH 10 2010 2010 HOH HOH C . 
G 3 HOH 11 2011 2011 HOH HOH C . 
G 3 HOH 12 2012 2012 HOH HOH C . 
G 3 HOH 13 2013 2013 HOH HOH C . 
G 3 HOH 14 2014 2014 HOH HOH C . 
G 3 HOH 15 2015 2015 HOH HOH C . 
G 3 HOH 16 2016 2016 HOH HOH C . 
G 3 HOH 17 2017 2017 HOH HOH C . 
G 3 HOH 18 2018 2018 HOH HOH C . 
G 3 HOH 19 2019 2019 HOH HOH C . 
H 3 HOH 1  2001 2001 HOH HOH D . 
H 3 HOH 2  2002 2002 HOH HOH D . 
H 3 HOH 3  2003 2003 HOH HOH D . 
H 3 HOH 4  2004 2004 HOH HOH D . 
H 3 HOH 5  2005 2005 HOH HOH D . 
H 3 HOH 6  2006 2006 HOH HOH D . 
H 3 HOH 7  2007 2007 HOH HOH D . 
H 3 HOH 8  2008 2008 HOH HOH D . 
H 3 HOH 9  2009 2009 HOH HOH D . 
H 3 HOH 10 2010 2010 HOH HOH D . 
H 3 HOH 11 2011 2011 HOH HOH D . 
H 3 HOH 12 2012 2012 HOH HOH D . 
H 3 HOH 13 2013 2013 HOH HOH D . 
# 
loop_
_software.name 
_software.classification 
_software.version 
_software.citation_id 
_software.pdbx_ordinal 
REFMAC    refinement       5.2.0019 ? 1 
HKL-2000  'data reduction' .        ? 2 
SCALEPACK 'data scaling'   .        ? 3 
SOLVE     phasing          .        ? 4 
# 
_cell.entry_id           2V1T 
_cell.length_a           33.629 
_cell.length_b           27.639 
_cell.length_c           70.967 
_cell.angle_alpha        90.00 
_cell.angle_beta         103.07 
_cell.angle_gamma        90.00 
_cell.Z_PDB              4 
_cell.pdbx_unique_axis   ? 
# 
_symmetry.entry_id                         2V1T 
_symmetry.space_group_name_H-M             'P 1 21 1' 
_symmetry.pdbx_full_space_group_name_H-M   ? 
_symmetry.cell_setting                     ? 
_symmetry.Int_Tables_number                4 
# 
_exptl.entry_id          2V1T 
_exptl.method            'X-RAY DIFFRACTION' 
_exptl.crystals_number   1 
# 
_exptl_crystal.id                    1 
_exptl_crystal.density_meas          ? 
_exptl_crystal.density_Matthews      1.7 
_exptl_crystal.density_percent_sol   30 
_exptl_crystal.description           ? 
# 
_exptl_crystal_grow.crystal_id      1 
_exptl_crystal_grow.method          ? 
_exptl_crystal_grow.temp            ? 
_exptl_crystal_grow.temp_details    ? 
_exptl_crystal_grow.pH              7.00 
_exptl_crystal_grow.pdbx_pH_range   ? 
_exptl_crystal_grow.pdbx_details    'PEG 6000, AMMONIUM CHLORIDE, PH 7.0' 
# 
_diffrn.id                     1 
_diffrn.ambient_temp           100.0 
_diffrn.ambient_temp_details   ? 
_diffrn.crystal_id             1 
# 
_diffrn_detector.diffrn_id              1 
_diffrn_detector.detector               CCD 
_diffrn_detector.type                   'ADSC CCD' 
_diffrn_detector.pdbx_collection_date   2004-03-04 
_diffrn_detector.details                MIRRORS 
# 
_diffrn_radiation.diffrn_id                        1 
_diffrn_radiation.wavelength_id                    1 
_diffrn_radiation.pdbx_monochromatic_or_laue_m_l   M 
_diffrn_radiation.monochromator                    ? 
_diffrn_radiation.pdbx_diffrn_protocol             MAD 
_diffrn_radiation.pdbx_scattering_type             x-ray 
# 
_diffrn_radiation_wavelength.id           1 
_diffrn_radiation_wavelength.wavelength   0.9838 
_diffrn_radiation_wavelength.wt           1.0 
# 
_diffrn_source.diffrn_id                   1 
_diffrn_source.source                      SYNCHROTRON 
_diffrn_source.type                        'SPRING-8 BEAMLINE BL40B2' 
_diffrn_source.pdbx_synchrotron_site       SPring-8 
_diffrn_source.pdbx_synchrotron_beamline   BL40B2 
_diffrn_source.pdbx_wavelength             0.9838 
_diffrn_source.pdbx_wavelength_list        ? 
# 
_reflns.pdbx_diffrn_id               1 
_reflns.pdbx_ordinal                 1 
_reflns.entry_id                     2V1T 
_reflns.observed_criterion_sigma_I   0.000 
_reflns.observed_criterion_sigma_F   ? 
_reflns.d_resolution_low             50.000 
_reflns.d_resolution_high            1.900 
_reflns.number_obs                   9958 
_reflns.number_all                   ? 
_reflns.percent_possible_obs         98.9 
_reflns.pdbx_Rmerge_I_obs            0.06000 
_reflns.pdbx_Rsym_value              ? 
_reflns.pdbx_netI_over_sigmaI        24.2000 
_reflns.B_iso_Wilson_estimate        ? 
_reflns.pdbx_redundancy              3.100 
# 
_reflns_shell.pdbx_diffrn_id         1 
_reflns_shell.pdbx_ordinal           1 
_reflns_shell.d_res_high             1.90 
_reflns_shell.d_res_low              1.98 
_reflns_shell.percent_possible_all   93.2 
_reflns_shell.Rmerge_I_obs           0.19000 
_reflns_shell.pdbx_Rsym_value        ? 
_reflns_shell.meanI_over_sigI_obs    8.400 
_reflns_shell.pdbx_redundancy        2.60 
# 
_refine.pdbx_refine_id                           'X-RAY DIFFRACTION' 
_refine.entry_id                                 2V1T 
_refine.pdbx_diffrn_id                           1 
_refine.pdbx_TLS_residual_ADP_flag               'LIKELY RESIDUAL' 
_refine.ls_number_reflns_obs                     8906 
_refine.ls_number_reflns_all                     ? 
_refine.pdbx_ls_sigma_I                          ? 
_refine.pdbx_ls_sigma_F                          ? 
_refine.pdbx_data_cutoff_high_absF               ? 
_refine.pdbx_data_cutoff_low_absF                ? 
_refine.pdbx_data_cutoff_high_rms_absF           ? 
_refine.ls_d_res_low                             32.60 
_refine.ls_d_res_high                            1.92 
_refine.ls_percent_reflns_obs                    97.5 
_refine.ls_R_factor_obs                          0.184 
_refine.ls_R_factor_all                          ? 
_refine.ls_R_factor_R_work                       0.178 
_refine.ls_R_factor_R_free                       0.240 
_refine.ls_R_factor_R_free_error                 ? 
_refine.ls_R_factor_R_free_error_details         ? 
_refine.ls_percent_reflns_R_free                 9.000 
_refine.ls_number_reflns_R_free                  879 
_refine.ls_number_parameters                     ? 
_refine.ls_number_restraints                     ? 
_refine.occupancy_min                            ? 
_refine.occupancy_max                            ? 
_refine.correlation_coeff_Fo_to_Fc               0.952 
_refine.correlation_coeff_Fo_to_Fc_free          0.919 
_refine.B_iso_mean                               14.86 
_refine.aniso_B[1][1]                            1.12000 
_refine.aniso_B[2][2]                            -0.07000 
_refine.aniso_B[3][3]                            -0.89000 
_refine.aniso_B[1][2]                            0.00000 
_refine.aniso_B[1][3]                            0.37000 
_refine.aniso_B[2][3]                            0.00000 
_refine.solvent_model_details                    MASK 
_refine.solvent_model_param_ksol                 ? 
_refine.solvent_model_param_bsol                 ? 
_refine.pdbx_solvent_vdw_probe_radii             1.40 
_refine.pdbx_solvent_ion_probe_radii             0.80 
_refine.pdbx_solvent_shrinkage_radii             0.80 
_refine.pdbx_ls_cross_valid_method               THROUGHOUT 
_refine.details                                  'HYDROGENS HAVE BEEN ADDED IN THE RIDING POSITIONS.' 
_refine.pdbx_starting_model                      ? 
_refine.pdbx_method_to_determine_struct          MAD 
_refine.pdbx_isotropic_thermal_model             ? 
_refine.pdbx_stereochemistry_target_values       'MAXIMUM LIKELIHOOD' 
_refine.pdbx_stereochem_target_val_spec_case     ? 
_refine.pdbx_R_Free_selection_details            RANDOM 
_refine.pdbx_overall_ESU_R                       0.242 
_refine.pdbx_overall_ESU_R_Free                  0.193 
_refine.overall_SU_ML                            0.134 
_refine.pdbx_overall_phase_error                 ? 
_refine.overall_SU_B                             8.919 
_refine.overall_SU_R_Cruickshank_DPI             ? 
_refine.pdbx_overall_SU_R_free_Cruickshank_DPI   ? 
_refine.pdbx_overall_SU_R_Blow_DPI               ? 
_refine.pdbx_overall_SU_R_free_Blow_DPI          ? 
# 
_refine_hist.pdbx_refine_id                   'X-RAY DIFFRACTION' 
_refine_hist.cycle_id                         LAST 
_refine_hist.pdbx_number_atoms_protein        1279 
_refine_hist.pdbx_number_atoms_nucleic_acid   0 
_refine_hist.pdbx_number_atoms_ligand         0 
_refine_hist.number_atoms_solvent             168 
_refine_hist.number_atoms_total               1447 
_refine_hist.d_res_high                       1.92 
_refine_hist.d_res_low                        32.60 
# 
loop_
_refine_ls_restr.type 
_refine_ls_restr.dev_ideal 
_refine_ls_restr.dev_ideal_target 
_refine_ls_restr.weight 
_refine_ls_restr.number 
_refine_ls_restr.pdbx_refine_id 
_refine_ls_restr.pdbx_restraint_function 
r_bond_refined_d             0.012  0.022  ? 1298 'X-RAY DIFFRACTION' ? 
r_bond_other_d               0.001  0.020  ? 878  'X-RAY DIFFRACTION' ? 
r_angle_refined_deg          1.423  2.029  ? 1749 'X-RAY DIFFRACTION' ? 
r_angle_other_deg            1.032  3.002  ? 2171 'X-RAY DIFFRACTION' ? 
r_dihedral_angle_1_deg       5.080  5.000  ? 161  'X-RAY DIFFRACTION' ? 
r_dihedral_angle_2_deg       37.479 26.786 ? 56   'X-RAY DIFFRACTION' ? 
r_dihedral_angle_3_deg       17.369 15.000 ? 231  'X-RAY DIFFRACTION' ? 
r_dihedral_angle_4_deg       17.881 15.000 ? 4    'X-RAY DIFFRACTION' ? 
r_chiral_restr               0.085  0.200  ? 206  'X-RAY DIFFRACTION' ? 
r_gen_planes_refined         0.004  0.020  ? 1416 'X-RAY DIFFRACTION' ? 
r_gen_planes_other           0.001  0.020  ? 214  'X-RAY DIFFRACTION' ? 
r_nbd_refined                0.220  0.200  ? 338  'X-RAY DIFFRACTION' ? 
r_nbd_other                  0.172  0.200  ? 931  'X-RAY DIFFRACTION' ? 
r_nbtor_refined              0.165  0.200  ? 647  'X-RAY DIFFRACTION' ? 
r_nbtor_other                0.098  0.200  ? 629  'X-RAY DIFFRACTION' ? 
r_xyhbond_nbd_refined        0.219  0.200  ? 103  'X-RAY DIFFRACTION' ? 
r_xyhbond_nbd_other          ?      ?      ? ?    'X-RAY DIFFRACTION' ? 
r_metal_ion_refined          ?      ?      ? ?    'X-RAY DIFFRACTION' ? 
r_metal_ion_other            ?      ?      ? ?    'X-RAY DIFFRACTION' ? 
r_symmetry_vdw_refined       0.204  0.200  ? 31   'X-RAY DIFFRACTION' ? 
r_symmetry_vdw_other         0.275  0.200  ? 84   'X-RAY DIFFRACTION' ? 
r_symmetry_hbond_refined     0.182  0.200  ? 29   'X-RAY DIFFRACTION' ? 
r_symmetry_hbond_other       ?      ?      ? ?    'X-RAY DIFFRACTION' ? 
r_symmetry_metal_ion_refined ?      ?      ? ?    'X-RAY DIFFRACTION' ? 
r_symmetry_metal_ion_other   ?      ?      ? ?    'X-RAY DIFFRACTION' ? 
r_mcbond_it                  1.121  1.500  ? 1050 'X-RAY DIFFRACTION' ? 
r_mcbond_other               ?      ?      ? ?    'X-RAY DIFFRACTION' ? 
r_mcangle_it                 1.116  2.000  ? 1323 'X-RAY DIFFRACTION' ? 
r_mcangle_other              ?      ?      ? ?    'X-RAY DIFFRACTION' ? 
r_scbond_it                  2.124  3.000  ? 491  'X-RAY DIFFRACTION' ? 
r_scbond_other               ?      ?      ? ?    'X-RAY DIFFRACTION' ? 
r_scangle_it                 2.874  4.500  ? 426  'X-RAY DIFFRACTION' ? 
r_scangle_other              ?      ?      ? ?    'X-RAY DIFFRACTION' ? 
r_long_range_B_refined       ?      ?      ? ?    'X-RAY DIFFRACTION' ? 
r_long_range_B_other         ?      ?      ? ?    'X-RAY DIFFRACTION' ? 
r_rigid_bond_restr           ?      ?      ? ?    'X-RAY DIFFRACTION' ? 
r_sphericity_free            ?      ?      ? ?    'X-RAY DIFFRACTION' ? 
r_sphericity_bonded          ?      ?      ? ?    'X-RAY DIFFRACTION' ? 
# 
_refine_ls_shell.pdbx_refine_id                   'X-RAY DIFFRACTION' 
_refine_ls_shell.pdbx_total_number_of_bins_used   20 
_refine_ls_shell.d_res_high                       1.92 
_refine_ls_shell.d_res_low                        1.97 
_refine_ls_shell.number_reflns_R_work             639 
_refine_ls_shell.R_factor_R_work                  0.2190 
_refine_ls_shell.percent_reflns_obs               ? 
_refine_ls_shell.R_factor_R_free                  ? 
_refine_ls_shell.R_factor_R_free_error            ? 
_refine_ls_shell.percent_reflns_R_free            ? 
_refine_ls_shell.number_reflns_R_free             0 
_refine_ls_shell.number_reflns_all                ? 
_refine_ls_shell.R_factor_all                     ? 
# 
loop_
_struct_ncs_oper.id 
_struct_ncs_oper.code 
_struct_ncs_oper.details 
_struct_ncs_oper.matrix[1][1] 
_struct_ncs_oper.matrix[1][2] 
_struct_ncs_oper.matrix[1][3] 
_struct_ncs_oper.matrix[2][1] 
_struct_ncs_oper.matrix[2][2] 
_struct_ncs_oper.matrix[2][3] 
_struct_ncs_oper.matrix[3][1] 
_struct_ncs_oper.matrix[3][2] 
_struct_ncs_oper.matrix[3][3] 
_struct_ncs_oper.vector[1] 
_struct_ncs_oper.vector[2] 
_struct_ncs_oper.vector[3] 
1 given ? 0.30140041 0.75416870 -0.58342733 0.69093309 -0.59442107 -0.41143811 -0.65708820 -0.27909752 -0.70023935 -0.63915 -0.62482 1.31213 
2 given ? 0.30914849 0.81942476 -0.48267230 0.81708305 -0.48856545 -0.30609018 -0.48663139 -0.29975206 -0.82057304 -0.11336 -1.62027 0.12638 
# 
_struct.entry_id                  2V1T 
_struct.title                     'CRYSTAL STRUCTURE OF RAT TOM20-ALDH PRESEQUENCE COMPLEX' 
_struct.pdbx_model_details        ? 
_struct.pdbx_CASP_flag            ? 
_struct.pdbx_model_type_details   ? 
# 
_struct_keywords.entry_id        2V1T 
_struct_keywords.pdbx_keywords   OXIDOREDUCTASE 
_struct_keywords.text            
;OUTER MEMBRANE, TRANSIT PEPTIDE, PHOSPHORYLATION, MITOCHONDRION, TRANSMEMBRANE, OXIDOREDUCTASE, PROTEIN TRANSPORT, NAD, MEMBRANE, TRANSPORT
;
# 
loop_
_struct_asym.id 
_struct_asym.pdbx_blank_PDB_chainid_flag 
_struct_asym.pdbx_modified 
_struct_asym.entity_id 
_struct_asym.details 
A N N 1 ? 
B N N 1 ? 
C N N 2 ? 
D N N 2 ? 
E N N 3 ? 
F N N 3 ? 
G N N 3 ? 
H N N 3 ? 
# 
loop_
_struct_ref.id 
_struct_ref.db_name 
_struct_ref.db_code 
_struct_ref.entity_id 
_struct_ref.pdbx_seq_one_letter_code 
_struct_ref.pdbx_align_begin 
_struct_ref.pdbx_db_accession 
_struct_ref.pdbx_db_isoform 
1 PDB 2V1T      1 ? ? 2V1T   ? 
2 UNP TOM20_RAT 1 ? ? Q62760 ? 
3 UNP ALDH2_RAT 2 ? ? P11884 ? 
# 
loop_
_struct_ref_seq.align_id 
_struct_ref_seq.ref_id 
_struct_ref_seq.pdbx_PDB_id_code 
_struct_ref_seq.pdbx_strand_id 
_struct_ref_seq.seq_align_beg 
_struct_ref_seq.pdbx_seq_align_beg_ins_code 
_struct_ref_seq.seq_align_end 
_struct_ref_seq.pdbx_seq_align_end_ins_code 
_struct_ref_seq.pdbx_db_accession 
_struct_ref_seq.db_align_beg 
_struct_ref_seq.pdbx_db_align_beg_ins_code 
_struct_ref_seq.db_align_end 
_struct_ref_seq.pdbx_db_align_end_ins_code 
_struct_ref_seq.pdbx_auth_seq_align_beg 
_struct_ref_seq.pdbx_auth_seq_align_end 
1 1 2V1T A 1 ? 5  ? 2V1T   54 ? 58  ? 54 58  
2 2 2V1T A 6 ? 73 ? Q62760 59 ? 126 ? 59 126 
3 1 2V1T B 1 ? 5  ? 2V1T   54 ? 58  ? 54 58  
4 2 2V1T B 6 ? 73 ? Q62760 59 ? 126 ? 59 126 
5 3 2V1T C 1 ? 13 ? P11884 12 ? 24  ? 12 24  
6 3 2V1T D 1 ? 13 ? P11884 12 ? 24  ? 12 24  
# 
loop_
_struct_ref_seq_dif.align_id 
_struct_ref_seq_dif.pdbx_pdb_id_code 
_struct_ref_seq_dif.mon_id 
_struct_ref_seq_dif.pdbx_pdb_strand_id 
_struct_ref_seq_dif.seq_num 
_struct_ref_seq_dif.pdbx_pdb_ins_code 
_struct_ref_seq_dif.pdbx_seq_db_name 
_struct_ref_seq_dif.pdbx_seq_db_accession_code 
_struct_ref_seq_dif.db_mon_id 
_struct_ref_seq_dif.pdbx_seq_db_seq_num 
_struct_ref_seq_dif.details 
_struct_ref_seq_dif.pdbx_auth_seq_num 
_struct_ref_seq_dif.pdbx_ordinal 
5 2V1T GLY C 12 ? UNP P11884 ALA 23 'engineered mutation' 23 1 
5 2V1T CY3 C 13 ? UNP P11884 THR 24 'engineered mutation' 24 2 
6 2V1T GLY D 12 ? UNP P11884 ALA 23 'engineered mutation' 23 3 
6 2V1T CY3 D 13 ? UNP P11884 THR 24 'engineered mutation' 24 4 
# 
loop_
_pdbx_struct_assembly.id 
_pdbx_struct_assembly.details 
_pdbx_struct_assembly.method_details 
_pdbx_struct_assembly.oligomeric_details 
_pdbx_struct_assembly.oligomeric_count 
1 author_and_software_defined_assembly PQS dimeric 2 
2 author_and_software_defined_assembly PQS dimeric 2 
# 
loop_
_pdbx_struct_assembly_gen.assembly_id 
_pdbx_struct_assembly_gen.oper_expression 
_pdbx_struct_assembly_gen.asym_id_list 
1 1 A,C,E,G 
2 1 B,D,F,H 
# 
_pdbx_struct_oper_list.id                   1 
_pdbx_struct_oper_list.type                 'identity operation' 
_pdbx_struct_oper_list.name                 1_555 
_pdbx_struct_oper_list.symmetry_operation   x,y,z 
_pdbx_struct_oper_list.matrix[1][1]         1.0000000000 
_pdbx_struct_oper_list.matrix[1][2]         0.0000000000 
_pdbx_struct_oper_list.matrix[1][3]         0.0000000000 
_pdbx_struct_oper_list.vector[1]            0.0000000000 
_pdbx_struct_oper_list.matrix[2][1]         0.0000000000 
_pdbx_struct_oper_list.matrix[2][2]         1.0000000000 
_pdbx_struct_oper_list.matrix[2][3]         0.0000000000 
_pdbx_struct_oper_list.vector[2]            0.0000000000 
_pdbx_struct_oper_list.matrix[3][1]         0.0000000000 
_pdbx_struct_oper_list.matrix[3][2]         0.0000000000 
_pdbx_struct_oper_list.matrix[3][3]         1.0000000000 
_pdbx_struct_oper_list.vector[3]            0.0000000000 
# 
_struct_biol.id   1 
# 
loop_
_struct_conf.conf_type_id 
_struct_conf.id 
_struct_conf.pdbx_PDB_helix_id 
_struct_conf.beg_label_comp_id 
_struct_conf.beg_label_asym_id 
_struct_conf.beg_label_seq_id 
_struct_conf.pdbx_beg_PDB_ins_code 
_struct_conf.end_label_comp_id 
_struct_conf.end_label_asym_id 
_struct_conf.end_label_seq_id 
_struct_conf.pdbx_end_PDB_ins_code 
_struct_conf.beg_auth_comp_id 
_struct_conf.beg_auth_asym_id 
_struct_conf.beg_auth_seq_id 
_struct_conf.end_auth_comp_id 
_struct_conf.end_auth_asym_id 
_struct_conf.end_auth_seq_id 
_struct_conf.pdbx_PDB_helix_class 
_struct_conf.details 
_struct_conf.pdbx_PDB_helix_length 
HELX_P HELX_P1  1  ASP A 6  ? GLY A 31 ? ASP A 59  GLY A 84  1 ? 26 
HELX_P HELX_P2  2  ASP A 32 ? VAL A 46 ? ASP A 85  VAL A 99  1 ? 15 
HELX_P HELX_P3  3  PRO A 50 ? LEU A 61 ? PRO A 103 LEU A 114 1 ? 12 
HELX_P HELX_P4  4  PRO A 62 ? LEU A 73 ? PRO A 115 LEU A 126 1 ? 12 
HELX_P HELX_P5  5  GLU B 11 ? GLN B 30 ? GLU B 64  GLN B 83  1 ? 20 
HELX_P HELX_P6  6  ASP B 32 ? VAL B 46 ? ASP B 85  VAL B 99  1 ? 15 
HELX_P HELX_P7  7  PRO B 50 ? LEU B 61 ? PRO B 103 LEU B 114 1 ? 12 
HELX_P HELX_P8  8  PRO B 62 ? LYS B 72 ? PRO B 115 LYS B 125 1 ? 11 
HELX_P HELX_P9  9  GLY C 1  ? ARG C 3  ? GLY C 12  ARG C 14  5 ? 3  
HELX_P HELX_P10 10 LEU C 4  ? GLY C 12 ? LEU C 15  GLY C 23  1 ? 9  
HELX_P HELX_P11 11 ARG D 3  ? GLY D 12 ? ARG D 14  GLY D 23  1 ? 10 
# 
_struct_conf_type.id          HELX_P 
_struct_conf_type.criteria    ? 
_struct_conf_type.reference   ? 
# 
loop_
_struct_conn.id 
_struct_conn.conn_type_id 
_struct_conn.pdbx_leaving_atom_flag 
_struct_conn.pdbx_PDB_id 
_struct_conn.ptnr1_label_asym_id 
_struct_conn.ptnr1_label_comp_id 
_struct_conn.ptnr1_label_seq_id 
_struct_conn.ptnr1_label_atom_id 
_struct_conn.pdbx_ptnr1_label_alt_id 
_struct_conn.pdbx_ptnr1_PDB_ins_code 
_struct_conn.pdbx_ptnr1_standard_comp_id 
_struct_conn.ptnr1_symmetry 
_struct_conn.ptnr2_label_asym_id 
_struct_conn.ptnr2_label_comp_id 
_struct_conn.ptnr2_label_seq_id 
_struct_conn.ptnr2_label_atom_id 
_struct_conn.pdbx_ptnr2_label_alt_id 
_struct_conn.pdbx_ptnr2_PDB_ins_code 
_struct_conn.ptnr1_auth_asym_id 
_struct_conn.ptnr1_auth_comp_id 
_struct_conn.ptnr1_auth_seq_id 
_struct_conn.ptnr2_auth_asym_id 
_struct_conn.ptnr2_auth_comp_id 
_struct_conn.ptnr2_auth_seq_id 
_struct_conn.ptnr2_symmetry 
_struct_conn.pdbx_ptnr3_label_atom_id 
_struct_conn.pdbx_ptnr3_label_seq_id 
_struct_conn.pdbx_ptnr3_label_comp_id 
_struct_conn.pdbx_ptnr3_label_asym_id 
_struct_conn.pdbx_ptnr3_label_alt_id 
_struct_conn.pdbx_ptnr3_PDB_ins_code 
_struct_conn.details 
_struct_conn.pdbx_dist_value 
_struct_conn.pdbx_value_order 
_struct_conn.pdbx_role 
disulf1 disulf ?    ? A CYS 47 SG ? ? ? 1_555 C CY3 13 SG ? ? A CYS 100 C CY3 24  1_555 ? ? ? ? ? ? ? 2.040 ? ? 
disulf2 disulf ?    ? B CYS 47 SG ? ? ? 1_555 D CY3 13 SG ? ? B CYS 100 D CY3 24  1_555 ? ? ? ? ? ? ? 2.035 ? ? 
covale1 covale none ? A CYS 47 SG ? ? ? 1_555 C CY3 13 SG ? ? A CYS 100 C CY3 24  1_555 ? ? ? ? ? ? ? 2.040 ? ? 
covale2 covale both ? A GLN 67 C  ? ? ? 1_555 A MSE 68 N  ? ? A GLN 120 A MSE 121 1_555 ? ? ? ? ? ? ? 1.327 ? ? 
covale3 covale both ? A MSE 68 C  ? ? ? 1_555 A LEU 69 N  ? ? A MSE 121 A LEU 122 1_555 ? ? ? ? ? ? ? 1.327 ? ? 
covale4 covale none ? B CYS 47 SG ? ? ? 1_555 D CY3 13 SG ? ? B CYS 100 D CY3 24  1_555 ? ? ? ? ? ? ? 2.035 ? ? 
covale5 covale both ? B GLN 67 C  ? ? ? 1_555 B MSE 68 N  ? ? B GLN 120 B MSE 121 1_555 ? ? ? ? ? ? ? 1.329 ? ? 
covale6 covale both ? B MSE 68 C  ? ? ? 1_555 B LEU 69 N  ? ? B MSE 121 B LEU 122 1_555 ? ? ? ? ? ? ? 1.327 ? ? 
covale7 covale both ? C GLY 12 C  ? ? ? 1_555 C CY3 13 N  ? ? C GLY 23  C CY3 24  1_555 ? ? ? ? ? ? ? 1.339 ? ? 
covale8 covale both ? D GLY 12 C  ? ? ? 1_555 D CY3 13 N  ? ? D GLY 23  D CY3 24  1_555 ? ? ? ? ? ? ? 1.324 ? ? 
# 
loop_
_struct_conn_type.id 
_struct_conn_type.criteria 
_struct_conn_type.reference 
disulf ? ? 
covale ? ? 
# 
_pdbx_entry_details.entry_id                   2V1T 
_pdbx_entry_details.compound_details           
;ENGINEERED RESIDUE IN CHAIN C, ALA 23 TO GLY
ENGINEERED RESIDUE IN CHAIN C, THR 24 TO CY3
ENGINEERED RESIDUE IN CHAIN D, ALA 23 TO GLY
ENGINEERED RESIDUE IN CHAIN D, THR 24 TO CY3
;
_pdbx_entry_details.source_details             ? 
_pdbx_entry_details.nonpolymer_details         ? 
_pdbx_entry_details.sequence_details           
;GLY A   54 CLONING ARTIFACT PRO A   55 CLONING ARTIFACT
LEU A   56 CLONING ARTIFACT GLY A   57 CLONING ARTIFACT
SER A   58 CLONING ARTIFACT MSE A  MODIFIED RESIDUE
GLY B 54 CLONING ARTIFACT PRO B   55 CLONING ARTIFACT
LEU B 56 CLONING ARTIFACT GLY B   57 CLONING ARTIFACT
SER B   58 CLONING ARTIFACT MSE B  MODIFIED RESIDUE
GLY   23   ENGINEERED
;
_pdbx_entry_details.has_ligand_of_interest     ? 
_pdbx_entry_details.has_protein_modification   Y 
# 
_pdbx_validate_close_contact.id               1 
_pdbx_validate_close_contact.PDB_model_num    1 
_pdbx_validate_close_contact.auth_atom_id_1   O 
_pdbx_validate_close_contact.auth_asym_id_1   C 
_pdbx_validate_close_contact.auth_comp_id_1   PRO 
_pdbx_validate_close_contact.auth_seq_id_1    13 
_pdbx_validate_close_contact.PDB_ins_code_1   ? 
_pdbx_validate_close_contact.label_alt_id_1   ? 
_pdbx_validate_close_contact.auth_atom_id_2   O 
_pdbx_validate_close_contact.auth_asym_id_2   C 
_pdbx_validate_close_contact.auth_comp_id_2   HOH 
_pdbx_validate_close_contact.auth_seq_id_2    2005 
_pdbx_validate_close_contact.PDB_ins_code_2   ? 
_pdbx_validate_close_contact.label_alt_id_2   ? 
_pdbx_validate_close_contact.dist             2.16 
# 
_pdbx_validate_symm_contact.id                1 
_pdbx_validate_symm_contact.PDB_model_num     1 
_pdbx_validate_symm_contact.auth_atom_id_1    O 
_pdbx_validate_symm_contact.auth_asym_id_1    A 
_pdbx_validate_symm_contact.auth_comp_id_1    HOH 
_pdbx_validate_symm_contact.auth_seq_id_1     2059 
_pdbx_validate_symm_contact.PDB_ins_code_1    ? 
_pdbx_validate_symm_contact.label_alt_id_1    ? 
_pdbx_validate_symm_contact.site_symmetry_1   1_555 
_pdbx_validate_symm_contact.auth_atom_id_2    O 
_pdbx_validate_symm_contact.auth_asym_id_2    A 
_pdbx_validate_symm_contact.auth_comp_id_2    HOH 
_pdbx_validate_symm_contact.auth_seq_id_2     2070 
_pdbx_validate_symm_contact.PDB_ins_code_2    ? 
_pdbx_validate_symm_contact.label_alt_id_2    ? 
_pdbx_validate_symm_contact.site_symmetry_2   2_546 
_pdbx_validate_symm_contact.dist              2.13 
# 
loop_
_pdbx_validate_rmsd_angle.id 
_pdbx_validate_rmsd_angle.PDB_model_num 
_pdbx_validate_rmsd_angle.auth_atom_id_1 
_pdbx_validate_rmsd_angle.auth_asym_id_1 
_pdbx_validate_rmsd_angle.auth_comp_id_1 
_pdbx_validate_rmsd_angle.auth_seq_id_1 
_pdbx_validate_rmsd_angle.PDB_ins_code_1 
_pdbx_validate_rmsd_angle.label_alt_id_1 
_pdbx_validate_rmsd_angle.auth_atom_id_2 
_pdbx_validate_rmsd_angle.auth_asym_id_2 
_pdbx_validate_rmsd_angle.auth_comp_id_2 
_pdbx_validate_rmsd_angle.auth_seq_id_2 
_pdbx_validate_rmsd_angle.PDB_ins_code_2 
_pdbx_validate_rmsd_angle.label_alt_id_2 
_pdbx_validate_rmsd_angle.auth_atom_id_3 
_pdbx_validate_rmsd_angle.auth_asym_id_3 
_pdbx_validate_rmsd_angle.auth_comp_id_3 
_pdbx_validate_rmsd_angle.auth_seq_id_3 
_pdbx_validate_rmsd_angle.PDB_ins_code_3 
_pdbx_validate_rmsd_angle.label_alt_id_3 
_pdbx_validate_rmsd_angle.angle_value 
_pdbx_validate_rmsd_angle.angle_target_value 
_pdbx_validate_rmsd_angle.angle_deviation 
_pdbx_validate_rmsd_angle.angle_standard_deviation 
_pdbx_validate_rmsd_angle.linker_flag 
1 1 NE C ARG 14 ? ? CZ C ARG 14 ? ? NH1 C ARG 14 ? ? 123.88 120.30 3.58   0.50 N 
2 1 NE C ARG 14 ? ? CZ C ARG 14 ? ? NH2 C ARG 14 ? ? 115.89 120.30 -4.41  0.50 N 
3 1 O  D GLY 23 ? ? C  D GLY 23 ? ? N   D CY3 24 ? ? 109.58 122.70 -13.12 1.60 Y 
4 1 C  D GLY 23 ? ? N  D CY3 24 ? ? CA  D CY3 24 ? ? 141.42 121.70 19.72  2.50 Y 
# 
loop_
_pdbx_struct_mod_residue.id 
_pdbx_struct_mod_residue.label_asym_id 
_pdbx_struct_mod_residue.label_comp_id 
_pdbx_struct_mod_residue.label_seq_id 
_pdbx_struct_mod_residue.auth_asym_id 
_pdbx_struct_mod_residue.auth_comp_id 
_pdbx_struct_mod_residue.auth_seq_id 
_pdbx_struct_mod_residue.PDB_ins_code 
_pdbx_struct_mod_residue.parent_comp_id 
_pdbx_struct_mod_residue.details 
1 A MSE 68 A MSE 121 ? MET SELENOMETHIONINE                
2 B MSE 68 B MSE 121 ? MET SELENOMETHIONINE                
3 C CY3 13 C CY3 24  ? CYS 2-AMINO-3-MERCAPTO-PROPIONAMIDE 
4 D CY3 13 D CY3 24  ? CYS 2-AMINO-3-MERCAPTO-PROPIONAMIDE 
# 
loop_
_pdbx_refine_tls.pdbx_refine_id 
_pdbx_refine_tls.id 
_pdbx_refine_tls.details 
_pdbx_refine_tls.method 
_pdbx_refine_tls.origin_x 
_pdbx_refine_tls.origin_y 
_pdbx_refine_tls.origin_z 
_pdbx_refine_tls.T[1][1] 
_pdbx_refine_tls.T[2][2] 
_pdbx_refine_tls.T[3][3] 
_pdbx_refine_tls.T[1][2] 
_pdbx_refine_tls.T[1][3] 
_pdbx_refine_tls.T[2][3] 
_pdbx_refine_tls.L[1][1] 
_pdbx_refine_tls.L[2][2] 
_pdbx_refine_tls.L[3][3] 
_pdbx_refine_tls.L[1][2] 
_pdbx_refine_tls.L[1][3] 
_pdbx_refine_tls.L[2][3] 
_pdbx_refine_tls.S[1][1] 
_pdbx_refine_tls.S[1][2] 
_pdbx_refine_tls.S[1][3] 
_pdbx_refine_tls.S[2][1] 
_pdbx_refine_tls.S[2][2] 
_pdbx_refine_tls.S[2][3] 
_pdbx_refine_tls.S[3][1] 
_pdbx_refine_tls.S[3][2] 
_pdbx_refine_tls.S[3][3] 
'X-RAY DIFFRACTION' 1 ? refined 4.8634  -7.3630  -0.7864 -0.0109 -0.0229 -0.0193 0.0012 -0.0123 -0.0158 1.3955 0.4096 0.6096 -0.0776 -0.1841 0.0625  0.0210  0.0424  -0.0477 -0.0456 -0.0263 -0.0041 0.0023  0.0178  0.0053 
'X-RAY DIFFRACTION' 2 ? refined -4.0950 8.7028   0.3498  -0.0192 -0.0217 -0.0078 0.0142 -0.0102 -0.0181 0.8430 1.0725 1.3285 0.4762  0.2643  -0.7598 -0.0327 -0.0042 0.0654  0.0766  0.0100  -0.0117 -0.0635 -0.0181 0.0226 
'X-RAY DIFFRACTION' 3 ? refined 4.3590  -15.7722 -7.8772 0.0044  -0.0508 0.0054  0.0434 -0.0392 -0.0043 2.2282 3.7693 4.8874 1.7965  -0.7559 1.0942  -0.1206 -0.0467 -0.0394 -0.0113 0.0923  -0.0971 -0.3091 -0.0355 0.0283 
'X-RAY DIFFRACTION' 4 ? refined -7.7948 12.1784  9.1577  -0.0168 0.0069  -0.0161 0.0709 -0.0354 0.0051  3.8344 0.5338 5.8580 0.5659  1.8000  -0.3934 -0.0311 0.1487  0.2700  0.3049  -0.1040 0.0976  0.3195  0.4176  0.1351 
# 
loop_
_pdbx_refine_tls_group.pdbx_refine_id 
_pdbx_refine_tls_group.id 
_pdbx_refine_tls_group.refine_tls_id 
_pdbx_refine_tls_group.beg_auth_asym_id 
_pdbx_refine_tls_group.beg_auth_seq_id 
_pdbx_refine_tls_group.beg_label_asym_id 
_pdbx_refine_tls_group.beg_label_seq_id 
_pdbx_refine_tls_group.end_auth_asym_id 
_pdbx_refine_tls_group.end_auth_seq_id 
_pdbx_refine_tls_group.end_label_asym_id 
_pdbx_refine_tls_group.end_label_seq_id 
_pdbx_refine_tls_group.selection 
_pdbx_refine_tls_group.selection_details 
'X-RAY DIFFRACTION' 1 1 A 54 ? ? A 126 ? ? ? ? 
'X-RAY DIFFRACTION' 2 2 B 59 ? ? B 126 ? ? ? ? 
'X-RAY DIFFRACTION' 3 3 C 12 ? ? C 24  ? ? ? ? 
'X-RAY DIFFRACTION' 4 4 D 12 ? ? D 24  ? ? ? ? 
# 
_pdbx_distant_solvent_atoms.id                                1 
_pdbx_distant_solvent_atoms.PDB_model_num                     1 
_pdbx_distant_solvent_atoms.auth_atom_id                      O 
_pdbx_distant_solvent_atoms.label_alt_id                      ? 
_pdbx_distant_solvent_atoms.auth_asym_id                      A 
_pdbx_distant_solvent_atoms.auth_comp_id                      HOH 
_pdbx_distant_solvent_atoms.auth_seq_id                       2025 
_pdbx_distant_solvent_atoms.PDB_ins_code                      ? 
_pdbx_distant_solvent_atoms.neighbor_macromolecule_distance   6.78 
_pdbx_distant_solvent_atoms.neighbor_ligand_distance          . 
# 
loop_
_pdbx_unobs_or_zero_occ_residues.id 
_pdbx_unobs_or_zero_occ_residues.PDB_model_num 
_pdbx_unobs_or_zero_occ_residues.polymer_flag 
_pdbx_unobs_or_zero_occ_residues.occupancy_flag 
_pdbx_unobs_or_zero_occ_residues.auth_asym_id 
_pdbx_unobs_or_zero_occ_residues.auth_comp_id 
_pdbx_unobs_or_zero_occ_residues.auth_seq_id 
_pdbx_unobs_or_zero_occ_residues.PDB_ins_code 
_pdbx_unobs_or_zero_occ_residues.label_asym_id 
_pdbx_unobs_or_zero_occ_residues.label_comp_id 
_pdbx_unobs_or_zero_occ_residues.label_seq_id 
1 1 Y 1 B GLY 54 ? B GLY 1 
2 1 Y 1 B PRO 55 ? B PRO 2 
3 1 Y 1 B LEU 56 ? B LEU 3 
4 1 Y 1 B GLY 57 ? B GLY 4 
5 1 Y 1 B SER 58 ? B SER 5 
# 
loop_
_chem_comp_atom.comp_id 
_chem_comp_atom.atom_id 
_chem_comp_atom.type_symbol 
_chem_comp_atom.pdbx_aromatic_flag 
_chem_comp_atom.pdbx_stereo_config 
_chem_comp_atom.pdbx_ordinal 
ALA N    N  N N 1   
ALA CA   C  N S 2   
ALA C    C  N N 3   
ALA O    O  N N 4   
ALA CB   C  N N 5   
ALA OXT  O  N N 6   
ALA H    H  N N 7   
ALA H2   H  N N 8   
ALA HA   H  N N 9   
ALA HB1  H  N N 10  
ALA HB2  H  N N 11  
ALA HB3  H  N N 12  
ALA HXT  H  N N 13  
ARG N    N  N N 14  
ARG CA   C  N S 15  
ARG C    C  N N 16  
ARG O    O  N N 17  
ARG CB   C  N N 18  
ARG CG   C  N N 19  
ARG CD   C  N N 20  
ARG NE   N  N N 21  
ARG CZ   C  N N 22  
ARG NH1  N  N N 23  
ARG NH2  N  N N 24  
ARG OXT  O  N N 25  
ARG H    H  N N 26  
ARG H2   H  N N 27  
ARG HA   H  N N 28  
ARG HB2  H  N N 29  
ARG HB3  H  N N 30  
ARG HG2  H  N N 31  
ARG HG3  H  N N 32  
ARG HD2  H  N N 33  
ARG HD3  H  N N 34  
ARG HE   H  N N 35  
ARG HH11 H  N N 36  
ARG HH12 H  N N 37  
ARG HH21 H  N N 38  
ARG HH22 H  N N 39  
ARG HXT  H  N N 40  
ASN N    N  N N 41  
ASN CA   C  N S 42  
ASN C    C  N N 43  
ASN O    O  N N 44  
ASN CB   C  N N 45  
ASN CG   C  N N 46  
ASN OD1  O  N N 47  
ASN ND2  N  N N 48  
ASN OXT  O  N N 49  
ASN H    H  N N 50  
ASN H2   H  N N 51  
ASN HA   H  N N 52  
ASN HB2  H  N N 53  
ASN HB3  H  N N 54  
ASN HD21 H  N N 55  
ASN HD22 H  N N 56  
ASN HXT  H  N N 57  
ASP N    N  N N 58  
ASP CA   C  N S 59  
ASP C    C  N N 60  
ASP O    O  N N 61  
ASP CB   C  N N 62  
ASP CG   C  N N 63  
ASP OD1  O  N N 64  
ASP OD2  O  N N 65  
ASP OXT  O  N N 66  
ASP H    H  N N 67  
ASP H2   H  N N 68  
ASP HA   H  N N 69  
ASP HB2  H  N N 70  
ASP HB3  H  N N 71  
ASP HD2  H  N N 72  
ASP HXT  H  N N 73  
CY3 N    N  N N 74  
CY3 CA   C  N R 75  
CY3 C    C  N N 76  
CY3 O    O  N N 77  
CY3 CB   C  N N 78  
CY3 SG   S  N N 79  
CY3 N1   N  N N 80  
CY3 H    H  N N 81  
CY3 H2   H  N N 82  
CY3 HA   H  N N 83  
CY3 HB2  H  N N 84  
CY3 HB3  H  N N 85  
CY3 HG   H  N N 86  
CY3 HN11 H  N N 87  
CY3 HN12 H  N N 88  
CYS N    N  N N 89  
CYS CA   C  N R 90  
CYS C    C  N N 91  
CYS O    O  N N 92  
CYS CB   C  N N 93  
CYS SG   S  N N 94  
CYS OXT  O  N N 95  
CYS H    H  N N 96  
CYS H2   H  N N 97  
CYS HA   H  N N 98  
CYS HB2  H  N N 99  
CYS HB3  H  N N 100 
CYS HG   H  N N 101 
CYS HXT  H  N N 102 
GLN N    N  N N 103 
GLN CA   C  N S 104 
GLN C    C  N N 105 
GLN O    O  N N 106 
GLN CB   C  N N 107 
GLN CG   C  N N 108 
GLN CD   C  N N 109 
GLN OE1  O  N N 110 
GLN NE2  N  N N 111 
GLN OXT  O  N N 112 
GLN H    H  N N 113 
GLN H2   H  N N 114 
GLN HA   H  N N 115 
GLN HB2  H  N N 116 
GLN HB3  H  N N 117 
GLN HG2  H  N N 118 
GLN HG3  H  N N 119 
GLN HE21 H  N N 120 
GLN HE22 H  N N 121 
GLN HXT  H  N N 122 
GLU N    N  N N 123 
GLU CA   C  N S 124 
GLU C    C  N N 125 
GLU O    O  N N 126 
GLU CB   C  N N 127 
GLU CG   C  N N 128 
GLU CD   C  N N 129 
GLU OE1  O  N N 130 
GLU OE2  O  N N 131 
GLU OXT  O  N N 132 
GLU H    H  N N 133 
GLU H2   H  N N 134 
GLU HA   H  N N 135 
GLU HB2  H  N N 136 
GLU HB3  H  N N 137 
GLU HG2  H  N N 138 
GLU HG3  H  N N 139 
GLU HE2  H  N N 140 
GLU HXT  H  N N 141 
GLY N    N  N N 142 
GLY CA   C  N N 143 
GLY C    C  N N 144 
GLY O    O  N N 145 
GLY OXT  O  N N 146 
GLY H    H  N N 147 
GLY H2   H  N N 148 
GLY HA2  H  N N 149 
GLY HA3  H  N N 150 
GLY HXT  H  N N 151 
HIS N    N  N N 152 
HIS CA   C  N S 153 
HIS C    C  N N 154 
HIS O    O  N N 155 
HIS CB   C  N N 156 
HIS CG   C  Y N 157 
HIS ND1  N  Y N 158 
HIS CD2  C  Y N 159 
HIS CE1  C  Y N 160 
HIS NE2  N  Y N 161 
HIS OXT  O  N N 162 
HIS H    H  N N 163 
HIS H2   H  N N 164 
HIS HA   H  N N 165 
HIS HB2  H  N N 166 
HIS HB3  H  N N 167 
HIS HD1  H  N N 168 
HIS HD2  H  N N 169 
HIS HE1  H  N N 170 
HIS HE2  H  N N 171 
HIS HXT  H  N N 172 
HOH O    O  N N 173 
HOH H1   H  N N 174 
HOH H2   H  N N 175 
ILE N    N  N N 176 
ILE CA   C  N S 177 
ILE C    C  N N 178 
ILE O    O  N N 179 
ILE CB   C  N S 180 
ILE CG1  C  N N 181 
ILE CG2  C  N N 182 
ILE CD1  C  N N 183 
ILE OXT  O  N N 184 
ILE H    H  N N 185 
ILE H2   H  N N 186 
ILE HA   H  N N 187 
ILE HB   H  N N 188 
ILE HG12 H  N N 189 
ILE HG13 H  N N 190 
ILE HG21 H  N N 191 
ILE HG22 H  N N 192 
ILE HG23 H  N N 193 
ILE HD11 H  N N 194 
ILE HD12 H  N N 195 
ILE HD13 H  N N 196 
ILE HXT  H  N N 197 
LEU N    N  N N 198 
LEU CA   C  N S 199 
LEU C    C  N N 200 
LEU O    O  N N 201 
LEU CB   C  N N 202 
LEU CG   C  N N 203 
LEU CD1  C  N N 204 
LEU CD2  C  N N 205 
LEU OXT  O  N N 206 
LEU H    H  N N 207 
LEU H2   H  N N 208 
LEU HA   H  N N 209 
LEU HB2  H  N N 210 
LEU HB3  H  N N 211 
LEU HG   H  N N 212 
LEU HD11 H  N N 213 
LEU HD12 H  N N 214 
LEU HD13 H  N N 215 
LEU HD21 H  N N 216 
LEU HD22 H  N N 217 
LEU HD23 H  N N 218 
LEU HXT  H  N N 219 
LYS N    N  N N 220 
LYS CA   C  N S 221 
LYS C    C  N N 222 
LYS O    O  N N 223 
LYS CB   C  N N 224 
LYS CG   C  N N 225 
LYS CD   C  N N 226 
LYS CE   C  N N 227 
LYS NZ   N  N N 228 
LYS OXT  O  N N 229 
LYS H    H  N N 230 
LYS H2   H  N N 231 
LYS HA   H  N N 232 
LYS HB2  H  N N 233 
LYS HB3  H  N N 234 
LYS HG2  H  N N 235 
LYS HG3  H  N N 236 
LYS HD2  H  N N 237 
LYS HD3  H  N N 238 
LYS HE2  H  N N 239 
LYS HE3  H  N N 240 
LYS HZ1  H  N N 241 
LYS HZ2  H  N N 242 
LYS HZ3  H  N N 243 
LYS HXT  H  N N 244 
MSE N    N  N N 245 
MSE CA   C  N S 246 
MSE C    C  N N 247 
MSE O    O  N N 248 
MSE OXT  O  N N 249 
MSE CB   C  N N 250 
MSE CG   C  N N 251 
MSE SE   SE N N 252 
MSE CE   C  N N 253 
MSE H    H  N N 254 
MSE H2   H  N N 255 
MSE HA   H  N N 256 
MSE HXT  H  N N 257 
MSE HB2  H  N N 258 
MSE HB3  H  N N 259 
MSE HG2  H  N N 260 
MSE HG3  H  N N 261 
MSE HE1  H  N N 262 
MSE HE2  H  N N 263 
MSE HE3  H  N N 264 
PHE N    N  N N 265 
PHE CA   C  N S 266 
PHE C    C  N N 267 
PHE O    O  N N 268 
PHE CB   C  N N 269 
PHE CG   C  Y N 270 
PHE CD1  C  Y N 271 
PHE CD2  C  Y N 272 
PHE CE1  C  Y N 273 
PHE CE2  C  Y N 274 
PHE CZ   C  Y N 275 
PHE OXT  O  N N 276 
PHE H    H  N N 277 
PHE H2   H  N N 278 
PHE HA   H  N N 279 
PHE HB2  H  N N 280 
PHE HB3  H  N N 281 
PHE HD1  H  N N 282 
PHE HD2  H  N N 283 
PHE HE1  H  N N 284 
PHE HE2  H  N N 285 
PHE HZ   H  N N 286 
PHE HXT  H  N N 287 
PRO N    N  N N 288 
PRO CA   C  N S 289 
PRO C    C  N N 290 
PRO O    O  N N 291 
PRO CB   C  N N 292 
PRO CG   C  N N 293 
PRO CD   C  N N 294 
PRO OXT  O  N N 295 
PRO H    H  N N 296 
PRO HA   H  N N 297 
PRO HB2  H  N N 298 
PRO HB3  H  N N 299 
PRO HG2  H  N N 300 
PRO HG3  H  N N 301 
PRO HD2  H  N N 302 
PRO HD3  H  N N 303 
PRO HXT  H  N N 304 
SER N    N  N N 305 
SER CA   C  N S 306 
SER C    C  N N 307 
SER O    O  N N 308 
SER CB   C  N N 309 
SER OG   O  N N 310 
SER OXT  O  N N 311 
SER H    H  N N 312 
SER H2   H  N N 313 
SER HA   H  N N 314 
SER HB2  H  N N 315 
SER HB3  H  N N 316 
SER HG   H  N N 317 
SER HXT  H  N N 318 
THR N    N  N N 319 
THR CA   C  N S 320 
THR C    C  N N 321 
THR O    O  N N 322 
THR CB   C  N R 323 
THR OG1  O  N N 324 
THR CG2  C  N N 325 
THR OXT  O  N N 326 
THR H    H  N N 327 
THR H2   H  N N 328 
THR HA   H  N N 329 
THR HB   H  N N 330 
THR HG1  H  N N 331 
THR HG21 H  N N 332 
THR HG22 H  N N 333 
THR HG23 H  N N 334 
THR HXT  H  N N 335 
TYR N    N  N N 336 
TYR CA   C  N S 337 
TYR C    C  N N 338 
TYR O    O  N N 339 
TYR CB   C  N N 340 
TYR CG   C  Y N 341 
TYR CD1  C  Y N 342 
TYR CD2  C  Y N 343 
TYR CE1  C  Y N 344 
TYR CE2  C  Y N 345 
TYR CZ   C  Y N 346 
TYR OH   O  N N 347 
TYR OXT  O  N N 348 
TYR H    H  N N 349 
TYR H2   H  N N 350 
TYR HA   H  N N 351 
TYR HB2  H  N N 352 
TYR HB3  H  N N 353 
TYR HD1  H  N N 354 
TYR HD2  H  N N 355 
TYR HE1  H  N N 356 
TYR HE2  H  N N 357 
TYR HH   H  N N 358 
TYR HXT  H  N N 359 
VAL N    N  N N 360 
VAL CA   C  N S 361 
VAL C    C  N N 362 
VAL O    O  N N 363 
VAL CB   C  N N 364 
VAL CG1  C  N N 365 
VAL CG2  C  N N 366 
VAL OXT  O  N N 367 
VAL H    H  N N 368 
VAL H2   H  N N 369 
VAL HA   H  N N 370 
VAL HB   H  N N 371 
VAL HG11 H  N N 372 
VAL HG12 H  N N 373 
VAL HG13 H  N N 374 
VAL HG21 H  N N 375 
VAL HG22 H  N N 376 
VAL HG23 H  N N 377 
VAL HXT  H  N N 378 
# 
loop_
_chem_comp_bond.comp_id 
_chem_comp_bond.atom_id_1 
_chem_comp_bond.atom_id_2 
_chem_comp_bond.value_order 
_chem_comp_bond.pdbx_aromatic_flag 
_chem_comp_bond.pdbx_stereo_config 
_chem_comp_bond.pdbx_ordinal 
ALA N   CA   sing N N 1   
ALA N   H    sing N N 2   
ALA N   H2   sing N N 3   
ALA CA  C    sing N N 4   
ALA CA  CB   sing N N 5   
ALA CA  HA   sing N N 6   
ALA C   O    doub N N 7   
ALA C   OXT  sing N N 8   
ALA CB  HB1  sing N N 9   
ALA CB  HB2  sing N N 10  
ALA CB  HB3  sing N N 11  
ALA OXT HXT  sing N N 12  
ARG N   CA   sing N N 13  
ARG N   H    sing N N 14  
ARG N   H2   sing N N 15  
ARG CA  C    sing N N 16  
ARG CA  CB   sing N N 17  
ARG CA  HA   sing N N 18  
ARG C   O    doub N N 19  
ARG C   OXT  sing N N 20  
ARG CB  CG   sing N N 21  
ARG CB  HB2  sing N N 22  
ARG CB  HB3  sing N N 23  
ARG CG  CD   sing N N 24  
ARG CG  HG2  sing N N 25  
ARG CG  HG3  sing N N 26  
ARG CD  NE   sing N N 27  
ARG CD  HD2  sing N N 28  
ARG CD  HD3  sing N N 29  
ARG NE  CZ   sing N N 30  
ARG NE  HE   sing N N 31  
ARG CZ  NH1  sing N N 32  
ARG CZ  NH2  doub N N 33  
ARG NH1 HH11 sing N N 34  
ARG NH1 HH12 sing N N 35  
ARG NH2 HH21 sing N N 36  
ARG NH2 HH22 sing N N 37  
ARG OXT HXT  sing N N 38  
ASN N   CA   sing N N 39  
ASN N   H    sing N N 40  
ASN N   H2   sing N N 41  
ASN CA  C    sing N N 42  
ASN CA  CB   sing N N 43  
ASN CA  HA   sing N N 44  
ASN C   O    doub N N 45  
ASN C   OXT  sing N N 46  
ASN CB  CG   sing N N 47  
ASN CB  HB2  sing N N 48  
ASN CB  HB3  sing N N 49  
ASN CG  OD1  doub N N 50  
ASN CG  ND2  sing N N 51  
ASN ND2 HD21 sing N N 52  
ASN ND2 HD22 sing N N 53  
ASN OXT HXT  sing N N 54  
ASP N   CA   sing N N 55  
ASP N   H    sing N N 56  
ASP N   H2   sing N N 57  
ASP CA  C    sing N N 58  
ASP CA  CB   sing N N 59  
ASP CA  HA   sing N N 60  
ASP C   O    doub N N 61  
ASP C   OXT  sing N N 62  
ASP CB  CG   sing N N 63  
ASP CB  HB2  sing N N 64  
ASP CB  HB3  sing N N 65  
ASP CG  OD1  doub N N 66  
ASP CG  OD2  sing N N 67  
ASP OD2 HD2  sing N N 68  
ASP OXT HXT  sing N N 69  
CY3 N   CA   sing N N 70  
CY3 N   H    sing N N 71  
CY3 N   H2   sing N N 72  
CY3 CA  C    sing N N 73  
CY3 CA  CB   sing N N 74  
CY3 CA  HA   sing N N 75  
CY3 C   O    doub N N 76  
CY3 C   N1   sing N N 77  
CY3 CB  SG   sing N N 78  
CY3 CB  HB2  sing N N 79  
CY3 CB  HB3  sing N N 80  
CY3 SG  HG   sing N N 81  
CY3 N1  HN11 sing N N 82  
CY3 N1  HN12 sing N N 83  
CYS N   CA   sing N N 84  
CYS N   H    sing N N 85  
CYS N   H2   sing N N 86  
CYS CA  C    sing N N 87  
CYS CA  CB   sing N N 88  
CYS CA  HA   sing N N 89  
CYS C   O    doub N N 90  
CYS C   OXT  sing N N 91  
CYS CB  SG   sing N N 92  
CYS CB  HB2  sing N N 93  
CYS CB  HB3  sing N N 94  
CYS SG  HG   sing N N 95  
CYS OXT HXT  sing N N 96  
GLN N   CA   sing N N 97  
GLN N   H    sing N N 98  
GLN N   H2   sing N N 99  
GLN CA  C    sing N N 100 
GLN CA  CB   sing N N 101 
GLN CA  HA   sing N N 102 
GLN C   O    doub N N 103 
GLN C   OXT  sing N N 104 
GLN CB  CG   sing N N 105 
GLN CB  HB2  sing N N 106 
GLN CB  HB3  sing N N 107 
GLN CG  CD   sing N N 108 
GLN CG  HG2  sing N N 109 
GLN CG  HG3  sing N N 110 
GLN CD  OE1  doub N N 111 
GLN CD  NE2  sing N N 112 
GLN NE2 HE21 sing N N 113 
GLN NE2 HE22 sing N N 114 
GLN OXT HXT  sing N N 115 
GLU N   CA   sing N N 116 
GLU N   H    sing N N 117 
GLU N   H2   sing N N 118 
GLU CA  C    sing N N 119 
GLU CA  CB   sing N N 120 
GLU CA  HA   sing N N 121 
GLU C   O    doub N N 122 
GLU C   OXT  sing N N 123 
GLU CB  CG   sing N N 124 
GLU CB  HB2  sing N N 125 
GLU CB  HB3  sing N N 126 
GLU CG  CD   sing N N 127 
GLU CG  HG2  sing N N 128 
GLU CG  HG3  sing N N 129 
GLU CD  OE1  doub N N 130 
GLU CD  OE2  sing N N 131 
GLU OE2 HE2  sing N N 132 
GLU OXT HXT  sing N N 133 
GLY N   CA   sing N N 134 
GLY N   H    sing N N 135 
GLY N   H2   sing N N 136 
GLY CA  C    sing N N 137 
GLY CA  HA2  sing N N 138 
GLY CA  HA3  sing N N 139 
GLY C   O    doub N N 140 
GLY C   OXT  sing N N 141 
GLY OXT HXT  sing N N 142 
HIS N   CA   sing N N 143 
HIS N   H    sing N N 144 
HIS N   H2   sing N N 145 
HIS CA  C    sing N N 146 
HIS CA  CB   sing N N 147 
HIS CA  HA   sing N N 148 
HIS C   O    doub N N 149 
HIS C   OXT  sing N N 150 
HIS CB  CG   sing N N 151 
HIS CB  HB2  sing N N 152 
HIS CB  HB3  sing N N 153 
HIS CG  ND1  sing Y N 154 
HIS CG  CD2  doub Y N 155 
HIS ND1 CE1  doub Y N 156 
HIS ND1 HD1  sing N N 157 
HIS CD2 NE2  sing Y N 158 
HIS CD2 HD2  sing N N 159 
HIS CE1 NE2  sing Y N 160 
HIS CE1 HE1  sing N N 161 
HIS NE2 HE2  sing N N 162 
HIS OXT HXT  sing N N 163 
HOH O   H1   sing N N 164 
HOH O   H2   sing N N 165 
ILE N   CA   sing N N 166 
ILE N   H    sing N N 167 
ILE N   H2   sing N N 168 
ILE CA  C    sing N N 169 
ILE CA  CB   sing N N 170 
ILE CA  HA   sing N N 171 
ILE C   O    doub N N 172 
ILE C   OXT  sing N N 173 
ILE CB  CG1  sing N N 174 
ILE CB  CG2  sing N N 175 
ILE CB  HB   sing N N 176 
ILE CG1 CD1  sing N N 177 
ILE CG1 HG12 sing N N 178 
ILE CG1 HG13 sing N N 179 
ILE CG2 HG21 sing N N 180 
ILE CG2 HG22 sing N N 181 
ILE CG2 HG23 sing N N 182 
ILE CD1 HD11 sing N N 183 
ILE CD1 HD12 sing N N 184 
ILE CD1 HD13 sing N N 185 
ILE OXT HXT  sing N N 186 
LEU N   CA   sing N N 187 
LEU N   H    sing N N 188 
LEU N   H2   sing N N 189 
LEU CA  C    sing N N 190 
LEU CA  CB   sing N N 191 
LEU CA  HA   sing N N 192 
LEU C   O    doub N N 193 
LEU C   OXT  sing N N 194 
LEU CB  CG   sing N N 195 
LEU CB  HB2  sing N N 196 
LEU CB  HB3  sing N N 197 
LEU CG  CD1  sing N N 198 
LEU CG  CD2  sing N N 199 
LEU CG  HG   sing N N 200 
LEU CD1 HD11 sing N N 201 
LEU CD1 HD12 sing N N 202 
LEU CD1 HD13 sing N N 203 
LEU CD2 HD21 sing N N 204 
LEU CD2 HD22 sing N N 205 
LEU CD2 HD23 sing N N 206 
LEU OXT HXT  sing N N 207 
LYS N   CA   sing N N 208 
LYS N   H    sing N N 209 
LYS N   H2   sing N N 210 
LYS CA  C    sing N N 211 
LYS CA  CB   sing N N 212 
LYS CA  HA   sing N N 213 
LYS C   O    doub N N 214 
LYS C   OXT  sing N N 215 
LYS CB  CG   sing N N 216 
LYS CB  HB2  sing N N 217 
LYS CB  HB3  sing N N 218 
LYS CG  CD   sing N N 219 
LYS CG  HG2  sing N N 220 
LYS CG  HG3  sing N N 221 
LYS CD  CE   sing N N 222 
LYS CD  HD2  sing N N 223 
LYS CD  HD3  sing N N 224 
LYS CE  NZ   sing N N 225 
LYS CE  HE2  sing N N 226 
LYS CE  HE3  sing N N 227 
LYS NZ  HZ1  sing N N 228 
LYS NZ  HZ2  sing N N 229 
LYS NZ  HZ3  sing N N 230 
LYS OXT HXT  sing N N 231 
MSE N   CA   sing N N 232 
MSE N   H    sing N N 233 
MSE N   H2   sing N N 234 
MSE CA  C    sing N N 235 
MSE CA  CB   sing N N 236 
MSE CA  HA   sing N N 237 
MSE C   O    doub N N 238 
MSE C   OXT  sing N N 239 
MSE OXT HXT  sing N N 240 
MSE CB  CG   sing N N 241 
MSE CB  HB2  sing N N 242 
MSE CB  HB3  sing N N 243 
MSE CG  SE   sing N N 244 
MSE CG  HG2  sing N N 245 
MSE CG  HG3  sing N N 246 
MSE SE  CE   sing N N 247 
MSE CE  HE1  sing N N 248 
MSE CE  HE2  sing N N 249 
MSE CE  HE3  sing N N 250 
PHE N   CA   sing N N 251 
PHE N   H    sing N N 252 
PHE N   H2   sing N N 253 
PHE CA  C    sing N N 254 
PHE CA  CB   sing N N 255 
PHE CA  HA   sing N N 256 
PHE C   O    doub N N 257 
PHE C   OXT  sing N N 258 
PHE CB  CG   sing N N 259 
PHE CB  HB2  sing N N 260 
PHE CB  HB3  sing N N 261 
PHE CG  CD1  doub Y N 262 
PHE CG  CD2  sing Y N 263 
PHE CD1 CE1  sing Y N 264 
PHE CD1 HD1  sing N N 265 
PHE CD2 CE2  doub Y N 266 
PHE CD2 HD2  sing N N 267 
PHE CE1 CZ   doub Y N 268 
PHE CE1 HE1  sing N N 269 
PHE CE2 CZ   sing Y N 270 
PHE CE2 HE2  sing N N 271 
PHE CZ  HZ   sing N N 272 
PHE OXT HXT  sing N N 273 
PRO N   CA   sing N N 274 
PRO N   CD   sing N N 275 
PRO N   H    sing N N 276 
PRO CA  C    sing N N 277 
PRO CA  CB   sing N N 278 
PRO CA  HA   sing N N 279 
PRO C   O    doub N N 280 
PRO C   OXT  sing N N 281 
PRO CB  CG   sing N N 282 
PRO CB  HB2  sing N N 283 
PRO CB  HB3  sing N N 284 
PRO CG  CD   sing N N 285 
PRO CG  HG2  sing N N 286 
PRO CG  HG3  sing N N 287 
PRO CD  HD2  sing N N 288 
PRO CD  HD3  sing N N 289 
PRO OXT HXT  sing N N 290 
SER N   CA   sing N N 291 
SER N   H    sing N N 292 
SER N   H2   sing N N 293 
SER CA  C    sing N N 294 
SER CA  CB   sing N N 295 
SER CA  HA   sing N N 296 
SER C   O    doub N N 297 
SER C   OXT  sing N N 298 
SER CB  OG   sing N N 299 
SER CB  HB2  sing N N 300 
SER CB  HB3  sing N N 301 
SER OG  HG   sing N N 302 
SER OXT HXT  sing N N 303 
THR N   CA   sing N N 304 
THR N   H    sing N N 305 
THR N   H2   sing N N 306 
THR CA  C    sing N N 307 
THR CA  CB   sing N N 308 
THR CA  HA   sing N N 309 
THR C   O    doub N N 310 
THR C   OXT  sing N N 311 
THR CB  OG1  sing N N 312 
THR CB  CG2  sing N N 313 
THR CB  HB   sing N N 314 
THR OG1 HG1  sing N N 315 
THR CG2 HG21 sing N N 316 
THR CG2 HG22 sing N N 317 
THR CG2 HG23 sing N N 318 
THR OXT HXT  sing N N 319 
TYR N   CA   sing N N 320 
TYR N   H    sing N N 321 
TYR N   H2   sing N N 322 
TYR CA  C    sing N N 323 
TYR CA  CB   sing N N 324 
TYR CA  HA   sing N N 325 
TYR C   O    doub N N 326 
TYR C   OXT  sing N N 327 
TYR CB  CG   sing N N 328 
TYR CB  HB2  sing N N 329 
TYR CB  HB3  sing N N 330 
TYR CG  CD1  doub Y N 331 
TYR CG  CD2  sing Y N 332 
TYR CD1 CE1  sing Y N 333 
TYR CD1 HD1  sing N N 334 
TYR CD2 CE2  doub Y N 335 
TYR CD2 HD2  sing N N 336 
TYR CE1 CZ   doub Y N 337 
TYR CE1 HE1  sing N N 338 
TYR CE2 CZ   sing Y N 339 
TYR CE2 HE2  sing N N 340 
TYR CZ  OH   sing N N 341 
TYR OH  HH   sing N N 342 
TYR OXT HXT  sing N N 343 
VAL N   CA   sing N N 344 
VAL N   H    sing N N 345 
VAL N   H2   sing N N 346 
VAL CA  C    sing N N 347 
VAL CA  CB   sing N N 348 
VAL CA  HA   sing N N 349 
VAL C   O    doub N N 350 
VAL C   OXT  sing N N 351 
VAL CB  CG1  sing N N 352 
VAL CB  CG2  sing N N 353 
VAL CB  HB   sing N N 354 
VAL CG1 HG11 sing N N 355 
VAL CG1 HG12 sing N N 356 
VAL CG1 HG13 sing N N 357 
VAL CG2 HG21 sing N N 358 
VAL CG2 HG22 sing N N 359 
VAL CG2 HG23 sing N N 360 
VAL OXT HXT  sing N N 361 
# 
_atom_sites.entry_id                    2V1T 
_atom_sites.fract_transf_matrix[1][1]   0.02395959 
_atom_sites.fract_transf_matrix[1][2]   0.01619101 
_atom_sites.fract_transf_matrix[1][3]   -0.00978113 
_atom_sites.fract_transf_matrix[2][1]   -0.00090164 
_atom_sites.fract_transf_matrix[2][2]   0.01967082 
_atom_sites.fract_transf_matrix[2][3]   0.03035310 
_atom_sites.fract_transf_matrix[3][1]   0.01129218 
_atom_sites.fract_transf_matrix[3][2]   -0.00743087 
_atom_sites.fract_transf_matrix[3][3]   0.00515113 
_atom_sites.fract_transf_vector[1]      0.062446 
_atom_sites.fract_transf_vector[2]      0.236372 
_atom_sites.fract_transf_vector[3]      0.252496 
# 
loop_
_atom_type.symbol 
C  
N  
O  
S  
SE 
# 
loop_
_atom_site.group_PDB 
_atom_site.id 
_atom_site.type_symbol 
_atom_site.label_atom_id 
_atom_site.label_alt_id 
_atom_site.label_comp_id 
_atom_site.label_asym_id 
_atom_site.label_entity_id 
_atom_site.label_seq_id 
_atom_site.pdbx_PDB_ins_code 
_atom_site.Cartn_x 
_atom_site.Cartn_y 
_atom_site.Cartn_z 
_atom_site.occupancy 
_atom_site.B_iso_or_equiv 
_atom_site.pdbx_formal_charge 
_atom_site.auth_seq_id 
_atom_site.auth_comp_id 
_atom_site.auth_asym_id 
_atom_site.auth_atom_id 
_atom_site.pdbx_PDB_model_num 
ATOM   1    N  N   . GLY A 1 1  ? -18.956 3.269   5.306   1.00 24.13 ? 54   GLY A N   1 
ATOM   2    C  CA  . GLY A 1 1  ? -18.410 3.062   6.683   1.00 24.08 ? 54   GLY A CA  1 
ATOM   3    C  C   . GLY A 1 1  ? -16.907 2.857   6.691   1.00 23.89 ? 54   GLY A C   1 
ATOM   4    O  O   . GLY A 1 1  ? -16.260 3.022   5.657   1.00 24.44 ? 54   GLY A O   1 
ATOM   5    N  N   . PRO A 1 2  ? -16.336 2.518   7.867   1.00 23.55 ? 55   PRO A N   1 
ATOM   6    C  CA  . PRO A 1 2  ? -14.901 2.261   8.007   1.00 23.03 ? 55   PRO A CA  1 
ATOM   7    C  C   . PRO A 1 2  ? -14.393 1.146   7.089   1.00 22.67 ? 55   PRO A C   1 
ATOM   8    O  O   . PRO A 1 2  ? -15.162 0.236   6.714   1.00 22.36 ? 55   PRO A O   1 
ATOM   9    C  CB  . PRO A 1 2  ? -14.760 1.847   9.472   1.00 22.98 ? 55   PRO A CB  1 
ATOM   10   C  CG  . PRO A 1 2  ? -15.939 2.460   10.155  1.00 23.46 ? 55   PRO A CG  1 
ATOM   11   C  CD  . PRO A 1 2  ? -17.039 2.377   9.156   1.00 23.60 ? 55   PRO A CD  1 
ATOM   12   N  N   . LEU A 1 3  ? -13.111 1.217   6.731   1.00 22.13 ? 56   LEU A N   1 
ATOM   13   C  CA  . LEU A 1 3  ? -12.514 0.224   5.833   1.00 21.52 ? 56   LEU A CA  1 
ATOM   14   C  C   . LEU A 1 3  ? -12.679 -1.130  6.484   1.00 20.71 ? 56   LEU A C   1 
ATOM   15   O  O   . LEU A 1 3  ? -12.420 -1.273  7.677   1.00 19.95 ? 56   LEU A O   1 
ATOM   16   C  CB  . LEU A 1 3  ? -11.009 0.479   5.601   1.00 22.19 ? 56   LEU A CB  1 
ATOM   17   C  CG  . LEU A 1 3  ? -10.299 -0.064  4.336   1.00 22.69 ? 56   LEU A CG  1 
ATOM   18   C  CD1 . LEU A 1 3  ? -8.905  -0.643  4.664   1.00 25.81 ? 56   LEU A CD1 1 
ATOM   19   C  CD2 . LEU A 1 3  ? -11.068 -1.080  3.600   1.00 25.02 ? 56   LEU A CD2 1 
ATOM   20   N  N   . GLY A 1 4  ? -13.122 -2.105  5.694   1.00 20.44 ? 57   GLY A N   1 
ATOM   21   C  CA  . GLY A 1 4  ? -13.330 -3.473  6.153   1.00 19.89 ? 57   GLY A CA  1 
ATOM   22   C  C   . GLY A 1 4  ? -14.809 -3.828  6.289   1.00 19.26 ? 57   GLY A C   1 
ATOM   23   O  O   . GLY A 1 4  ? -15.155 -4.998  6.355   1.00 18.05 ? 57   GLY A O   1 
ATOM   24   N  N   . SER A 1 5  ? -15.677 -2.816  6.313   1.00 19.05 ? 58   SER A N   1 
ATOM   25   C  CA  . SER A 1 5  ? -17.110 -3.013  6.577   1.00 18.94 ? 58   SER A CA  1 
ATOM   26   C  C   . SER A 1 5  ? -17.911 -3.321  5.291   1.00 19.06 ? 58   SER A C   1 
ATOM   27   O  O   . SER A 1 5  ? -19.079 -3.712  5.360   1.00 18.10 ? 58   SER A O   1 
ATOM   28   C  CB  . SER A 1 5  ? -17.692 -1.791  7.319   1.00 18.95 ? 58   SER A CB  1 
ATOM   29   O  OG  . SER A 1 5  ? -17.664 -0.629  6.514   1.00 19.56 ? 58   SER A OG  1 
ATOM   30   N  N   . ASP A 1 6  ? -17.267 -3.148  4.134   1.00 19.30 ? 59   ASP A N   1 
ATOM   31   C  CA  . ASP A 1 6  ? -17.883 -3.339  2.820   1.00 19.73 ? 59   ASP A CA  1 
ATOM   32   C  C   . ASP A 1 6  ? -17.277 -4.571  2.139   1.00 20.12 ? 59   ASP A C   1 
ATOM   33   O  O   . ASP A 1 6  ? -16.052 -4.733  2.100   1.00 19.78 ? 59   ASP A O   1 
ATOM   34   C  CB  . ASP A 1 6  ? -17.629 -2.086  1.965   1.00 19.90 ? 59   ASP A CB  1 
ATOM   35   C  CG  . ASP A 1 6  ? -18.264 -2.145  0.571   1.00 20.49 ? 59   ASP A CG  1 
ATOM   36   O  OD1 . ASP A 1 6  ? -18.687 -1.077  0.087   1.00 25.62 ? 59   ASP A OD1 1 
ATOM   37   O  OD2 . ASP A 1 6  ? -18.334 -3.215  -0.066  1.00 19.77 ? 59   ASP A OD2 1 
ATOM   38   N  N   . LEU A 1 7  ? -18.133 -5.417  1.564   1.00 20.85 ? 60   LEU A N   1 
ATOM   39   C  CA  . LEU A 1 7  ? -17.670 -6.606  0.829   1.00 20.88 ? 60   LEU A CA  1 
ATOM   40   C  C   . LEU A 1 7  ? -16.591 -6.288  -0.220  1.00 20.68 ? 60   LEU A C   1 
ATOM   41   O  O   . LEU A 1 7  ? -15.702 -7.104  -0.473  1.00 20.50 ? 60   LEU A O   1 
ATOM   42   C  CB  . LEU A 1 7  ? -18.858 -7.353  0.174   1.00 21.86 ? 60   LEU A CB  1 
ATOM   43   C  CG  . LEU A 1 7  ? -19.091 -7.297  -1.341  1.00 23.01 ? 60   LEU A CG  1 
ATOM   44   C  CD1 . LEU A 1 7  ? -19.768 -8.581  -1.791  1.00 25.61 ? 60   LEU A CD1 1 
ATOM   45   C  CD2 . LEU A 1 7  ? -19.905 -6.066  -1.757  1.00 24.75 ? 60   LEU A CD2 1 
ATOM   46   N  N   . LYS A 1 8  ? -16.666 -5.095  -0.801  1.00 20.29 ? 61   LYS A N   1 
ATOM   47   C  CA  . LYS A 1 8  ? -15.713 -4.642  -1.824  1.00 20.05 ? 61   LYS A CA  1 
ATOM   48   C  C   . LYS A 1 8  ? -14.309 -4.349  -1.265  1.00 19.25 ? 61   LYS A C   1 
ATOM   49   O  O   . LYS A 1 8  ? -13.327 -4.319  -2.006  1.00 18.58 ? 61   LYS A O   1 
ATOM   50   C  CB  . LYS A 1 8  ? -16.257 -3.394  -2.515  1.00 19.93 ? 61   LYS A CB  1 
ATOM   51   C  CG  . LYS A 1 8  ? -17.550 -3.636  -3.262  1.00 21.16 ? 61   LYS A CG  1 
ATOM   52   C  CD  . LYS A 1 8  ? -17.907 -2.495  -4.195  1.00 21.19 ? 61   LYS A CD  1 
ATOM   53   C  CE  . LYS A 1 8  ? -18.248 -1.216  -3.478  1.00 22.80 ? 61   LYS A CE  1 
ATOM   54   N  NZ  . LYS A 1 8  ? -19.505 -1.315  -2.690  1.00 24.87 ? 61   LYS A NZ  1 
ATOM   55   N  N   . ASP A 1 9  ? -14.220 -4.116  0.041   1.00 18.79 ? 62   ASP A N   1 
ATOM   56   C  CA  . ASP A 1 9  ? -12.929 -3.897  0.683   1.00 18.57 ? 62   ASP A CA  1 
ATOM   57   C  C   . ASP A 1 9  ? -12.052 -5.147  0.592   1.00 18.17 ? 62   ASP A C   1 
ATOM   58   O  O   . ASP A 1 9  ? -10.854 -5.062  0.329   1.00 18.43 ? 62   ASP A O   1 
ATOM   59   C  CB  . ASP A 1 9  ? -13.134 -3.437  2.135   1.00 18.32 ? 62   ASP A CB  1 
ATOM   60   C  CG  . ASP A 1 9  ? -13.842 -2.084  2.227   1.00 18.29 ? 62   ASP A CG  1 
ATOM   61   O  OD1 . ASP A 1 9  ? -13.897 -1.360  1.210   1.00 18.38 ? 62   ASP A OD1 1 
ATOM   62   O  OD2 . ASP A 1 9  ? -14.364 -1.725  3.317   1.00 20.25 ? 62   ASP A OD2 1 
ATOM   63   N  N   . ALA A 1 10 ? -12.655 -6.312  0.790   1.00 18.20 ? 63   ALA A N   1 
ATOM   64   C  CA  . ALA A 1 10 ? -11.922 -7.587  0.701   1.00 18.28 ? 63   ALA A CA  1 
ATOM   65   C  C   . ALA A 1 10 ? -11.387 -7.830  -0.720  1.00 17.65 ? 63   ALA A C   1 
ATOM   66   O  O   . ALA A 1 10 ? -10.275 -8.326  -0.922  1.00 17.70 ? 63   ALA A O   1 
ATOM   67   C  CB  . ALA A 1 10 ? -12.845 -8.732  1.137   1.00 18.90 ? 63   ALA A CB  1 
ATOM   68   N  N   . GLU A 1 11 ? -12.174 -7.451  -1.712  1.00 17.57 ? 64   GLU A N   1 
ATOM   69   C  CA  . GLU A 1 11 ? -11.767 -7.612  -3.103  1.00 17.87 ? 64   GLU A CA  1 
ATOM   70   C  C   . GLU A 1 11 ? -10.602 -6.633  -3.442  1.00 16.65 ? 64   GLU A C   1 
ATOM   71   O  O   . GLU A 1 11 ? -9.634  -7.020  -4.112  1.00 16.00 ? 64   GLU A O   1 
ATOM   72   C  CB  . GLU A 1 11 ? -12.961 -7.406  -4.056  1.00 18.24 ? 64   GLU A CB  1 
ATOM   73   C  CG  . GLU A 1 11 ? -14.260 -8.206  -3.705  1.00 20.68 ? 64   GLU A CG  1 
ATOM   74   C  CD  . GLU A 1 11 ? -15.357 -8.110  -4.767  1.00 22.26 ? 64   GLU A CD  1 
ATOM   75   O  OE1 . GLU A 1 11 ? -16.561 -8.231  -4.412  1.00 28.40 ? 64   GLU A OE1 1 
ATOM   76   O  OE2 . GLU A 1 11 ? -15.026 -7.940  -5.963  1.00 29.02 ? 64   GLU A OE2 1 
ATOM   77   N  N   . ALA A 1 12 ? -10.697 -5.387  -2.971  1.00 15.10 ? 65   ALA A N   1 
ATOM   78   C  CA  . ALA A 1 12 ? -9.659  -4.372  -3.226  1.00 14.98 ? 65   ALA A CA  1 
ATOM   79   C  C   . ALA A 1 12 ? -8.308  -4.756  -2.615  1.00 14.26 ? 65   ALA A C   1 
ATOM   80   O  O   . ALA A 1 12 ? -7.275  -4.595  -3.252  1.00 13.68 ? 65   ALA A O   1 
ATOM   81   C  CB  . ALA A 1 12 ? -10.096 -2.995  -2.722  1.00 14.30 ? 65   ALA A CB  1 
ATOM   82   N  N   . VAL A 1 13 ? -8.305  -5.266  -1.382  1.00 14.14 ? 66   VAL A N   1 
ATOM   83   C  CA  . VAL A 1 13 ? -7.035  -5.673  -0.743  1.00 13.84 ? 66   VAL A CA  1 
ATOM   84   C  C   . VAL A 1 13 ? -6.412  -6.915  -1.395  1.00 13.87 ? 66   VAL A C   1 
ATOM   85   O  O   . VAL A 1 13 ? -5.180  -7.008  -1.502  1.00 13.36 ? 66   VAL A O   1 
ATOM   86   C  CB  . VAL A 1 13 ? -7.172  -5.877  0.779   1.00 13.30 ? 66   VAL A CB  1 
ATOM   87   C  CG1 . VAL A 1 13 ? -7.983  -7.143  1.119   1.00 13.56 ? 66   VAL A CG1 1 
ATOM   88   C  CG2 . VAL A 1 13 ? -5.788  -5.971  1.422   1.00 14.11 ? 66   VAL A CG2 1 
ATOM   89   N  N   . GLN A 1 14 ? -7.250  -7.864  -1.828  1.00 13.93 ? 67   GLN A N   1 
ATOM   90   C  CA  . GLN A 1 14 ? -6.760  -9.025  -2.591  1.00 14.25 ? 67   GLN A CA  1 
ATOM   91   C  C   . GLN A 1 14 ? -6.111  -8.605  -3.908  1.00 13.30 ? 67   GLN A C   1 
ATOM   92   O  O   . GLN A 1 14 ? -5.053  -9.102  -4.274  1.00 13.61 ? 67   GLN A O   1 
ATOM   93   C  CB  . GLN A 1 14 ? -7.884  -10.022 -2.867  1.00 14.27 ? 67   GLN A CB  1 
ATOM   94   C  CG  . GLN A 1 14 ? -8.383  -10.785 -1.648  1.00 16.17 ? 67   GLN A CG  1 
ATOM   95   C  CD  . GLN A 1 14 ? -9.382  -11.845 -2.028  1.00 17.41 ? 67   GLN A CD  1 
ATOM   96   O  OE1 . GLN A 1 14 ? -9.138  -12.655 -2.934  1.00 21.63 ? 67   GLN A OE1 1 
ATOM   97   N  NE2 . GLN A 1 14 ? -10.517 -11.849 -1.355  1.00 20.75 ? 67   GLN A NE2 1 
ATOM   98   N  N   . LYS A 1 15 ? -6.751  -7.700  -4.631  1.00 13.60 ? 68   LYS A N   1 
ATOM   99   C  CA  . LYS A 1 15 ? -6.165  -7.143  -5.851  1.00 13.86 ? 68   LYS A CA  1 
ATOM   100  C  C   . LYS A 1 15 ? -4.861  -6.381  -5.564  1.00 12.61 ? 68   LYS A C   1 
ATOM   101  O  O   . LYS A 1 15 ? -3.887  -6.551  -6.280  1.00 12.39 ? 68   LYS A O   1 
ATOM   102  C  CB  . LYS A 1 15 ? -7.160  -6.218  -6.572  1.00 13.79 ? 68   LYS A CB  1 
ATOM   103  C  CG  . LYS A 1 15 ? -8.234  -6.960  -7.361  1.00 16.68 ? 68   LYS A CG  1 
ATOM   104  C  CD  . LYS A 1 15 ? -9.232  -6.005  -7.997  1.00 17.95 ? 68   LYS A CD  1 
ATOM   105  C  CE  . LYS A 1 15 ? -10.283 -5.520  -7.007  1.00 22.16 ? 68   LYS A CE  1 
ATOM   106  N  NZ  . LYS A 1 15 ? -11.466 -6.458  -6.956  1.00 24.32 ? 68   LYS A NZ  1 
ATOM   107  N  N   . PHE A 1 16 ? -4.860  -5.538  -4.538  1.00 12.46 ? 69   PHE A N   1 
ATOM   108  C  CA  . PHE A 1 16 ? -3.655  -4.781  -4.145  1.00 12.84 ? 69   PHE A CA  1 
ATOM   109  C  C   . PHE A 1 16 ? -2.466  -5.697  -3.822  1.00 12.78 ? 69   PHE A C   1 
ATOM   110  O  O   . PHE A 1 16 ? -1.353  -5.469  -4.295  1.00 13.32 ? 69   PHE A O   1 
ATOM   111  C  CB  . PHE A 1 16 ? -3.970  -3.859  -2.961  1.00 13.24 ? 69   PHE A CB  1 
ATOM   112  C  CG  . PHE A 1 16 ? -2.792  -3.014  -2.510  1.00 13.28 ? 69   PHE A CG  1 
ATOM   113  C  CD1 . PHE A 1 16 ? -2.096  -3.331  -1.355  1.00 14.04 ? 69   PHE A CD1 1 
ATOM   114  C  CD2 . PHE A 1 16 ? -2.384  -1.909  -3.250  1.00 14.20 ? 69   PHE A CD2 1 
ATOM   115  C  CE1 . PHE A 1 16 ? -1.021  -2.562  -0.952  1.00 14.87 ? 69   PHE A CE1 1 
ATOM   116  C  CE2 . PHE A 1 16 ? -1.327  -1.138  -2.835  1.00 14.16 ? 69   PHE A CE2 1 
ATOM   117  C  CZ  . PHE A 1 16 ? -0.638  -1.472  -1.697  1.00 14.52 ? 69   PHE A CZ  1 
ATOM   118  N  N   . PHE A 1 17 ? -2.697  -6.735  -3.029  1.00 12.59 ? 70   PHE A N   1 
ATOM   119  C  CA  . PHE A 1 17 ? -1.638  -7.675  -2.646  1.00 12.52 ? 70   PHE A CA  1 
ATOM   120  C  C   . PHE A 1 17 ? -0.995  -8.303  -3.889  1.00 12.63 ? 70   PHE A C   1 
ATOM   121  O  O   . PHE A 1 17 ? 0.209   -8.287  -4.042  1.00 12.74 ? 70   PHE A O   1 
ATOM   122  C  CB  . PHE A 1 17 ? -2.227  -8.785  -1.774  1.00 13.30 ? 70   PHE A CB  1 
ATOM   123  C  CG  . PHE A 1 17 ? -1.236  -9.838  -1.406  1.00 14.45 ? 70   PHE A CG  1 
ATOM   124  C  CD1 . PHE A 1 17 ? -0.391  -9.655  -0.312  1.00 15.67 ? 70   PHE A CD1 1 
ATOM   125  C  CD2 . PHE A 1 17 ? -1.129  -11.000 -2.146  1.00 15.90 ? 70   PHE A CD2 1 
ATOM   126  C  CE1 . PHE A 1 17 ? 0.548   -10.620 0.025   1.00 16.79 ? 70   PHE A CE1 1 
ATOM   127  C  CE2 . PHE A 1 17 ? -0.192  -11.975 -1.812  1.00 18.16 ? 70   PHE A CE2 1 
ATOM   128  C  CZ  . PHE A 1 17 ? 0.647   -11.782 -0.733  1.00 17.11 ? 70   PHE A CZ  1 
ATOM   129  N  N   . LEU A 1 18 ? -1.832  -8.824  -4.781  1.00 12.23 ? 71   LEU A N   1 
ATOM   130  C  CA  . LEU A 1 18 ? -1.374  -9.406  -6.059  1.00 12.27 ? 71   LEU A CA  1 
ATOM   131  C  C   . LEU A 1 18 ? -0.620  -8.418  -6.948  1.00 11.69 ? 71   LEU A C   1 
ATOM   132  O  O   . LEU A 1 18 ? 0.451   -8.742  -7.481  1.00 11.50 ? 71   LEU A O   1 
ATOM   133  C  CB  . LEU A 1 18 ? -2.569  -9.950  -6.824  1.00 11.54 ? 71   LEU A CB  1 
ATOM   134  C  CG  . LEU A 1 18 ? -2.252  -10.826 -8.034  1.00 12.46 ? 71   LEU A CG  1 
ATOM   135  C  CD1 . LEU A 1 18 ? -1.409  -12.037 -7.681  1.00 12.83 ? 71   LEU A CD1 1 
ATOM   136  C  CD2 . LEU A 1 18 ? -3.540  -11.328 -8.678  1.00 12.57 ? 71   LEU A CD2 1 
ATOM   137  N  N   . GLU A 1 19 ? -1.165  -7.214  -7.092  1.00 12.00 ? 72   GLU A N   1 
ATOM   138  C  CA  . GLU A 1 19 ? -0.483  -6.127  -7.820  1.00 12.32 ? 72   GLU A CA  1 
ATOM   139  C  C   . GLU A 1 19 ? 0.893   -5.803  -7.277  1.00 11.82 ? 72   GLU A C   1 
ATOM   140  O  O   . GLU A 1 19 ? 1.839   -5.650  -8.030  1.00 12.12 ? 72   GLU A O   1 
ATOM   141  C  CB  . GLU A 1 19 ? -1.323  -4.846  -7.804  1.00 12.49 ? 72   GLU A CB  1 
ATOM   142  C  CG  . GLU A 1 19 ? -2.614  -4.952  -8.649  1.00 12.89 ? 72   GLU A CG  1 
ATOM   143  C  CD  . GLU A 1 19 ? -3.742  -4.064  -8.192  1.00 13.42 ? 72   GLU A CD  1 
ATOM   144  O  OE1 . GLU A 1 19 ? -3.577  -3.300  -7.201  1.00 12.62 ? 72   GLU A OE1 1 
ATOM   145  O  OE2 . GLU A 1 19 ? -4.818  -4.159  -8.837  1.00 13.89 ? 72   GLU A OE2 1 
ATOM   146  N  N   . GLU A 1 20 ? 0.989   -5.658  -5.967  1.00 11.94 ? 73   GLU A N   1 
ATOM   147  C  CA  . GLU A 1 20 ? 2.254   -5.302  -5.332  1.00 12.45 ? 73   GLU A CA  1 
ATOM   148  C  C   . GLU A 1 20 ? 3.321   -6.395  -5.478  1.00 12.67 ? 73   GLU A C   1 
ATOM   149  O  O   . GLU A 1 20 ? 4.498   -6.097  -5.725  1.00 11.82 ? 73   GLU A O   1 
ATOM   150  C  CB  . GLU A 1 20 ? 2.007   -4.932  -3.870  1.00 12.05 ? 73   GLU A CB  1 
ATOM   151  C  CG  . GLU A 1 20 ? 1.181   -3.634  -3.705  1.00 12.51 ? 73   GLU A CG  1 
ATOM   152  C  CD  . GLU A 1 20 ? 1.833   -2.442  -4.344  1.00 14.04 ? 73   GLU A CD  1 
ATOM   153  O  OE1 . GLU A 1 20 ? 1.299   -1.966  -5.377  1.00 15.86 ? 73   GLU A OE1 1 
ATOM   154  O  OE2 . GLU A 1 20 ? 2.906   -2.000  -3.857  1.00 15.22 ? 73   GLU A OE2 1 
ATOM   155  N  N   . ILE A 1 21 ? 2.906   -7.652  -5.365  1.00 13.41 ? 74   ILE A N   1 
ATOM   156  C  CA  . ILE A 1 21 ? 3.823   -8.788  -5.596  1.00 14.31 ? 74   ILE A CA  1 
ATOM   157  C  C   . ILE A 1 21 ? 4.277   -8.890  -7.057  1.00 14.36 ? 74   ILE A C   1 
ATOM   158  O  O   . ILE A 1 21 ? 5.447   -9.168  -7.330  1.00 14.42 ? 74   ILE A O   1 
ATOM   159  C  CB  . ILE A 1 21 ? 3.198   -10.133 -5.148  1.00 14.02 ? 74   ILE A CB  1 
ATOM   160  C  CG1 . ILE A 1 21 ? 2.980   -10.157 -3.616  1.00 16.47 ? 74   ILE A CG1 1 
ATOM   161  C  CG2 . ILE A 1 21 ? 4.077   -11.275 -5.552  1.00 16.43 ? 74   ILE A CG2 1 
ATOM   162  C  CD1 . ILE A 1 21 ? 4.228   -10.138 -2.770  1.00 20.84 ? 74   ILE A CD1 1 
ATOM   163  N  N   . GLN A 1 22 ? 3.345   -8.664  -7.977  1.00 14.52 ? 75   GLN A N   1 
ATOM   164  C  CA  . GLN A 1 22 ? 3.640   -8.648  -9.406  1.00 14.85 ? 75   GLN A CA  1 
ATOM   165  C  C   . GLN A 1 22 ? 4.599   -7.475  -9.760  1.00 14.74 ? 75   GLN A C   1 
ATOM   166  O  O   . GLN A 1 22 ? 5.610   -7.672  -10.442 1.00 15.09 ? 75   GLN A O   1 
ATOM   167  C  CB  . GLN A 1 22 ? 2.330   -8.625  -10.203 1.00 14.72 ? 75   GLN A CB  1 
ATOM   168  C  CG  . GLN A 1 22 ? 1.565   -9.982  -10.125 1.00 15.86 ? 75   GLN A CG  1 
ATOM   169  C  CD  . GLN A 1 22 ? 0.235   -10.056 -10.897 1.00 16.59 ? 75   GLN A CD  1 
ATOM   170  O  OE1 . GLN A 1 22 ? -0.344  -11.140 -11.024 1.00 21.12 ? 75   GLN A OE1 1 
ATOM   171  N  NE2 . GLN A 1 22 ? -0.241  -8.929  -11.416 1.00 16.37 ? 75   GLN A NE2 1 
ATOM   172  N  N   . LEU A 1 23 ? 4.322   -6.282  -9.235  1.00 15.07 ? 76   LEU A N   1 
ATOM   173  C  CA  . LEU A 1 23 ? 5.154   -5.097  -9.508  1.00 15.04 ? 76   LEU A CA  1 
ATOM   174  C  C   . LEU A 1 23 ? 6.525   -5.250  -8.884  1.00 14.82 ? 76   LEU A C   1 
ATOM   175  O  O   . LEU A 1 23 ? 7.549   -4.974  -9.500  1.00 15.28 ? 76   LEU A O   1 
ATOM   176  C  CB  . LEU A 1 23 ? 4.489   -3.844  -8.939  1.00 15.72 ? 76   LEU A CB  1 
ATOM   177  C  CG  . LEU A 1 23 ? 4.618   -2.530  -9.675  1.00 17.39 ? 76   LEU A CG  1 
ATOM   178  C  CD1 . LEU A 1 23 ? 4.299   -1.387  -8.707  1.00 19.19 ? 76   LEU A CD1 1 
ATOM   179  C  CD2 . LEU A 1 23 ? 5.952   -2.351  -10.347 1.00 18.04 ? 76   LEU A CD2 1 
ATOM   180  N  N   . GLY A 1 24 ? 6.530   -5.680  -7.638  1.00 15.10 ? 77   GLY A N   1 
ATOM   181  C  CA  . GLY A 1 24 ? 7.746   -5.922  -6.910  1.00 15.44 ? 77   GLY A CA  1 
ATOM   182  C  C   . GLY A 1 24 ? 8.668   -6.891  -7.624  1.00 15.22 ? 77   GLY A C   1 
ATOM   183  O  O   . GLY A 1 24 ? 9.844   -6.594  -7.789  1.00 14.63 ? 77   GLY A O   1 
ATOM   184  N  N   . GLU A 1 25 ? 8.132   -8.033  -8.049  1.00 15.41 ? 78   GLU A N   1 
ATOM   185  C  CA  . GLU A 1 25 ? 8.958   -9.049  -8.730  1.00 15.78 ? 78   GLU A CA  1 
ATOM   186  C  C   . GLU A 1 25 ? 9.414   -8.647  -10.132 1.00 15.98 ? 78   GLU A C   1 
ATOM   187  O  O   . GLU A 1 25 ? 10.506  -9.076  -10.556 1.00 16.06 ? 78   GLU A O   1 
ATOM   188  C  CB  . GLU A 1 25 ? 8.277   -10.424 -8.767  1.00 15.85 ? 78   GLU A CB  1 
ATOM   189  C  CG  . GLU A 1 25 ? 8.131   -11.096 -7.426  1.00 15.11 ? 78   GLU A CG  1 
ATOM   190  C  CD  . GLU A 1 25 ? 9.448   -11.492 -6.779  1.00 19.26 ? 78   GLU A CD  1 
ATOM   191  O  OE1 . GLU A 1 25 ? 10.505  -11.456 -7.443  1.00 18.81 ? 78   GLU A OE1 1 
ATOM   192  O  OE2 . GLU A 1 25 ? 9.410   -11.874 -5.594  1.00 19.38 ? 78   GLU A OE2 1 
ATOM   193  N  N   . GLU A 1 26 ? 8.609   -7.843  -10.848 1.00 15.72 ? 79   GLU A N   1 
ATOM   194  C  CA  . GLU A 1 26 ? 9.036   -7.260  -12.133 1.00 15.76 ? 79   GLU A CA  1 
ATOM   195  C  C   . GLU A 1 26 ? 10.216  -6.315  -11.937 1.00 15.31 ? 79   GLU A C   1 
ATOM   196  O  O   . GLU A 1 26 ? 11.182  -6.373  -12.679 1.00 15.09 ? 79   GLU A O   1 
ATOM   197  C  CB  . GLU A 1 26 ? 7.899   -6.506  -12.835 1.00 15.63 ? 79   GLU A CB  1 
ATOM   198  C  CG  . GLU A 1 26 ? 8.306   -5.669  -14.110 1.00 17.98 ? 79   GLU A CG  1 
ATOM   199  C  CD  . GLU A 1 26 ? 8.954   -6.481  -15.258 1.00 20.83 ? 79   GLU A CD  1 
ATOM   200  O  OE1 . GLU A 1 26 ? 8.993   -7.730  -15.211 1.00 21.60 ? 79   GLU A OE1 1 
ATOM   201  O  OE2 . GLU A 1 26 ? 9.438   -5.853  -16.218 1.00 23.60 ? 79   GLU A OE2 1 
ATOM   202  N  N   . LEU A 1 27 ? 10.100  -5.430  -10.950 1.00 15.35 ? 80   LEU A N   1 
ATOM   203  C  CA  . LEU A 1 27 ? 11.166  -4.497  -10.596 1.00 15.64 ? 80   LEU A CA  1 
ATOM   204  C  C   . LEU A 1 27 ? 12.441  -5.228  -10.224 1.00 16.48 ? 80   LEU A C   1 
ATOM   205  O  O   . LEU A 1 27 ? 13.537  -4.847  -10.652 1.00 16.76 ? 80   LEU A O   1 
ATOM   206  C  CB  . LEU A 1 27 ? 10.721  -3.602  -9.424  1.00 15.41 ? 80   LEU A CB  1 
ATOM   207  C  CG  . LEU A 1 27 ? 10.113  -2.202  -9.673  1.00 16.00 ? 80   LEU A CG  1 
ATOM   208  C  CD1 . LEU A 1 27 ? 9.840   -1.897  -11.099 1.00 17.51 ? 80   LEU A CD1 1 
ATOM   209  C  CD2 . LEU A 1 27 ? 8.865   -1.947  -8.789  1.00 15.15 ? 80   LEU A CD2 1 
ATOM   210  N  N   . LEU A 1 28 ? 12.306  -6.285  -9.433  1.00 17.00 ? 81   LEU A N   1 
ATOM   211  C  CA  . LEU A 1 28 ? 13.474  -7.052  -8.996  1.00 17.54 ? 81   LEU A CA  1 
ATOM   212  C  C   . LEU A 1 28 ? 14.106  -7.734  -10.177 1.00 17.98 ? 81   LEU A C   1 
ATOM   213  O  O   . LEU A 1 28 ? 15.334  -7.793  -10.253 1.00 18.34 ? 81   LEU A O   1 
ATOM   214  C  CB  . LEU A 1 28 ? 13.111  -8.096  -7.949  1.00 17.38 ? 81   LEU A CB  1 
ATOM   215  C  CG  . LEU A 1 28 ? 12.789  -7.585  -6.552  1.00 17.86 ? 81   LEU A CG  1 
ATOM   216  C  CD1 . LEU A 1 28 ? 12.127  -8.700  -5.748  1.00 17.36 ? 81   LEU A CD1 1 
ATOM   217  C  CD2 . LEU A 1 28 ? 14.011  -7.066  -5.842  1.00 17.87 ? 81   LEU A CD2 1 
ATOM   218  N  N   . ALA A 1 29 ? 13.272  -8.243  -11.087 1.00 18.03 ? 82   ALA A N   1 
ATOM   219  C  CA  . ALA A 1 29 ? 13.737  -8.864  -12.344 1.00 18.95 ? 82   ALA A CA  1 
ATOM   220  C  C   . ALA A 1 29 ? 14.454  -7.880  -13.300 1.00 19.19 ? 82   ALA A C   1 
ATOM   221  O  O   . ALA A 1 29 ? 15.293  -8.307  -14.094 1.00 19.07 ? 82   ALA A O   1 
ATOM   222  C  CB  . ALA A 1 29 ? 12.563  -9.531  -13.068 1.00 18.38 ? 82   ALA A CB  1 
ATOM   223  N  N   . GLN A 1 30 ? 14.110  -6.589  -13.226 1.00 19.53 ? 83   GLN A N   1 
ATOM   224  C  CA  . GLN A 1 30 ? 14.768  -5.535  -14.025 1.00 20.51 ? 83   GLN A CA  1 
ATOM   225  C  C   . GLN A 1 30 ? 16.031  -4.994  -13.350 1.00 20.71 ? 83   GLN A C   1 
ATOM   226  O  O   . GLN A 1 30 ? 16.854  -4.333  -13.998 1.00 20.77 ? 83   GLN A O   1 
ATOM   227  C  CB  . GLN A 1 30 ? 13.820  -4.353  -14.281 1.00 20.39 ? 83   GLN A CB  1 
ATOM   228  C  CG  . GLN A 1 30 ? 12.678  -4.645  -15.236 1.00 21.81 ? 83   GLN A CG  1 
ATOM   229  C  CD  . GLN A 1 30 ? 11.756  -3.450  -15.438 1.00 22.88 ? 83   GLN A CD  1 
ATOM   230  O  OE1 . GLN A 1 30 ? 11.056  -3.007  -14.514 1.00 28.24 ? 83   GLN A OE1 1 
ATOM   231  N  NE2 . GLN A 1 30 ? 11.737  -2.931  -16.648 1.00 25.96 ? 83   GLN A NE2 1 
ATOM   232  N  N   . GLY A 1 31 ? 16.172  -5.266  -12.054 1.00 20.84 ? 84   GLY A N   1 
ATOM   233  C  CA  . GLY A 1 31 ? 17.332  -4.848  -11.278 1.00 21.23 ? 84   GLY A CA  1 
ATOM   234  C  C   . GLY A 1 31 ? 17.069  -3.721  -10.284 1.00 21.74 ? 84   GLY A C   1 
ATOM   235  O  O   . GLY A 1 31 ? 18.010  -3.283  -9.625  1.00 22.45 ? 84   GLY A O   1 
ATOM   236  N  N   . ASP A 1 32 ? 15.821  -3.247  -10.167 1.00 21.01 ? 85   ASP A N   1 
ATOM   237  C  CA  . ASP A 1 32 ? 15.501  -2.164  -9.228  1.00 21.29 ? 85   ASP A CA  1 
ATOM   238  C  C   . ASP A 1 32 ? 15.089  -2.778  -7.884  1.00 21.47 ? 85   ASP A C   1 
ATOM   239  O  O   . ASP A 1 32 ? 13.904  -2.953  -7.583  1.00 20.45 ? 85   ASP A O   1 
ATOM   240  C  CB  . ASP A 1 32 ? 14.410  -1.241  -9.797  1.00 21.07 ? 85   ASP A CB  1 
ATOM   241  C  CG  . ASP A 1 32 ? 14.215  0.053   -8.986  1.00 21.76 ? 85   ASP A CG  1 
ATOM   242  O  OD1 . ASP A 1 32 ? 13.479  0.917   -9.488  1.00 25.40 ? 85   ASP A OD1 1 
ATOM   243  O  OD2 . ASP A 1 32 ? 14.767  0.241   -7.868  1.00 22.35 ? 85   ASP A OD2 1 
ATOM   244  N  N   . TYR A 1 33 ? 16.100  -3.115  -7.089  1.00 22.03 ? 86   TYR A N   1 
ATOM   245  C  CA  . TYR A 1 33 ? 15.901  -3.781  -5.807  1.00 22.89 ? 86   TYR A CA  1 
ATOM   246  C  C   . TYR A 1 33 ? 15.208  -2.879  -4.804  1.00 22.91 ? 86   TYR A C   1 
ATOM   247  O  O   . TYR A 1 33 ? 14.376  -3.337  -4.019  1.00 22.65 ? 86   TYR A O   1 
ATOM   248  C  CB  . TYR A 1 33 ? 17.251  -4.230  -5.223  1.00 24.02 ? 86   TYR A CB  1 
ATOM   249  C  CG  . TYR A 1 33 ? 17.968  -5.293  -6.017  1.00 25.86 ? 86   TYR A CG  1 
ATOM   250  C  CD1 . TYR A 1 33 ? 17.273  -6.181  -6.841  1.00 27.06 ? 86   TYR A CD1 1 
ATOM   251  C  CD2 . TYR A 1 33 ? 19.357  -5.433  -5.929  1.00 26.87 ? 86   TYR A CD2 1 
ATOM   252  C  CE1 . TYR A 1 33 ? 17.935  -7.173  -7.555  1.00 25.50 ? 86   TYR A CE1 1 
ATOM   253  C  CE2 . TYR A 1 33 ? 20.019  -6.416  -6.635  1.00 27.06 ? 86   TYR A CE2 1 
ATOM   254  C  CZ  . TYR A 1 33 ? 19.303  -7.284  -7.447  1.00 27.35 ? 86   TYR A CZ  1 
ATOM   255  O  OH  . TYR A 1 33 ? 19.965  -8.265  -8.166  1.00 28.05 ? 86   TYR A OH  1 
ATOM   256  N  N   . GLU A 1 34 ? 15.574  -1.602  -4.842  1.00 23.08 ? 87   GLU A N   1 
ATOM   257  C  CA  . GLU A 1 34 ? 14.985  -0.549  -4.006  1.00 22.69 ? 87   GLU A CA  1 
ATOM   258  C  C   . GLU A 1 34 ? 13.462  -0.469  -4.134  1.00 22.00 ? 87   GLU A C   1 
ATOM   259  O  O   . GLU A 1 34 ? 12.732  -0.654  -3.157  1.00 22.16 ? 87   GLU A O   1 
ATOM   260  C  CB  . GLU A 1 34 ? 15.618  0.796   -4.404  1.00 23.17 ? 87   GLU A CB  1 
ATOM   261  C  CG  . GLU A 1 34 ? 15.010  2.080   -3.777  1.00 25.63 ? 87   GLU A CG  1 
ATOM   262  C  CD  . GLU A 1 34 ? 15.590  2.433   -2.416  1.00 30.34 ? 87   GLU A CD  1 
ATOM   263  O  OE1 . GLU A 1 34 ? 16.789  2.152   -2.180  1.00 33.42 ? 87   GLU A OE1 1 
ATOM   264  O  OE2 . GLU A 1 34 ? 14.842  3.004   -1.584  1.00 33.45 ? 87   GLU A OE2 1 
ATOM   265  N  N   . LYS A 1 35 ? 12.988  -0.181  -5.335  1.00 21.07 ? 88   LYS A N   1 
ATOM   266  C  CA  . LYS A 1 35 ? 11.549  -0.056  -5.576  1.00 20.15 ? 88   LYS A CA  1 
ATOM   267  C  C   . LYS A 1 35 ? 10.817  -1.390  -5.490  1.00 18.75 ? 88   LYS A C   1 
ATOM   268  O  O   . LYS A 1 35 ? 9.666   -1.441  -5.064  1.00 17.08 ? 88   LYS A O   1 
ATOM   269  C  CB  . LYS A 1 35 ? 11.300  0.598   -6.939  1.00 20.86 ? 88   LYS A CB  1 
ATOM   270  C  CG  . LYS A 1 35 ? 11.668  2.095   -6.981  1.00 23.93 ? 88   LYS A CG  1 
ATOM   271  C  CD  . LYS A 1 35 ? 11.036  2.890   -5.812  1.00 25.99 ? 88   LYS A CD  1 
ATOM   272  C  CE  . LYS A 1 35 ? 9.520   2.612   -5.643  1.00 26.85 ? 88   LYS A CE  1 
ATOM   273  N  NZ  . LYS A 1 35 ? 8.984   3.025   -4.313  1.00 26.38 ? 88   LYS A NZ  1 
ATOM   274  N  N   . GLY A 1 36 ? 11.488  -2.462  -5.907  1.00 17.57 ? 89   GLY A N   1 
ATOM   275  C  CA  . GLY A 1 36 ? 10.957  -3.807  -5.749  1.00 17.30 ? 89   GLY A CA  1 
ATOM   276  C  C   . GLY A 1 36 ? 10.592  -4.091  -4.306  1.00 16.24 ? 89   GLY A C   1 
ATOM   277  O  O   . GLY A 1 36 ? 9.483   -4.522  -4.008  1.00 14.72 ? 89   GLY A O   1 
ATOM   278  N  N   . VAL A 1 37 ? 11.530  -3.847  -3.398  1.00 15.81 ? 90   VAL A N   1 
ATOM   279  C  CA  . VAL A 1 37 ? 11.297  -4.139  -1.978  1.00 15.81 ? 90   VAL A CA  1 
ATOM   280  C  C   . VAL A 1 37 ? 10.190  -3.239  -1.361  1.00 15.54 ? 90   VAL A C   1 
ATOM   281  O  O   . VAL A 1 37 ? 9.417   -3.703  -0.526  1.00 15.83 ? 90   VAL A O   1 
ATOM   282  C  CB  . VAL A 1 37 ? 12.630  -4.094  -1.167  1.00 16.20 ? 90   VAL A CB  1 
ATOM   283  C  CG1 . VAL A 1 37 ? 12.359  -4.155  0.297   1.00 17.03 ? 90   VAL A CG1 1 
ATOM   284  C  CG2 . VAL A 1 37 ? 13.510  -5.298  -1.569  1.00 15.69 ? 90   VAL A CG2 1 
ATOM   285  N  N   . ASP A 1 38 ? 10.081  -1.989  -1.816  1.00 15.72 ? 91   ASP A N   1 
ATOM   286  C  CA  . ASP A 1 38 ? 8.978   -1.100  -1.417  1.00 15.57 ? 91   ASP A CA  1 
ATOM   287  C  C   . ASP A 1 38 ? 7.636   -1.764  -1.655  1.00 15.06 ? 91   ASP A C   1 
ATOM   288  O  O   . ASP A 1 38 ? 6.785   -1.786  -0.779  1.00 14.56 ? 91   ASP A O   1 
ATOM   289  C  CB  . ASP A 1 38 ? 9.022   0.239   -2.173  1.00 16.12 ? 91   ASP A CB  1 
ATOM   290  C  CG  . ASP A 1 38 ? 10.169  1.155   -1.723  1.00 18.52 ? 91   ASP A CG  1 
ATOM   291  O  OD1 . ASP A 1 38 ? 10.721  0.955   -0.626  1.00 21.79 ? 91   ASP A OD1 1 
ATOM   292  O  OD2 . ASP A 1 38 ? 10.504  2.092   -2.469  1.00 22.49 ? 91   ASP A OD2 1 
ATOM   293  N  N   . HIS A 1 39 ? 7.473   -2.349  -2.837  1.00 15.05 ? 92   HIS A N   1 
ATOM   294  C  CA  . HIS A 1 39 ? 6.224   -2.998  -3.198  1.00 14.91 ? 92   HIS A CA  1 
ATOM   295  C  C   . HIS A 1 39 ? 6.016   -4.329  -2.508  1.00 13.90 ? 92   HIS A C   1 
ATOM   296  O  O   . HIS A 1 39 ? 4.911   -4.637  -2.105  1.00 14.14 ? 92   HIS A O   1 
ATOM   297  C  CB  . HIS A 1 39 ? 6.119   -3.098  -4.713  1.00 14.68 ? 92   HIS A CB  1 
ATOM   298  C  CG  . HIS A 1 39 ? 5.993   -1.758  -5.363  1.00 15.67 ? 92   HIS A CG  1 
ATOM   299  N  ND1 . HIS A 1 39 ? 4.891   -0.950  -5.177  1.00 14.96 ? 92   HIS A ND1 1 
ATOM   300  C  CD2 . HIS A 1 39 ? 6.855   -1.050  -6.129  1.00 13.35 ? 92   HIS A CD2 1 
ATOM   301  C  CE1 . HIS A 1 39 ? 5.071   0.191   -5.817  1.00 14.47 ? 92   HIS A CE1 1 
ATOM   302  N  NE2 . HIS A 1 39 ? 6.252   0.155   -6.406  1.00 11.85 ? 92   HIS A NE2 1 
ATOM   303  N  N   . LEU A 1 40 ? 7.079   -5.114  -2.368  1.00 13.52 ? 93   LEU A N   1 
ATOM   304  C  CA  . LEU A 1 40 ? 7.023   -6.341  -1.606  1.00 13.23 ? 93   LEU A CA  1 
ATOM   305  C  C   . LEU A 1 40 ? 6.600   -6.071  -0.168  1.00 12.15 ? 93   LEU A C   1 
ATOM   306  O  O   . LEU A 1 40 ? 5.806   -6.823  0.389   1.00 11.15 ? 93   LEU A O   1 
ATOM   307  C  CB  . LEU A 1 40 ? 8.370   -7.077  -1.660  1.00 12.88 ? 93   LEU A CB  1 
ATOM   308  C  CG  . LEU A 1 40 ? 8.662   -7.969  -2.889  1.00 14.72 ? 93   LEU A CG  1 
ATOM   309  C  CD1 . LEU A 1 40 ? 8.665   -7.265  -4.185  1.00 19.82 ? 93   LEU A CD1 1 
ATOM   310  C  CD2 . LEU A 1 40 ? 9.999   -8.711  -2.736  1.00 13.35 ? 93   LEU A CD2 1 
ATOM   311  N  N   . THR A 1 41 ? 7.099   -4.999  0.431   1.00 12.52 ? 94   THR A N   1 
ATOM   312  C  CA  . THR A 1 41 ? 6.745   -4.697  1.833   1.00 13.07 ? 94   THR A CA  1 
ATOM   313  C  C   . THR A 1 41 ? 5.322   -4.136  1.956   1.00 12.93 ? 94   THR A C   1 
ATOM   314  O  O   . THR A 1 41 ? 4.669   -4.343  2.988   1.00 12.90 ? 94   THR A O   1 
ATOM   315  C  CB  . THR A 1 41 ? 7.766   -3.801  2.523   1.00 13.50 ? 94   THR A CB  1 
ATOM   316  O  OG1 . THR A 1 41 ? 8.010   -2.631  1.736   1.00 14.22 ? 94   THR A OG1 1 
ATOM   317  C  CG2 . THR A 1 41 ? 9.085   -4.580  2.709   1.00 14.50 ? 94   THR A CG2 1 
ATOM   318  N  N   . ASN A 1 42 ? 4.829   -3.467  0.904   1.00 12.57 ? 95   ASN A N   1 
ATOM   319  C  CA  . ASN A 1 42 ? 3.404   -3.094  0.858   1.00 12.53 ? 95   ASN A CA  1 
ATOM   320  C  C   . ASN A 1 42 ? 2.522   -4.346  0.888   1.00 12.20 ? 95   ASN A C   1 
ATOM   321  O  O   . ASN A 1 42 ? 1.568   -4.397  1.629   1.00 12.45 ? 95   ASN A O   1 
ATOM   322  C  CB  . ASN A 1 42 ? 3.050   -2.264  -0.381  1.00 12.09 ? 95   ASN A CB  1 
ATOM   323  C  CG  . ASN A 1 42 ? 3.637   -0.870  -0.359  1.00 12.12 ? 95   ASN A CG  1 
ATOM   324  O  OD1 . ASN A 1 42 ? 3.999   -0.346  0.690   1.00 11.99 ? 95   ASN A OD1 1 
ATOM   325  N  ND2 . ASN A 1 42 ? 3.753   -0.262  -1.541  1.00 12.90 ? 95   ASN A ND2 1 
ATOM   326  N  N   . ALA A 1 43 ? 2.852   -5.338  0.061   1.00 11.99 ? 96   ALA A N   1 
ATOM   327  C  CA  . ALA A 1 43 ? 2.145   -6.610  0.019   1.00 12.32 ? 96   ALA A CA  1 
ATOM   328  C  C   . ALA A 1 43 ? 2.109   -7.314  1.382   1.00 12.60 ? 96   ALA A C   1 
ATOM   329  O  O   . ALA A 1 43 ? 1.049   -7.764  1.847   1.00 11.64 ? 96   ALA A O   1 
ATOM   330  C  CB  . ALA A 1 43 ? 2.787   -7.527  -1.038  1.00 11.74 ? 96   ALA A CB  1 
ATOM   331  N  N   . ILE A 1 44 ? 3.271   -7.401  2.017   1.00 12.51 ? 97   ILE A N   1 
ATOM   332  C  CA  . ILE A 1 44 ? 3.384   -8.007  3.344   1.00 12.97 ? 97   ILE A CA  1 
ATOM   333  C  C   . ILE A 1 44 ? 2.547   -7.230  4.373   1.00 13.02 ? 97   ILE A C   1 
ATOM   334  O  O   . ILE A 1 44 ? 1.938   -7.816  5.246   1.00 13.09 ? 97   ILE A O   1 
ATOM   335  C  CB  . ILE A 1 44 ? 4.846   -8.064  3.815   1.00 11.91 ? 97   ILE A CB  1 
ATOM   336  C  CG1 . ILE A 1 44 ? 5.667   -9.004  2.933   1.00 12.64 ? 97   ILE A CG1 1 
ATOM   337  C  CG2 . ILE A 1 44 ? 4.941   -8.527  5.267   1.00 12.96 ? 97   ILE A CG2 1 
ATOM   338  C  CD1 . ILE A 1 44 ? 7.160   -8.901  3.204   1.00 12.98 ? 97   ILE A CD1 1 
ATOM   339  N  N   . ALA A 1 45 ? 2.504   -5.913  4.226   1.00 13.35 ? 98   ALA A N   1 
ATOM   340  C  CA  . ALA A 1 45 ? 1.822   -5.026  5.173   1.00 13.74 ? 98   ALA A CA  1 
ATOM   341  C  C   . ALA A 1 45 ? 0.298   -5.192  5.239   1.00 14.01 ? 98   ALA A C   1 
ATOM   342  O  O   . ALA A 1 45 ? -0.303  -4.767  6.205   1.00 15.27 ? 98   ALA A O   1 
ATOM   343  C  CB  . ALA A 1 45 ? 2.174   -3.590  4.863   1.00 12.86 ? 98   ALA A CB  1 
ATOM   344  N  N   . VAL A 1 46 ? -0.323  -5.749  4.207   1.00 14.99 ? 99   VAL A N   1 
ATOM   345  C  CA  . VAL A 1 46 ? -1.785  -5.948  4.184   1.00 15.69 ? 99   VAL A CA  1 
ATOM   346  C  C   . VAL A 1 46 ? -2.147  -7.420  4.373   1.00 16.58 ? 99   VAL A C   1 
ATOM   347  O  O   . VAL A 1 46 ? -3.322  -7.792  4.297   1.00 16.48 ? 99   VAL A O   1 
ATOM   348  C  CB  . VAL A 1 46 ? -2.455  -5.421  2.876   1.00 15.06 ? 99   VAL A CB  1 
ATOM   349  C  CG1 . VAL A 1 46 ? -2.141  -3.955  2.637   1.00 13.77 ? 99   VAL A CG1 1 
ATOM   350  C  CG2 . VAL A 1 46 ? -2.036  -6.248  1.655   1.00 14.98 ? 99   VAL A CG2 1 
ATOM   351  N  N   . CYS A 1 47 ? -1.138  -8.240  4.641   1.00 18.77 ? 100  CYS A N   1 
ATOM   352  C  CA  . CYS A 1 47 ? -1.289  -9.686  4.741   1.00 19.35 ? 100  CYS A CA  1 
ATOM   353  C  C   . CYS A 1 47 ? -1.457  -9.971  6.216   1.00 19.95 ? 100  CYS A C   1 
ATOM   354  O  O   . CYS A 1 47 ? -0.626  -9.583  7.019   1.00 20.02 ? 100  CYS A O   1 
ATOM   355  C  CB  . CYS A 1 47 ? -0.050  -10.371 4.115   1.00 19.98 ? 100  CYS A CB  1 
ATOM   356  S  SG  . CYS A 1 47 ? 0.132   -12.178 4.190   1.00 24.94 ? 100  CYS A SG  1 
ATOM   357  N  N   . GLY A 1 48 ? -2.570  -10.607 6.570   1.00 21.18 ? 101  GLY A N   1 
ATOM   358  C  CA  . GLY A 1 48 ? -2.919  -10.847 7.960   1.00 21.71 ? 101  GLY A CA  1 
ATOM   359  C  C   . GLY A 1 48 ? -2.023  -11.848 8.673   1.00 22.36 ? 101  GLY A C   1 
ATOM   360  O  O   . GLY A 1 48 ? -1.795  -11.716 9.876   1.00 22.67 ? 101  GLY A O   1 
ATOM   361  N  N   . GLN A 1 49 ? -1.531  -12.858 7.949   1.00 21.89 ? 102  GLN A N   1 
ATOM   362  C  CA  . GLN A 1 49 ? -0.586  -13.825 8.523   1.00 22.10 ? 102  GLN A CA  1 
ATOM   363  C  C   . GLN A 1 49 ? 0.546   -14.102 7.520   1.00 21.25 ? 102  GLN A C   1 
ATOM   364  O  O   . GLN A 1 49 ? 0.489   -15.072 6.759   1.00 22.15 ? 102  GLN A O   1 
ATOM   365  C  CB  . GLN A 1 49 ? -1.322  -15.103 8.950   1.00 22.57 ? 102  GLN A CB  1 
ATOM   366  C  CG  . GLN A 1 49 ? -0.672  -15.836 10.133  1.00 24.67 ? 102  GLN A CG  1 
ATOM   367  C  CD  . GLN A 1 49 ? -1.677  -16.483 11.085  1.00 25.62 ? 102  GLN A CD  1 
ATOM   368  O  OE1 . GLN A 1 49 ? -2.719  -17.018 10.660  1.00 28.64 ? 102  GLN A OE1 1 
ATOM   369  N  NE2 . GLN A 1 49 ? -1.355  -16.449 12.395  1.00 30.43 ? 102  GLN A NE2 1 
ATOM   370  N  N   . PRO A 1 50 ? 1.560   -13.213 7.491   1.00 19.71 ? 103  PRO A N   1 
ATOM   371  C  CA  . PRO A 1 50 ? 2.621   -13.229 6.493   1.00 18.93 ? 103  PRO A CA  1 
ATOM   372  C  C   . PRO A 1 50 ? 3.826   -14.143 6.788   1.00 17.67 ? 103  PRO A C   1 
ATOM   373  O  O   . PRO A 1 50 ? 4.856   -13.974 6.169   1.00 16.85 ? 103  PRO A O   1 
ATOM   374  C  CB  . PRO A 1 50 ? 3.067   -11.768 6.472   1.00 19.13 ? 103  PRO A CB  1 
ATOM   375  C  CG  . PRO A 1 50 ? 2.893   -11.332 7.884   1.00 19.62 ? 103  PRO A CG  1 
ATOM   376  C  CD  . PRO A 1 50 ? 1.699   -12.066 8.407   1.00 20.16 ? 103  PRO A CD  1 
ATOM   377  N  N   . GLN A 1 51 ? 3.682   -15.113 7.689   1.00 17.05 ? 104  GLN A N   1 
ATOM   378  C  CA  . GLN A 1 51 ? 4.769   -16.057 8.037   1.00 17.02 ? 104  GLN A CA  1 
ATOM   379  C  C   . GLN A 1 51 ? 5.408   -16.748 6.825   1.00 16.14 ? 104  GLN A C   1 
ATOM   380  O  O   . GLN A 1 51 ? 6.617   -16.647 6.615   1.00 15.78 ? 104  GLN A O   1 
ATOM   381  C  CB  . GLN A 1 51 ? 4.229   -17.140 8.976   1.00 16.72 ? 104  GLN A CB  1 
ATOM   382  C  CG  . GLN A 1 51 ? 5.280   -18.118 9.458   1.00 17.86 ? 104  GLN A CG  1 
ATOM   383  C  CD  . GLN A 1 51 ? 4.693   -19.409 9.957   1.00 19.55 ? 104  GLN A CD  1 
ATOM   384  O  OE1 . GLN A 1 51 ? 3.950   -19.424 10.934  1.00 24.69 ? 104  GLN A OE1 1 
ATOM   385  N  NE2 . GLN A 1 51 ? 5.018   -20.508 9.282   1.00 23.94 ? 104  GLN A NE2 1 
ATOM   386  N  N   . GLN A 1 52 ? 4.602   -17.473 6.046   1.00 15.60 ? 105  GLN A N   1 
ATOM   387  C  CA  . GLN A 1 52 ? 5.114   -18.211 4.872   1.00 15.70 ? 105  GLN A CA  1 
ATOM   388  C  C   . GLN A 1 52 ? 5.621   -17.289 3.765   1.00 14.43 ? 105  GLN A C   1 
ATOM   389  O  O   . GLN A 1 52 ? 6.635   -17.588 3.127   1.00 14.73 ? 105  GLN A O   1 
ATOM   390  C  CB  . GLN A 1 52 ? 4.048   -19.154 4.310   1.00 15.79 ? 105  GLN A CB  1 
ATOM   391  C  CG  . GLN A 1 52 ? 3.737   -20.324 5.211   1.00 16.97 ? 105  GLN A CG  1 
ATOM   392  C  CD  . GLN A 1 52 ? 2.776   -21.299 4.574   1.00 17.99 ? 105  GLN A CD  1 
ATOM   393  O  OE1 . GLN A 1 52 ? 2.120   -20.989 3.564   1.00 21.94 ? 105  GLN A OE1 1 
ATOM   394  N  NE2 . GLN A 1 52 ? 2.680   -22.487 5.151   1.00 19.05 ? 105  GLN A NE2 1 
ATOM   395  N  N   . LEU A 1 53 ? 4.919   -16.188 3.522   1.00 13.68 ? 106  LEU A N   1 
ATOM   396  C  CA  . LEU A 1 53 ? 5.408   -15.184 2.565   1.00 13.80 ? 106  LEU A CA  1 
ATOM   397  C  C   . LEU A 1 53 ? 6.799   -14.653 2.931   1.00 13.38 ? 106  LEU A C   1 
ATOM   398  O  O   . LEU A 1 53 ? 7.672   -14.540 2.077   1.00 12.09 ? 106  LEU A O   1 
ATOM   399  C  CB  . LEU A 1 53 ? 4.414   -14.023 2.428   1.00 13.72 ? 106  LEU A CB  1 
ATOM   400  C  CG  . LEU A 1 53 ? 4.784   -12.881 1.475   1.00 14.08 ? 106  LEU A CG  1 
ATOM   401  C  CD1 . LEU A 1 53 ? 5.072   -13.401 0.056   1.00 15.56 ? 106  LEU A CD1 1 
ATOM   402  C  CD2 . LEU A 1 53 ? 3.716   -11.774 1.477   1.00 13.36 ? 106  LEU A CD2 1 
ATOM   403  N  N   . LEU A 1 54 ? 7.009   -14.306 4.199   1.00 13.72 ? 107  LEU A N   1 
ATOM   404  C  CA  . LEU A 1 54 ? 8.327   -13.825 4.629   1.00 14.43 ? 107  LEU A CA  1 
ATOM   405  C  C   . LEU A 1 54 ? 9.395   -14.899 4.444   1.00 14.19 ? 107  LEU A C   1 
ATOM   406  O  O   . LEU A 1 54 ? 10.505  -14.612 4.012   1.00 13.70 ? 107  LEU A O   1 
ATOM   407  C  CB  . LEU A 1 54 ? 8.302   -13.395 6.099   1.00 14.48 ? 107  LEU A CB  1 
ATOM   408  C  CG  . LEU A 1 54 ? 7.770   -12.010 6.373   1.00 16.12 ? 107  LEU A CG  1 
ATOM   409  C  CD1 . LEU A 1 54 ? 7.417   -11.883 7.885   1.00 17.42 ? 107  LEU A CD1 1 
ATOM   410  C  CD2 . LEU A 1 54 ? 8.827   -10.982 5.910   1.00 16.40 ? 107  LEU A CD2 1 
ATOM   411  N  N   . GLN A 1 55 ? 9.045   -16.125 4.804   1.00 15.07 ? 108  GLN A N   1 
ATOM   412  C  CA  . GLN A 1 55 ? 9.937   -17.284 4.722   1.00 15.91 ? 108  GLN A CA  1 
ATOM   413  C  C   . GLN A 1 55 ? 10.329  -17.577 3.285   1.00 16.13 ? 108  GLN A C   1 
ATOM   414  O  O   . GLN A 1 55 ? 11.487  -17.878 3.011   1.00 16.34 ? 108  GLN A O   1 
ATOM   415  C  CB  . GLN A 1 55 ? 9.216   -18.490 5.329   1.00 16.06 ? 108  GLN A CB  1 
ATOM   416  C  CG  . GLN A 1 55 ? 10.045  -19.692 5.579   1.00 17.13 ? 108  GLN A CG  1 
ATOM   417  C  CD  . GLN A 1 55 ? 9.345   -20.699 6.467   1.00 16.73 ? 108  GLN A CD  1 
ATOM   418  O  OE1 . GLN A 1 55 ? 8.129   -20.646 6.650   1.00 22.29 ? 108  GLN A OE1 1 
ATOM   419  N  NE2 . GLN A 1 55 ? 10.114  -21.590 7.054   1.00 17.93 ? 108  GLN A NE2 1 
ATOM   420  N  N   . VAL A 1 56 ? 9.376   -17.450 2.357   1.00 16.53 ? 109  VAL A N   1 
ATOM   421  C  CA  . VAL A 1 56 ? 9.672   -17.661 0.946   1.00 17.27 ? 109  VAL A CA  1 
ATOM   422  C  C   . VAL A 1 56 ? 10.507  -16.503 0.378   1.00 17.71 ? 109  VAL A C   1 
ATOM   423  O  O   . VAL A 1 56 ? 11.380  -16.707 -0.466  1.00 17.19 ? 109  VAL A O   1 
ATOM   424  C  CB  . VAL A 1 56 ? 8.393   -17.880 0.132   1.00 17.34 ? 109  VAL A CB  1 
ATOM   425  C  CG1 . VAL A 1 56 ? 8.719   -17.973 -1.333  1.00 18.14 ? 109  VAL A CG1 1 
ATOM   426  C  CG2 . VAL A 1 56 ? 7.682   -19.186 0.601   1.00 16.54 ? 109  VAL A CG2 1 
ATOM   427  N  N   . LEU A 1 57 ? 10.227  -15.286 0.852   1.00 18.70 ? 110  LEU A N   1 
ATOM   428  C  CA  . LEU A 1 57 ? 10.975  -14.109 0.441   1.00 19.49 ? 110  LEU A CA  1 
ATOM   429  C  C   . LEU A 1 57 ? 12.443  -14.239 0.833   1.00 20.50 ? 110  LEU A C   1 
ATOM   430  O  O   . LEU A 1 57 ? 13.330  -13.964 0.037   1.00 20.83 ? 110  LEU A O   1 
ATOM   431  C  CB  . LEU A 1 57 ? 10.366  -12.845 1.057   1.00 19.60 ? 110  LEU A CB  1 
ATOM   432  C  CG  . LEU A 1 57 ? 9.559   -11.833 0.223   1.00 20.79 ? 110  LEU A CG  1 
ATOM   433  C  CD1 . LEU A 1 57 ? 9.229   -12.231 -1.197  1.00 21.72 ? 110  LEU A CD1 1 
ATOM   434  C  CD2 . LEU A 1 57 ? 8.335   -11.368 1.022   1.00 19.88 ? 110  LEU A CD2 1 
ATOM   435  N  N   . GLN A 1 58 ? 12.711  -14.678 2.054   1.00 21.86 ? 111  GLN A N   1 
ATOM   436  C  CA  . GLN A 1 58 ? 14.091  -14.780 2.481   1.00 23.47 ? 111  GLN A CA  1 
ATOM   437  C  C   . GLN A 1 58 ? 14.836  -15.912 1.784   1.00 23.63 ? 111  GLN A C   1 
ATOM   438  O  O   . GLN A 1 58 ? 16.057  -15.841 1.650   1.00 23.49 ? 111  GLN A O   1 
ATOM   439  C  CB  . GLN A 1 58 ? 14.201  -14.828 4.003   1.00 24.20 ? 111  GLN A CB  1 
ATOM   440  C  CG  . GLN A 1 58 ? 14.133  -16.148 4.657   1.00 27.45 ? 111  GLN A CG  1 
ATOM   441  C  CD  . GLN A 1 58 ? 15.293  -16.374 5.617   1.00 29.67 ? 111  GLN A CD  1 
ATOM   442  O  OE1 . GLN A 1 58 ? 16.133  -15.495 5.820   1.00 33.00 ? 111  GLN A OE1 1 
ATOM   443  N  NE2 . GLN A 1 58 ? 15.352  -17.559 6.195   1.00 32.47 ? 111  GLN A NE2 1 
ATOM   444  N  N   . GLN A 1 59 ? 14.091  -16.918 1.308   1.00 23.49 ? 112  GLN A N   1 
ATOM   445  C  CA  . GLN A 1 59 ? 14.633  -18.003 0.470   1.00 23.52 ? 112  GLN A CA  1 
ATOM   446  C  C   . GLN A 1 59 ? 14.853  -17.631 -1.001  1.00 23.25 ? 112  GLN A C   1 
ATOM   447  O  O   . GLN A 1 59 ? 15.555  -18.340 -1.717  1.00 24.49 ? 112  GLN A O   1 
ATOM   448  C  CB  . GLN A 1 59 ? 13.693  -19.226 0.493   1.00 23.80 ? 112  GLN A CB  1 
ATOM   449  C  CG  . GLN A 1 59 ? 13.557  -19.916 1.849   1.00 25.39 ? 112  GLN A CG  1 
ATOM   450  C  CD  . GLN A 1 59 ? 14.842  -20.565 2.318   1.00 29.84 ? 112  GLN A CD  1 
ATOM   451  O  OE1 . GLN A 1 59 ? 15.497  -21.298 1.570   1.00 32.76 ? 112  GLN A OE1 1 
ATOM   452  N  NE2 . GLN A 1 59 ? 15.209  -20.307 3.573   1.00 31.27 ? 112  GLN A NE2 1 
ATOM   453  N  N   . THR A 1 60 ? 14.222  -16.571 -1.475  1.00 22.50 ? 113  THR A N   1 
ATOM   454  C  CA  . THR A 1 60 ? 14.346  -16.177 -2.869  1.00 21.89 ? 113  THR A CA  1 
ATOM   455  C  C   . THR A 1 60 ? 15.063  -14.843 -3.082  1.00 21.30 ? 113  THR A C   1 
ATOM   456  O  O   . THR A 1 60 ? 15.414  -14.529 -4.212  1.00 21.60 ? 113  THR A O   1 
ATOM   457  C  CB  . THR A 1 60 ? 12.979  -16.122 -3.548  1.00 22.41 ? 113  THR A CB  1 
ATOM   458  O  OG1 . THR A 1 60 ? 12.171  -15.095 -2.955  1.00 22.20 ? 113  THR A OG1 1 
ATOM   459  C  CG2 . THR A 1 60 ? 12.267  -17.492 -3.436  1.00 22.41 ? 113  THR A CG2 1 
ATOM   460  N  N   . LEU A 1 61 ? 15.296  -14.073 -2.015  1.00 20.10 ? 114  LEU A N   1 
ATOM   461  C  CA  . LEU A 1 61 ? 15.984  -12.785 -2.137  1.00 19.63 ? 114  LEU A CA  1 
ATOM   462  C  C   . LEU A 1 61 ? 17.468  -12.926 -1.789  1.00 18.66 ? 114  LEU A C   1 
ATOM   463  O  O   . LEU A 1 61 ? 17.829  -13.696 -0.916  1.00 18.50 ? 114  LEU A O   1 
ATOM   464  C  CB  . LEU A 1 61 ? 15.338  -11.714 -1.236  1.00 19.23 ? 114  LEU A CB  1 
ATOM   465  C  CG  . LEU A 1 61 ? 13.914  -11.258 -1.586  1.00 17.95 ? 114  LEU A CG  1 
ATOM   466  C  CD1 . LEU A 1 61 ? 13.515  -10.179 -0.614  1.00 16.54 ? 114  LEU A CD1 1 
ATOM   467  C  CD2 . LEU A 1 61 ? 13.812  -10.745 -3.020  1.00 17.50 ? 114  LEU A CD2 1 
ATOM   468  N  N   . PRO A 1 62 ? 18.332  -12.206 -2.503  1.00 18.19 ? 115  PRO A N   1 
ATOM   469  C  CA  . PRO A 1 62 ? 19.718  -12.122 -2.083  1.00 17.54 ? 115  PRO A CA  1 
ATOM   470  C  C   . PRO A 1 62 ? 19.766  -11.611 -0.639  1.00 17.05 ? 115  PRO A C   1 
ATOM   471  O  O   . PRO A 1 62 ? 19.011  -10.706 -0.288  1.00 16.38 ? 115  PRO A O   1 
ATOM   472  C  CB  . PRO A 1 62 ? 20.313  -11.102 -3.049  1.00 17.61 ? 115  PRO A CB  1 
ATOM   473  C  CG  . PRO A 1 62 ? 19.435  -11.078 -4.204  1.00 18.64 ? 115  PRO A CG  1 
ATOM   474  C  CD  . PRO A 1 62 ? 18.073  -11.457 -3.747  1.00 18.90 ? 115  PRO A CD  1 
ATOM   475  N  N   . PRO A 1 63 ? 20.608  -12.209 0.209   1.00 17.03 ? 116  PRO A N   1 
ATOM   476  C  CA  . PRO A 1 63 ? 20.622  -11.764 1.601   1.00 16.51 ? 116  PRO A CA  1 
ATOM   477  C  C   . PRO A 1 63 ? 20.687  -10.245 1.844   1.00 16.03 ? 116  PRO A C   1 
ATOM   478  O  O   . PRO A 1 63 ? 19.963  -9.762  2.712   1.00 16.19 ? 116  PRO A O   1 
ATOM   479  C  CB  . PRO A 1 63 ? 21.838  -12.497 2.195   1.00 16.52 ? 116  PRO A CB  1 
ATOM   480  C  CG  . PRO A 1 63 ? 21.949  -13.719 1.392   1.00 17.08 ? 116  PRO A CG  1 
ATOM   481  C  CD  . PRO A 1 63 ? 21.547  -13.330 -0.012  1.00 17.63 ? 116  PRO A CD  1 
ATOM   482  N  N   . PRO A 1 64 ? 21.545  -9.495  1.113   1.00 15.46 ? 117  PRO A N   1 
ATOM   483  C  CA  . PRO A 1 64 ? 21.553  -8.042  1.318   1.00 15.32 ? 117  PRO A CA  1 
ATOM   484  C  C   . PRO A 1 64 ? 20.220  -7.360  1.016   1.00 14.84 ? 117  PRO A C   1 
ATOM   485  O  O   . PRO A 1 64 ? 19.842  -6.402  1.689   1.00 15.07 ? 117  PRO A O   1 
ATOM   486  C  CB  . PRO A 1 64 ? 22.620  -7.551  0.326   1.00 15.55 ? 117  PRO A CB  1 
ATOM   487  C  CG  . PRO A 1 64 ? 23.463  -8.732  0.058   1.00 15.94 ? 117  PRO A CG  1 
ATOM   488  C  CD  . PRO A 1 64 ? 22.565  -9.908  0.134   1.00 15.40 ? 117  PRO A CD  1 
ATOM   489  N  N   . VAL A 1 65 ? 19.518  -7.863  0.009   1.00 13.83 ? 118  VAL A N   1 
ATOM   490  C  CA  . VAL A 1 65 ? 18.204  -7.356  -0.359  1.00 13.81 ? 118  VAL A CA  1 
ATOM   491  C  C   . VAL A 1 65 ? 17.176  -7.755  0.718   1.00 14.11 ? 118  VAL A C   1 
ATOM   492  O  O   . VAL A 1 65 ? 16.307  -6.959  1.069   1.00 13.93 ? 118  VAL A O   1 
ATOM   493  C  CB  . VAL A 1 65 ? 17.798  -7.844  -1.783  1.00 13.77 ? 118  VAL A CB  1 
ATOM   494  C  CG1 . VAL A 1 65 ? 16.477  -7.247  -2.219  1.00 12.39 ? 118  VAL A CG1 1 
ATOM   495  C  CG2 . VAL A 1 65 ? 18.894  -7.474  -2.801  1.00 14.10 ? 118  VAL A CG2 1 
ATOM   496  N  N   . PHE A 1 66 ? 17.291  -8.959  1.274   1.00 14.66 ? 119  PHE A N   1 
ATOM   497  C  CA  . PHE A 1 66 ? 16.408  -9.345  2.360   1.00 15.24 ? 119  PHE A CA  1 
ATOM   498  C  C   . PHE A 1 66 ? 16.595  -8.451  3.594   1.00 15.82 ? 119  PHE A C   1 
ATOM   499  O  O   . PHE A 1 66 ? 15.616  -8.043  4.219   1.00 14.54 ? 119  PHE A O   1 
ATOM   500  C  CB  . PHE A 1 66 ? 16.525  -10.812 2.741   1.00 15.79 ? 119  PHE A CB  1 
ATOM   501  C  CG  . PHE A 1 66 ? 15.494  -11.215 3.751   1.00 15.85 ? 119  PHE A CG  1 
ATOM   502  C  CD1 . PHE A 1 66 ? 14.173  -11.337 3.371   1.00 16.67 ? 119  PHE A CD1 1 
ATOM   503  C  CD2 . PHE A 1 66 ? 15.820  -11.360 5.092   1.00 17.72 ? 119  PHE A CD2 1 
ATOM   504  C  CE1 . PHE A 1 66 ? 13.203  -11.666 4.293   1.00 18.20 ? 119  PHE A CE1 1 
ATOM   505  C  CE2 . PHE A 1 66 ? 14.842  -11.688 6.020   1.00 16.82 ? 119  PHE A CE2 1 
ATOM   506  C  CZ  . PHE A 1 66 ? 13.537  -11.836 5.606   1.00 17.96 ? 119  PHE A CZ  1 
ATOM   507  N  N   . GLN A 1 67 ? 17.845  -8.078  3.879   1.00 16.33 ? 120  GLN A N   1 
ATOM   508  C  CA  . GLN A 1 67 ? 18.137  -7.133  4.971   1.00 17.29 ? 120  GLN A CA  1 
ATOM   509  C  C   . GLN A 1 67 ? 17.512  -5.758  4.725   1.00 18.97 ? 120  GLN A C   1 
ATOM   510  O  O   . GLN A 1 67 ? 17.055  -5.096  5.657   1.00 17.75 ? 120  GLN A O   1 
ATOM   511  C  CB  . GLN A 1 67 ? 19.644  -6.991  5.169   1.00 17.24 ? 120  GLN A CB  1 
ATOM   512  C  CG  . GLN A 1 67 ? 20.305  -8.228  5.780   1.00 17.57 ? 120  GLN A CG  1 
ATOM   513  C  CD  . GLN A 1 67 ? 19.772  -8.527  7.170   1.00 19.39 ? 120  GLN A CD  1 
ATOM   514  O  OE1 . GLN A 1 67 ? 19.730  -7.645  8.021   1.00 20.73 ? 120  GLN A OE1 1 
ATOM   515  N  NE2 . GLN A 1 67 ? 19.326  -9.760  7.389   1.00 19.20 ? 120  GLN A NE2 1 
HETATM 516  N  N   . MSE A 1 68 ? 17.498  -5.328  3.470   1.00 20.75 ? 121  MSE A N   1 
HETATM 517  C  CA  . MSE A 1 68 ? 16.854  -4.076  3.123   1.00 23.40 ? 121  MSE A CA  1 
HETATM 518  C  C   . MSE A 1 68 ? 15.340  -4.188  3.300   1.00 20.89 ? 121  MSE A C   1 
HETATM 519  O  O   . MSE A 1 68 ? 14.705  -3.269  3.809   1.00 20.34 ? 121  MSE A O   1 
HETATM 520  C  CB  . MSE A 1 68 ? 17.214  -3.659  1.701   1.00 23.78 ? 121  MSE A CB  1 
HETATM 521  C  CG  . MSE A 1 68 ? 17.006  -2.183  1.424   1.00 28.01 ? 121  MSE A CG  1 
HETATM 522  SE SE  . MSE A 1 68 ? 17.062  -1.845  -0.516  1.00 39.64 ? 121  MSE A SE  1 
HETATM 523  C  CE  . MSE A 1 68 ? 18.588  -2.987  -0.981  1.00 32.03 ? 121  MSE A CE  1 
ATOM   524  N  N   . LEU A 1 69 ? 14.768  -5.309  2.879   1.00 19.34 ? 122  LEU A N   1 
ATOM   525  C  CA  . LEU A 1 69 ? 13.355  -5.596  3.146   1.00 19.42 ? 122  LEU A CA  1 
ATOM   526  C  C   . LEU A 1 69 ? 13.025  -5.449  4.633   1.00 18.44 ? 122  LEU A C   1 
ATOM   527  O  O   . LEU A 1 69 ? 12.024  -4.827  4.992   1.00 17.44 ? 122  LEU A O   1 
ATOM   528  C  CB  . LEU A 1 69 ? 12.972  -7.000  2.652   1.00 18.87 ? 122  LEU A CB  1 
ATOM   529  C  CG  . LEU A 1 69 ? 11.479  -7.349  2.817   1.00 18.92 ? 122  LEU A CG  1 
ATOM   530  C  CD1 . LEU A 1 69 ? 10.973  -8.191  1.664   1.00 19.59 ? 122  LEU A CD1 1 
ATOM   531  C  CD2 . LEU A 1 69 ? 11.202  -8.034  4.119   1.00 17.93 ? 122  LEU A CD2 1 
ATOM   532  N  N   . LEU A 1 70 ? 13.872  -6.007  5.497   1.00 18.09 ? 123  LEU A N   1 
ATOM   533  C  CA  . LEU A 1 70 ? 13.655  -5.875  6.939   1.00 18.63 ? 123  LEU A CA  1 
ATOM   534  C  C   . LEU A 1 70 ? 13.616  -4.423  7.418   1.00 18.31 ? 123  LEU A C   1 
ATOM   535  O  O   . LEU A 1 70 ? 12.809  -4.094  8.289   1.00 18.64 ? 123  LEU A O   1 
ATOM   536  C  CB  . LEU A 1 70 ? 14.702  -6.665  7.731   1.00 18.98 ? 123  LEU A CB  1 
ATOM   537  C  CG  . LEU A 1 70 ? 14.524  -8.173  7.650   1.00 18.27 ? 123  LEU A CG  1 
ATOM   538  C  CD1 . LEU A 1 70 ? 15.572  -8.821  8.489   1.00 18.96 ? 123  LEU A CD1 1 
ATOM   539  C  CD2 . LEU A 1 70 ? 13.121  -8.618  8.089   1.00 17.99 ? 123  LEU A CD2 1 
ATOM   540  N  N   . THR A 1 71 ? 14.450  -3.553  6.837   1.00 18.53 ? 124  THR A N   1 
ATOM   541  C  CA  . THR A 1 71 ? 14.427  -2.115  7.179   1.00 18.79 ? 124  THR A CA  1 
ATOM   542  C  C   . THR A 1 71 ? 13.122  -1.409  6.760   1.00 19.10 ? 124  THR A C   1 
ATOM   543  O  O   . THR A 1 71 ? 12.700  -0.404  7.393   1.00 18.24 ? 124  THR A O   1 
ATOM   544  C  CB  . THR A 1 71 ? 15.692  -1.336  6.644   1.00 19.10 ? 124  THR A CB  1 
ATOM   545  O  OG1 . THR A 1 71 ? 15.651  -1.184  5.212   1.00 21.63 ? 124  THR A OG1 1 
ATOM   546  C  CG2 . THR A 1 71 ? 16.940  -2.081  7.005   1.00 18.10 ? 124  THR A CG2 1 
ATOM   547  N  N   . LYS A 1 72 ? 12.471  -1.949  5.727   1.00 18.24 ? 125  LYS A N   1 
ATOM   548  C  CA  . LYS A 1 72 ? 11.236  -1.386  5.187   1.00 19.07 ? 125  LYS A CA  1 
ATOM   549  C  C   . LYS A 1 72 ? 9.992   -2.157  5.629   1.00 18.73 ? 125  LYS A C   1 
ATOM   550  O  O   . LYS A 1 72 ? 8.871   -1.790  5.281   1.00 19.02 ? 125  LYS A O   1 
ATOM   551  C  CB  . LYS A 1 72 ? 11.296  -1.394  3.668   1.00 19.19 ? 125  LYS A CB  1 
ATOM   552  C  CG  . LYS A 1 72 ? 12.420  -0.537  3.099   1.00 21.16 ? 125  LYS A CG  1 
ATOM   553  C  CD  . LYS A 1 72 ? 12.494  -0.653  1.583   1.00 21.02 ? 125  LYS A CD  1 
ATOM   554  C  CE  . LYS A 1 72 ? 13.324  0.490   0.987   1.00 22.96 ? 125  LYS A CE  1 
ATOM   555  N  NZ  . LYS A 1 72 ? 13.337  0.424   -0.501  1.00 25.55 ? 125  LYS A NZ  1 
ATOM   556  N  N   . LEU A 1 73 ? 10.196  -3.226  6.388   1.00 18.13 ? 126  LEU A N   1 
ATOM   557  C  CA  . LEU A 1 73 ? 9.111   -4.062  6.866   1.00 17.78 ? 126  LEU A CA  1 
ATOM   558  C  C   . LEU A 1 73 ? 8.078   -3.183  7.556   1.00 18.41 ? 126  LEU A C   1 
ATOM   559  O  O   . LEU A 1 73 ? 6.874   -3.324  7.300   1.00 18.49 ? 126  LEU A O   1 
ATOM   560  C  CB  . LEU A 1 73 ? 9.647   -5.140  7.820   1.00 18.19 ? 126  LEU A CB  1 
ATOM   561  C  CG  . LEU A 1 73 ? 8.691   -6.233  8.300   1.00 16.97 ? 126  LEU A CG  1 
ATOM   562  C  CD1 . LEU A 1 73 ? 8.145   -6.989  7.085   1.00 15.31 ? 126  LEU A CD1 1 
ATOM   563  C  CD2 . LEU A 1 73 ? 9.367   -7.204  9.294   1.00 16.75 ? 126  LEU A CD2 1 
ATOM   564  O  OXT . LEU A 1 73 ? 8.440   -2.321  8.364   1.00 17.62 ? 126  LEU A OXT 1 
ATOM   565  N  N   . ASP B 1 6  ? -13.283 3.600   19.577  1.00 32.03 ? 59   ASP B N   1 
ATOM   566  C  CA  . ASP B 1 6  ? -13.385 2.111   19.468  1.00 31.72 ? 59   ASP B CA  1 
ATOM   567  C  C   . ASP B 1 6  ? -12.868 1.640   18.096  1.00 30.90 ? 59   ASP B C   1 
ATOM   568  O  O   . ASP B 1 6  ? -13.642 1.284   17.201  1.00 31.19 ? 59   ASP B O   1 
ATOM   569  C  CB  . ASP B 1 6  ? -14.837 1.704   19.687  1.00 31.85 ? 59   ASP B CB  1 
ATOM   570  C  CG  . ASP B 1 6  ? -15.058 0.224   19.509  1.00 33.46 ? 59   ASP B CG  1 
ATOM   571  O  OD1 . ASP B 1 6  ? -16.186 -0.165  19.079  1.00 33.34 ? 59   ASP B OD1 1 
ATOM   572  O  OD2 . ASP B 1 6  ? -14.089 -0.537  19.786  1.00 36.58 ? 59   ASP B OD2 1 
ATOM   573  N  N   . LEU B 1 7  ? -11.548 1.618   17.954  1.00 29.82 ? 60   LEU B N   1 
ATOM   574  C  CA  . LEU B 1 7  ? -10.921 1.689   16.629  1.00 28.49 ? 60   LEU B CA  1 
ATOM   575  C  C   . LEU B 1 7  ? -11.062 0.425   15.779  1.00 27.91 ? 60   LEU B C   1 
ATOM   576  O  O   . LEU B 1 7  ? -10.732 -0.682  16.212  1.00 27.92 ? 60   LEU B O   1 
ATOM   577  C  CB  . LEU B 1 7  ? -9.447  2.103   16.745  1.00 28.80 ? 60   LEU B CB  1 
ATOM   578  C  CG  . LEU B 1 7  ? -9.080  3.497   16.237  1.00 28.97 ? 60   LEU B CG  1 
ATOM   579  C  CD1 . LEU B 1 7  ? -10.102 4.560   16.638  1.00 28.95 ? 60   LEU B CD1 1 
ATOM   580  C  CD2 . LEU B 1 7  ? -7.693  3.835   16.725  1.00 28.11 ? 60   LEU B CD2 1 
ATOM   581  N  N   . LYS B 1 8  ? -11.565 0.626   14.566  1.00 27.11 ? 61   LYS B N   1 
ATOM   582  C  CA  . LYS B 1 8  ? -11.752 -0.440  13.589  1.00 26.40 ? 61   LYS B CA  1 
ATOM   583  C  C   . LYS B 1 8  ? -10.435 -0.762  12.902  1.00 25.63 ? 61   LYS B C   1 
ATOM   584  O  O   . LYS B 1 8  ? -10.260 -0.448  11.717  1.00 25.49 ? 61   LYS B O   1 
ATOM   585  C  CB  . LYS B 1 8  ? -12.784 -0.011  12.540  1.00 26.71 ? 61   LYS B CB  1 
ATOM   586  C  CG  . LYS B 1 8  ? -14.228 -0.189  12.942  1.00 27.60 ? 61   LYS B CG  1 
ATOM   587  C  CD  . LYS B 1 8  ? -14.511 0.158   14.364  1.00 27.61 ? 61   LYS B CD  1 
ATOM   588  C  CE  . LYS B 1 8  ? -15.978 -0.023  14.688  1.00 27.74 ? 61   LYS B CE  1 
ATOM   589  N  NZ  . LYS B 1 8  ? -16.236 0.433   16.074  1.00 26.53 ? 61   LYS B NZ  1 
ATOM   590  N  N   . ASP B 1 9  ? -9.519  -1.395  13.642  1.00 24.55 ? 62   ASP B N   1 
ATOM   591  C  CA  . ASP B 1 9  ? -8.132  -1.590  13.176  1.00 23.92 ? 62   ASP B CA  1 
ATOM   592  C  C   . ASP B 1 9  ? -7.603  -2.994  13.467  1.00 23.26 ? 62   ASP B C   1 
ATOM   593  O  O   . ASP B 1 9  ? -6.400  -3.189  13.636  1.00 23.40 ? 62   ASP B O   1 
ATOM   594  C  CB  . ASP B 1 9  ? -7.222  -0.546  13.832  1.00 24.05 ? 62   ASP B CB  1 
ATOM   595  C  CG  . ASP B 1 9  ? -7.109  -0.739  15.325  1.00 24.25 ? 62   ASP B CG  1 
ATOM   596  O  OD1 . ASP B 1 9  ? -7.893  -1.530  15.898  1.00 21.77 ? 62   ASP B OD1 1 
ATOM   597  O  OD2 . ASP B 1 9  ? -6.224  -0.113  15.931  1.00 25.81 ? 62   ASP B OD2 1 
ATOM   598  N  N   . ALA B 1 10 ? -8.501  -3.972  13.548  1.00 22.15 ? 63   ALA B N   1 
ATOM   599  C  CA  . ALA B 1 10 ? -8.097  -5.350  13.799  1.00 21.98 ? 63   ALA B CA  1 
ATOM   600  C  C   . ALA B 1 10 ? -7.321  -5.952  12.612  1.00 21.28 ? 63   ALA B C   1 
ATOM   601  O  O   . ALA B 1 10 ? -6.346  -6.675  12.812  1.00 21.94 ? 63   ALA B O   1 
ATOM   602  C  CB  . ALA B 1 10 ? -9.327  -6.211  14.141  1.00 22.21 ? 63   ALA B CB  1 
ATOM   603  N  N   . GLU B 1 11 ? -7.748  -5.630  11.391  1.00 20.37 ? 64   GLU B N   1 
ATOM   604  C  CA  . GLU B 1 11 ? -7.194  -6.222  10.183  1.00 19.60 ? 64   GLU B CA  1 
ATOM   605  C  C   . GLU B 1 11 ? -5.877  -5.529  9.812   1.00 18.35 ? 64   GLU B C   1 
ATOM   606  O  O   . GLU B 1 11 ? -5.729  -4.332  10.010  1.00 17.30 ? 64   GLU B O   1 
ATOM   607  C  CB  . GLU B 1 11 ? -8.188  -6.096  9.020   1.00 19.53 ? 64   GLU B CB  1 
ATOM   608  C  CG  . GLU B 1 11 ? -9.555  -6.751  9.251   1.00 21.37 ? 64   GLU B CG  1 
ATOM   609  C  CD  . GLU B 1 11 ? -10.604 -6.354  8.203   1.00 21.82 ? 64   GLU B CD  1 
ATOM   610  O  OE1 . GLU B 1 11 ? -10.256 -5.661  7.198   1.00 22.81 ? 64   GLU B OE1 1 
ATOM   611  O  OE2 . GLU B 1 11 ? -11.780 -6.751  8.390   1.00 23.26 ? 64   GLU B OE2 1 
ATOM   612  N  N   . ALA B 1 12 ? -4.920  -6.289  9.284   1.00 17.03 ? 65   ALA B N   1 
ATOM   613  C  CA  . ALA B 1 12 ? -3.670  -5.696  8.784   1.00 16.64 ? 65   ALA B CA  1 
ATOM   614  C  C   . ALA B 1 12 ? -3.938  -4.575  7.746   1.00 15.46 ? 65   ALA B C   1 
ATOM   615  O  O   . ALA B 1 12 ? -3.243  -3.541  7.726   1.00 14.31 ? 65   ALA B O   1 
ATOM   616  C  CB  . ALA B 1 12 ? -2.765  -6.792  8.190   1.00 15.94 ? 65   ALA B CB  1 
ATOM   617  N  N   . VAL B 1 13 ? -4.953  -4.766  6.903   1.00 15.19 ? 66   VAL B N   1 
ATOM   618  C  CA  . VAL B 1 13 ? -5.263  -3.768  5.872   1.00 15.36 ? 66   VAL B CA  1 
ATOM   619  C  C   . VAL B 1 13 ? -5.863  -2.479  6.459   1.00 14.68 ? 66   VAL B C   1 
ATOM   620  O  O   . VAL B 1 13 ? -5.592  -1.416  5.949   1.00 14.44 ? 66   VAL B O   1 
ATOM   621  C  CB  . VAL B 1 13 ? -6.142  -4.330  4.704   1.00 15.70 ? 66   VAL B CB  1 
ATOM   622  C  CG1 . VAL B 1 13 ? -7.513  -4.781  5.203   1.00 16.30 ? 66   VAL B CG1 1 
ATOM   623  C  CG2 . VAL B 1 13 ? -6.281  -3.283  3.598   1.00 16.01 ? 66   VAL B CG2 1 
ATOM   624  N  N   . GLN B 1 14 ? -6.649  -2.566  7.532   1.00 14.74 ? 67   GLN B N   1 
ATOM   625  C  CA  . GLN B 1 14 ? -7.086  -1.371  8.262   1.00 14.48 ? 67   GLN B CA  1 
ATOM   626  C  C   . GLN B 1 14 ? -5.888  -0.568  8.809   1.00 14.25 ? 67   GLN B C   1 
ATOM   627  O  O   . GLN B 1 14 ? -5.812  0.644   8.628   1.00 13.65 ? 67   GLN B O   1 
ATOM   628  C  CB  . GLN B 1 14 ? -8.037  -1.750  9.393   1.00 15.05 ? 67   GLN B CB  1 
ATOM   629  C  CG  . GLN B 1 14 ? -9.373  -2.288  8.886   1.00 16.08 ? 67   GLN B CG  1 
ATOM   630  C  CD  . GLN B 1 14 ? -10.170 -3.001  9.956   1.00 15.30 ? 67   GLN B CD  1 
ATOM   631  O  OE1 . GLN B 1 14 ? -9.612  -3.502  10.940  1.00 17.95 ? 67   GLN B OE1 1 
ATOM   632  N  NE2 . GLN B 1 14 ? -11.476 -3.044  9.776   1.00 14.03 ? 67   GLN B NE2 1 
ATOM   633  N  N   . LYS B 1 15 ? -4.948  -1.259  9.450   1.00 13.32 ? 68   LYS B N   1 
ATOM   634  C  CA  . LYS B 1 15 ? -3.710  -0.636  9.938   1.00 13.12 ? 68   LYS B CA  1 
ATOM   635  C  C   . LYS B 1 15 ? -2.963  0.030   8.779   1.00 12.03 ? 68   LYS B C   1 
ATOM   636  O  O   . LYS B 1 15 ? -2.497  1.169   8.903   1.00 10.60 ? 68   LYS B O   1 
ATOM   637  C  CB  . LYS B 1 15 ? -2.786  -1.669  10.616  1.00 12.85 ? 68   LYS B CB  1 
ATOM   638  C  CG  . LYS B 1 15 ? -3.379  -2.326  11.850  1.00 14.80 ? 68   LYS B CG  1 
ATOM   639  C  CD  . LYS B 1 15 ? -2.484  -3.408  12.447  1.00 15.37 ? 68   LYS B CD  1 
ATOM   640  C  CE  . LYS B 1 15 ? -3.022  -3.899  13.776  1.00 15.94 ? 68   LYS B CE  1 
ATOM   641  N  NZ  . LYS B 1 15 ? -4.213  -4.723  13.575  1.00 17.90 ? 68   LYS B NZ  1 
ATOM   642  N  N   . PHE B 1 16 ? -2.855  -0.690  7.660   1.00 11.81 ? 69   PHE B N   1 
ATOM   643  C  CA  . PHE B 1 16 ? -2.158  -0.207  6.466   1.00 12.54 ? 69   PHE B CA  1 
ATOM   644  C  C   . PHE B 1 16 ? -2.789  1.079   5.962   1.00 12.24 ? 69   PHE B C   1 
ATOM   645  O  O   . PHE B 1 16 ? -2.107  2.024   5.677   1.00 12.19 ? 69   PHE B O   1 
ATOM   646  C  CB  . PHE B 1 16 ? -2.127  -1.288  5.366   1.00 12.65 ? 69   PHE B CB  1 
ATOM   647  C  CG  . PHE B 1 16 ? -1.398  -0.877  4.123   1.00 11.63 ? 69   PHE B CG  1 
ATOM   648  C  CD1 . PHE B 1 16 ? -2.101  -0.576  2.962   1.00 12.85 ? 69   PHE B CD1 1 
ATOM   649  C  CD2 . PHE B 1 16 ? 0.003   -0.789  4.105   1.00 12.41 ? 69   PHE B CD2 1 
ATOM   650  C  CE1 . PHE B 1 16 ? -1.432  -0.183  1.796   1.00 12.04 ? 69   PHE B CE1 1 
ATOM   651  C  CE2 . PHE B 1 16 ? 0.663   -0.414  2.957   1.00 12.66 ? 69   PHE B CE2 1 
ATOM   652  C  CZ  . PHE B 1 16 ? -0.054  -0.105  1.794   1.00 13.10 ? 69   PHE B CZ  1 
ATOM   653  N  N   . PHE B 1 17 ? -4.106  1.101   5.874   1.00 12.23 ? 70   PHE B N   1 
ATOM   654  C  CA  . PHE B 1 17 ? -4.830  2.258   5.349   1.00 12.89 ? 70   PHE B CA  1 
ATOM   655  C  C   . PHE B 1 17 ? -4.546  3.525   6.175   1.00 13.09 ? 70   PHE B C   1 
ATOM   656  O  O   . PHE B 1 17 ? -4.201  4.582   5.633   1.00 13.39 ? 70   PHE B O   1 
ATOM   657  C  CB  . PHE B 1 17 ? -6.336  1.966   5.353   1.00 12.99 ? 70   PHE B CB  1 
ATOM   658  C  CG  . PHE B 1 17 ? -7.159  3.112   4.878   1.00 12.91 ? 70   PHE B CG  1 
ATOM   659  C  CD1 . PHE B 1 17 ? -7.350  3.318   3.527   1.00 13.76 ? 70   PHE B CD1 1 
ATOM   660  C  CD2 . PHE B 1 17 ? -7.725  4.006   5.791   1.00 14.21 ? 70   PHE B CD2 1 
ATOM   661  C  CE1 . PHE B 1 17 ? -8.102  4.404   3.071   1.00 14.35 ? 70   PHE B CE1 1 
ATOM   662  C  CE2 . PHE B 1 17 ? -8.480  5.089   5.347   1.00 14.14 ? 70   PHE B CE2 1 
ATOM   663  C  CZ  . PHE B 1 17 ? -8.656  5.288   3.977   1.00 14.47 ? 70   PHE B CZ  1 
ATOM   664  N  N   . LEU B 1 18 ? -4.651  3.392   7.485   1.00 13.54 ? 71   LEU B N   1 
ATOM   665  C  CA  . LEU B 1 18 ? -4.430  4.504   8.407   1.00 13.53 ? 71   LEU B CA  1 
ATOM   666  C  C   . LEU B 1 18 ? -2.977  5.004   8.337   1.00 13.58 ? 71   LEU B C   1 
ATOM   667  O  O   . LEU B 1 18 ? -2.725  6.210   8.278   1.00 14.10 ? 71   LEU B O   1 
ATOM   668  C  CB  . LEU B 1 18 ? -4.791  4.087   9.821   1.00 13.95 ? 71   LEU B CB  1 
ATOM   669  C  CG  . LEU B 1 18 ? -6.260  3.748   10.030  1.00 16.34 ? 71   LEU B CG  1 
ATOM   670  C  CD1 . LEU B 1 18 ? -6.489  3.194   11.415  1.00 17.11 ? 71   LEU B CD1 1 
ATOM   671  C  CD2 . LEU B 1 18 ? -7.132  4.989   9.783   1.00 18.53 ? 71   LEU B CD2 1 
ATOM   672  N  N   . GLU B 1 19 ? -2.037  4.063   8.330   1.00 12.74 ? 72   GLU B N   1 
ATOM   673  C  CA  . GLU B 1 19 ? -0.624  4.352   8.125   1.00 12.53 ? 72   GLU B CA  1 
ATOM   674  C  C   . GLU B 1 19 ? -0.359  5.131   6.848   1.00 12.37 ? 72   GLU B C   1 
ATOM   675  O  O   . GLU B 1 19 ? 0.395   6.104   6.838   1.00 12.60 ? 72   GLU B O   1 
ATOM   676  C  CB  . GLU B 1 19 ? 0.162   3.017   8.051   1.00 12.45 ? 72   GLU B CB  1 
ATOM   677  C  CG  . GLU B 1 19 ? 0.294   2.306   9.409   1.00 11.62 ? 72   GLU B CG  1 
ATOM   678  C  CD  . GLU B 1 19 ? 0.609   0.831   9.307   1.00 12.16 ? 72   GLU B CD  1 
ATOM   679  O  OE1 . GLU B 1 19 ? 0.801   0.319   8.178   1.00 11.10 ? 72   GLU B OE1 1 
ATOM   680  O  OE2 . GLU B 1 19 ? 0.680   0.176   10.373  1.00 11.48 ? 72   GLU B OE2 1 
ATOM   681  N  N   . GLU B 1 20 ? -0.941  4.671   5.744   1.00 12.96 ? 73   GLU B N   1 
ATOM   682  C  CA  . GLU B 1 20 ? -0.628  5.231   4.437   1.00 12.47 ? 73   GLU B CA  1 
ATOM   683  C  C   . GLU B 1 20 ? -1.141  6.662   4.297   1.00 12.57 ? 73   GLU B C   1 
ATOM   684  O  O   . GLU B 1 20 ? -0.414  7.526   3.778   1.00 11.79 ? 73   GLU B O   1 
ATOM   685  C  CB  . GLU B 1 20 ? -1.163  4.344   3.307   1.00 12.58 ? 73   GLU B CB  1 
ATOM   686  C  CG  . GLU B 1 20 ? -0.400  3.009   3.147   1.00 13.17 ? 73   GLU B CG  1 
ATOM   687  C  CD  . GLU B 1 20 ? 1.068   3.177   2.805   1.00 13.96 ? 73   GLU B CD  1 
ATOM   688  O  OE1 . GLU B 1 20 ? 1.907   2.863   3.674   1.00 16.01 ? 73   GLU B OE1 1 
ATOM   689  O  OE2 . GLU B 1 20 ? 1.402   3.614   1.676   1.00 15.02 ? 73   GLU B OE2 1 
ATOM   690  N  N   . ILE B 1 21 ? -2.369  6.906   4.746   1.00 12.66 ? 74   ILE B N   1 
ATOM   691  C  CA  . ILE B 1 21 ? -2.941  8.274   4.761   1.00 13.59 ? 74   ILE B CA  1 
ATOM   692  C  C   . ILE B 1 21 ? -2.128  9.284   5.596   1.00 13.78 ? 74   ILE B C   1 
ATOM   693  O  O   . ILE B 1 21 ? -1.869  10.403  5.133   1.00 13.08 ? 74   ILE B O   1 
ATOM   694  C  CB  . ILE B 1 21 ? -4.462  8.311   5.139   1.00 13.75 ? 74   ILE B CB  1 
ATOM   695  C  CG1 . ILE B 1 21 ? -4.718  7.867   6.570   1.00 14.66 ? 74   ILE B CG1 1 
ATOM   696  C  CG2 . ILE B 1 21 ? -5.309  7.471   4.141   1.00 14.26 ? 74   ILE B CG2 1 
ATOM   697  C  CD1 . ILE B 1 21 ? -6.188  7.692   6.919   1.00 14.95 ? 74   ILE B CD1 1 
ATOM   698  N  N   . GLN B 1 22 ? -1.702  8.888   6.795   1.00 14.07 ? 75   GLN B N   1 
ATOM   699  C  CA  . GLN B 1 22 ? -0.858  9.728   7.651   1.00 14.08 ? 75   GLN B CA  1 
ATOM   700  C  C   . GLN B 1 22 ? 0.553   9.948   7.044   1.00 13.90 ? 75   GLN B C   1 
ATOM   701  O  O   . GLN B 1 22 ? 1.005   11.075  6.965   1.00 13.87 ? 75   GLN B O   1 
ATOM   702  C  CB  . GLN B 1 22 ? -0.789  9.141   9.076   1.00 14.74 ? 75   GLN B CB  1 
ATOM   703  C  CG  . GLN B 1 22 ? -0.113  10.046  10.104  1.00 15.18 ? 75   GLN B CG  1 
ATOM   704  C  CD  . GLN B 1 22 ? -0.204  9.550   11.531  1.00 15.31 ? 75   GLN B CD  1 
ATOM   705  O  OE1 . GLN B 1 22 ? -1.101  8.771   11.884  1.00 22.02 ? 75   GLN B OE1 1 
ATOM   706  N  NE2 . GLN B 1 22 ? 0.716   10.009  12.375  1.00 17.26 ? 75   GLN B NE2 1 
ATOM   707  N  N   . LEU B 1 23 ? 1.221   8.894   6.572   1.00 14.63 ? 76   LEU B N   1 
ATOM   708  C  CA  . LEU B 1 23 ? 2.556   9.031   5.964   1.00 15.22 ? 76   LEU B CA  1 
ATOM   709  C  C   . LEU B 1 23 ? 2.480   9.855   4.681   1.00 15.62 ? 76   LEU B C   1 
ATOM   710  O  O   . LEU B 1 23 ? 3.348   10.682  4.409   1.00 15.08 ? 76   LEU B O   1 
ATOM   711  C  CB  . LEU B 1 23 ? 3.169   7.661   5.658   1.00 16.12 ? 76   LEU B CB  1 
ATOM   712  C  CG  . LEU B 1 23 ? 4.686   7.400   5.645   1.00 16.44 ? 76   LEU B CG  1 
ATOM   713  C  CD1 . LEU B 1 23 ? 4.955   6.177   4.768   1.00 18.32 ? 76   LEU B CD1 1 
ATOM   714  C  CD2 . LEU B 1 23 ? 5.568   8.543   5.221   1.00 19.21 ? 76   LEU B CD2 1 
ATOM   715  N  N   . GLY B 1 24 ? 1.467   9.613   3.870   1.00 16.11 ? 77   GLY B N   1 
ATOM   716  C  CA  . GLY B 1 24 ? 1.285   10.388  2.644   1.00 16.90 ? 77   GLY B CA  1 
ATOM   717  C  C   . GLY B 1 24 ? 1.152   11.883  2.914   1.00 16.94 ? 77   GLY B C   1 
ATOM   718  O  O   . GLY B 1 24 ? 1.792   12.696  2.243   1.00 16.93 ? 77   GLY B O   1 
ATOM   719  N  N   . GLU B 1 25 ? 0.338   12.235  3.911   1.00 17.67 ? 78   GLU B N   1 
ATOM   720  C  CA  . GLU B 1 25 ? 0.127   13.632  4.307   1.00 18.80 ? 78   GLU B CA  1 
ATOM   721  C  C   . GLU B 1 25 ? 1.456   14.228  4.842   1.00 19.36 ? 78   GLU B C   1 
ATOM   722  O  O   . GLU B 1 25 ? 1.843   15.345  4.470   1.00 19.22 ? 78   GLU B O   1 
ATOM   723  C  CB  . GLU B 1 25 ? -1.009  13.714  5.354   1.00 19.90 ? 78   GLU B CB  1 
ATOM   724  C  CG  . GLU B 1 25 ? -2.157  14.727  5.138   1.00 23.70 ? 78   GLU B CG  1 
ATOM   725  C  CD  . GLU B 1 25 ? -2.740  14.775  3.714   1.00 25.14 ? 78   GLU B CD  1 
ATOM   726  O  OE1 . GLU B 1 25 ? -2.171  15.503  2.879   1.00 27.59 ? 78   GLU B OE1 1 
ATOM   727  O  OE2 . GLU B 1 25 ? -3.786  14.143  3.435   1.00 26.70 ? 78   GLU B OE2 1 
ATOM   728  N  N   . GLU B 1 26 ? 2.177   13.466  5.675   1.00 19.27 ? 79   GLU B N   1 
ATOM   729  C  CA  . GLU B 1 26 ? 3.456   13.923  6.229   1.00 19.28 ? 79   GLU B CA  1 
ATOM   730  C  C   . GLU B 1 26 ? 4.493   14.224  5.131   1.00 19.44 ? 79   GLU B C   1 
ATOM   731  O  O   . GLU B 1 26 ? 5.182   15.256  5.174   1.00 18.64 ? 79   GLU B O   1 
ATOM   732  C  CB  . GLU B 1 26 ? 4.009   12.898  7.230   1.00 19.26 ? 79   GLU B CB  1 
ATOM   733  C  CG  . GLU B 1 26 ? 3.154   12.778  8.518   1.00 19.71 ? 79   GLU B CG  1 
ATOM   734  C  CD  . GLU B 1 26 ? 3.383   11.493  9.305   1.00 20.80 ? 79   GLU B CD  1 
ATOM   735  O  OE1 . GLU B 1 26 ? 4.182   10.629  8.857   1.00 23.29 ? 79   GLU B OE1 1 
ATOM   736  O  OE2 . GLU B 1 26 ? 2.755   11.346  10.385  1.00 20.46 ? 79   GLU B OE2 1 
ATOM   737  N  N   . LEU B 1 27 ? 4.600   13.325  4.157   1.00 19.04 ? 80   LEU B N   1 
ATOM   738  C  CA  . LEU B 1 27 ? 5.533   13.487  3.041   1.00 19.54 ? 80   LEU B CA  1 
ATOM   739  C  C   . LEU B 1 27 ? 5.196   14.668  2.136   1.00 19.50 ? 80   LEU B C   1 
ATOM   740  O  O   . LEU B 1 27 ? 6.091   15.372  1.654   1.00 19.30 ? 80   LEU B O   1 
ATOM   741  C  CB  . LEU B 1 27 ? 5.576   12.211  2.192   1.00 19.78 ? 80   LEU B CB  1 
ATOM   742  C  CG  . LEU B 1 27 ? 6.735   11.210  2.339   1.00 21.06 ? 80   LEU B CG  1 
ATOM   743  C  CD1 . LEU B 1 27 ? 7.494   11.292  3.643   1.00 22.34 ? 80   LEU B CD1 1 
ATOM   744  C  CD2 . LEU B 1 27 ? 6.182   9.799   2.088   1.00 19.95 ? 80   LEU B CD2 1 
ATOM   745  N  N   . LEU B 1 28 ? 3.914   14.888  1.901   1.00 19.18 ? 81   LEU B N   1 
ATOM   746  C  CA  . LEU B 1 28 ? 3.487   16.028  1.099   1.00 19.42 ? 81   LEU B CA  1 
ATOM   747  C  C   . LEU B 1 28 ? 3.927   17.346  1.756   1.00 19.97 ? 81   LEU B C   1 
ATOM   748  O  O   . LEU B 1 28 ? 4.388   18.270  1.078   1.00 19.42 ? 81   LEU B O   1 
ATOM   749  C  CB  . LEU B 1 28 ? 1.974   16.003  0.905   1.00 18.97 ? 81   LEU B CB  1 
ATOM   750  C  CG  . LEU B 1 28 ? 1.372   14.995  -0.076  1.00 17.76 ? 81   LEU B CG  1 
ATOM   751  C  CD1 . LEU B 1 28 ? -0.134  15.146  -0.050  1.00 16.79 ? 81   LEU B CD1 1 
ATOM   752  C  CD2 . LEU B 1 28 ? 1.916   15.171  -1.484  1.00 19.07 ? 81   LEU B CD2 1 
ATOM   753  N  N   . ALA B 1 29 ? 3.801   17.406  3.082   1.00 20.35 ? 82   ALA B N   1 
ATOM   754  C  CA  . ALA B 1 29 ? 4.127   18.609  3.847   1.00 20.65 ? 82   ALA B CA  1 
ATOM   755  C  C   . ALA B 1 29 ? 5.602   18.964  3.736   1.00 21.12 ? 82   ALA B C   1 
ATOM   756  O  O   . ALA B 1 29 ? 5.962   20.127  3.862   1.00 21.48 ? 82   ALA B O   1 
ATOM   757  C  CB  . ALA B 1 29 ? 3.745   18.431  5.296   1.00 20.56 ? 82   ALA B CB  1 
ATOM   758  N  N   . GLN B 1 30 ? 6.433   17.943  3.518   1.00 21.44 ? 83   GLN B N   1 
ATOM   759  C  CA  . GLN B 1 30 ? 7.886   18.074  3.337   1.00 21.77 ? 83   GLN B CA  1 
ATOM   760  C  C   . GLN B 1 30 ? 8.296   18.283  1.867   1.00 21.31 ? 83   GLN B C   1 
ATOM   761  O  O   . GLN B 1 30 ? 9.489   18.350  1.548   1.00 20.76 ? 83   GLN B O   1 
ATOM   762  C  CB  . GLN B 1 30 ? 8.570   16.799  3.847   1.00 21.91 ? 83   GLN B CB  1 
ATOM   763  C  CG  . GLN B 1 30 ? 8.357   16.491  5.341   1.00 23.55 ? 83   GLN B CG  1 
ATOM   764  C  CD  . GLN B 1 30 ? 8.915   15.126  5.761   1.00 24.18 ? 83   GLN B CD  1 
ATOM   765  O  OE1 . GLN B 1 30 ? 8.876   14.152  4.992   1.00 28.34 ? 83   GLN B OE1 1 
ATOM   766  N  NE2 . GLN B 1 30 ? 9.412   15.043  6.995   1.00 27.88 ? 83   GLN B NE2 1 
ATOM   767  N  N   . GLY B 1 31 ? 7.315   18.353  0.973   1.00 21.09 ? 84   GLY B N   1 
ATOM   768  C  CA  . GLY B 1 31 ? 7.575   18.472  -0.455  1.00 20.75 ? 84   GLY B CA  1 
ATOM   769  C  C   . GLY B 1 31 ? 7.976   17.190  -1.161  1.00 20.56 ? 84   GLY B C   1 
ATOM   770  O  O   . GLY B 1 31 ? 8.433   17.238  -2.303  1.00 20.12 ? 84   GLY B O   1 
ATOM   771  N  N   . ASP B 1 32 ? 7.773   16.042  -0.509  1.00 20.42 ? 85   ASP B N   1 
ATOM   772  C  CA  . ASP B 1 32 ? 8.037   14.736  -1.114  1.00 20.65 ? 85   ASP B CA  1 
ATOM   773  C  C   . ASP B 1 32 ? 6.740   14.310  -1.831  1.00 20.58 ? 85   ASP B C   1 
ATOM   774  O  O   . ASP B 1 32 ? 6.003   13.444  -1.359  1.00 20.10 ? 85   ASP B O   1 
ATOM   775  C  CB  . ASP B 1 32 ? 8.473   13.726  -0.021  1.00 20.86 ? 85   ASP B CB  1 
ATOM   776  C  CG  . ASP B 1 32 ? 9.734   12.936  -0.395  1.00 22.98 ? 85   ASP B CG  1 
ATOM   777  O  OD1 . ASP B 1 32 ? 10.566  12.646  0.497   1.00 24.22 ? 85   ASP B OD1 1 
ATOM   778  O  OD2 . ASP B 1 32 ? 9.897   12.583  -1.577  1.00 25.40 ? 85   ASP B OD2 1 
ATOM   779  N  N   . TYR B 1 33 ? 6.450   14.959  -2.955  1.00 20.39 ? 86   TYR B N   1 
ATOM   780  C  CA  . TYR B 1 33 ? 5.132   14.854  -3.596  1.00 20.67 ? 86   TYR B CA  1 
ATOM   781  C  C   . TYR B 1 33 ? 4.901   13.505  -4.277  1.00 21.10 ? 86   TYR B C   1 
ATOM   782  O  O   . TYR B 1 33 ? 3.829   12.928  -4.151  1.00 21.54 ? 86   TYR B O   1 
ATOM   783  C  CB  . TYR B 1 33 ? 4.938   15.958  -4.638  1.00 20.44 ? 86   TYR B CB  1 
ATOM   784  C  CG  . TYR B 1 33 ? 4.841   17.370  -4.107  1.00 20.34 ? 86   TYR B CG  1 
ATOM   785  C  CD1 . TYR B 1 33 ? 3.688   17.827  -3.491  1.00 19.30 ? 86   TYR B CD1 1 
ATOM   786  C  CD2 . TYR B 1 33 ? 5.897   18.265  -4.275  1.00 20.13 ? 86   TYR B CD2 1 
ATOM   787  C  CE1 . TYR B 1 33 ? 3.597   19.131  -3.011  1.00 20.91 ? 86   TYR B CE1 1 
ATOM   788  C  CE2 . TYR B 1 33 ? 5.811   19.569  -3.820  1.00 20.54 ? 86   TYR B CE2 1 
ATOM   789  C  CZ  . TYR B 1 33 ? 4.668   19.998  -3.185  1.00 20.26 ? 86   TYR B CZ  1 
ATOM   790  O  OH  . TYR B 1 33 ? 4.600   21.289  -2.733  1.00 20.79 ? 86   TYR B OH  1 
ATOM   791  N  N   . GLU B 1 34 ? 5.904   13.013  -5.003  1.00 21.79 ? 87   GLU B N   1 
ATOM   792  C  CA  . GLU B 1 34 ? 5.811   11.710  -5.682  1.00 21.78 ? 87   GLU B CA  1 
ATOM   793  C  C   . GLU B 1 34 ? 5.462   10.627  -4.655  1.00 21.14 ? 87   GLU B C   1 
ATOM   794  O  O   . GLU B 1 34 ? 4.476   9.884   -4.825  1.00 19.96 ? 87   GLU B O   1 
ATOM   795  C  CB  . GLU B 1 34 ? 7.128   11.381  -6.407  1.00 22.33 ? 87   GLU B CB  1 
ATOM   796  C  CG  . GLU B 1 34 ? 7.417   9.875   -6.607  1.00 24.13 ? 87   GLU B CG  1 
ATOM   797  C  CD  . GLU B 1 34 ? 8.848   9.569   -7.030  1.00 24.89 ? 87   GLU B CD  1 
ATOM   798  O  OE1 . GLU B 1 34 ? 9.603   8.965   -6.220  1.00 30.29 ? 87   GLU B OE1 1 
ATOM   799  O  OE2 . GLU B 1 34 ? 9.225   9.922   -8.174  1.00 30.70 ? 87   GLU B OE2 1 
ATOM   800  N  N   . LYS B 1 35 ? 6.268   10.568  -3.588  1.00 20.48 ? 88   LYS B N   1 
ATOM   801  C  CA  . LYS B 1 35 ? 6.143   9.520   -2.572  1.00 20.01 ? 88   LYS B CA  1 
ATOM   802  C  C   . LYS B 1 35 ? 4.888   9.693   -1.748  1.00 18.80 ? 88   LYS B C   1 
ATOM   803  O  O   . LYS B 1 35 ? 4.242   8.705   -1.407  1.00 18.43 ? 88   LYS B O   1 
ATOM   804  C  CB  . LYS B 1 35 ? 7.359   9.493   -1.650  1.00 20.26 ? 88   LYS B CB  1 
ATOM   805  C  CG  . LYS B 1 35 ? 8.642   9.028   -2.327  1.00 21.31 ? 88   LYS B CG  1 
ATOM   806  C  CD  . LYS B 1 35 ? 9.819   9.159   -1.381  1.00 21.19 ? 88   LYS B CD  1 
ATOM   807  C  CE  . LYS B 1 35 ? 11.137  8.886   -2.061  1.00 22.46 ? 88   LYS B CE  1 
ATOM   808  N  NZ  . LYS B 1 35 ? 12.269  9.018   -1.081  1.00 22.79 ? 88   LYS B NZ  1 
ATOM   809  N  N   . GLY B 1 36 ? 4.550   10.938  -1.418  1.00 17.76 ? 89   GLY B N   1 
ATOM   810  C  CA  . GLY B 1 36 ? 3.333   11.228  -0.663  1.00 17.70 ? 89   GLY B CA  1 
ATOM   811  C  C   . GLY B 1 36 ? 2.108   10.767  -1.427  1.00 16.94 ? 89   GLY B C   1 
ATOM   812  O  O   . GLY B 1 36 ? 1.189   10.130  -0.863  1.00 16.59 ? 89   GLY B O   1 
ATOM   813  N  N   . VAL B 1 37 ? 2.096   11.072  -2.723  1.00 16.85 ? 90   VAL B N   1 
ATOM   814  C  CA  . VAL B 1 37 ? 1.018   10.624  -3.600  1.00 16.04 ? 90   VAL B CA  1 
ATOM   815  C  C   . VAL B 1 37 ? 0.997   9.104   -3.696  1.00 15.70 ? 90   VAL B C   1 
ATOM   816  O  O   . VAL B 1 37 ? -0.071  8.507   -3.625  1.00 14.54 ? 90   VAL B O   1 
ATOM   817  C  CB  . VAL B 1 37 ? 1.073   11.269  -5.013  1.00 16.36 ? 90   VAL B CB  1 
ATOM   818  C  CG1 . VAL B 1 37 ? 0.190   10.513  -5.980  1.00 15.71 ? 90   VAL B CG1 1 
ATOM   819  C  CG2 . VAL B 1 37 ? 0.637   12.726  -4.930  1.00 16.05 ? 90   VAL B CG2 1 
ATOM   820  N  N   . ASP B 1 38 ? 2.164   8.484   -3.821  1.00 14.96 ? 91   ASP B N   1 
ATOM   821  C  CA  . ASP B 1 38 ? 2.256   7.017   -3.830  1.00 14.97 ? 91   ASP B CA  1 
ATOM   822  C  C   . ASP B 1 38 ? 1.564   6.423   -2.597  1.00 13.95 ? 91   ASP B C   1 
ATOM   823  O  O   . ASP B 1 38 ? 0.745   5.504   -2.717  1.00 13.04 ? 91   ASP B O   1 
ATOM   824  C  CB  . ASP B 1 38 ? 3.708   6.549   -3.891  1.00 15.80 ? 91   ASP B CB  1 
ATOM   825  C  CG  . ASP B 1 38 ? 4.343   6.743   -5.262  1.00 17.47 ? 91   ASP B CG  1 
ATOM   826  O  OD1 . ASP B 1 38 ? 3.617   6.926   -6.262  1.00 21.29 ? 91   ASP B OD1 1 
ATOM   827  O  OD2 . ASP B 1 38 ? 5.586   6.725   -5.326  1.00 21.81 ? 91   ASP B OD2 1 
ATOM   828  N  N   . HIS B 1 39 ? 1.830   6.979   -1.421  1.00 13.43 ? 92   HIS B N   1 
ATOM   829  C  CA  . HIS B 1 39 ? 1.160   6.469   -0.215  1.00 13.89 ? 92   HIS B CA  1 
ATOM   830  C  C   . HIS B 1 39 ? -0.335  6.730   -0.179  1.00 13.46 ? 92   HIS B C   1 
ATOM   831  O  O   . HIS B 1 39 ? -1.106  5.844   0.200   1.00 12.32 ? 92   HIS B O   1 
ATOM   832  C  CB  . HIS B 1 39 ? 1.862   6.935   1.063   1.00 14.37 ? 92   HIS B CB  1 
ATOM   833  C  CG  . HIS B 1 39 ? 3.250   6.399   1.179   1.00 14.97 ? 92   HIS B CG  1 
ATOM   834  N  ND1 . HIS B 1 39 ? 3.510   5.064   1.409   1.00 15.79 ? 92   HIS B ND1 1 
ATOM   835  C  CD2 . HIS B 1 39 ? 4.453   6.998   1.031   1.00 16.24 ? 92   HIS B CD2 1 
ATOM   836  C  CE1 . HIS B 1 39 ? 4.817   4.868   1.425   1.00 17.42 ? 92   HIS B CE1 1 
ATOM   837  N  NE2 . HIS B 1 39 ? 5.412   6.028   1.207   1.00 17.46 ? 92   HIS B NE2 1 
ATOM   838  N  N   . LEU B 1 40 ? -0.764  7.901   -0.628  1.00 13.10 ? 93   LEU B N   1 
ATOM   839  C  CA  . LEU B 1 40 ? -2.191  8.174   -0.746  1.00 13.98 ? 93   LEU B CA  1 
ATOM   840  C  C   . LEU B 1 40 ? -2.895  7.206   -1.742  1.00 13.44 ? 93   LEU B C   1 
ATOM   841  O  O   . LEU B 1 40 ? -4.014  6.747   -1.474  1.00 12.08 ? 93   LEU B O   1 
ATOM   842  C  CB  . LEU B 1 40 ? -2.416  9.642   -1.151  1.00 13.91 ? 93   LEU B CB  1 
ATOM   843  C  CG  . LEU B 1 40 ? -2.726  10.726  -0.071  1.00 16.41 ? 93   LEU B CG  1 
ATOM   844  C  CD1 . LEU B 1 40 ? -2.427  10.352  1.355   1.00 15.35 ? 93   LEU B CD1 1 
ATOM   845  C  CD2 . LEU B 1 40 ? -2.163  12.091  -0.429  1.00 15.21 ? 93   LEU B CD2 1 
ATOM   846  N  N   . THR B 1 41 ? -2.243  6.888   -2.859  1.00 13.27 ? 94   THR B N   1 
ATOM   847  C  CA  . THR B 1 41 ? -2.841  5.960   -3.835  1.00 13.59 ? 94   THR B CA  1 
ATOM   848  C  C   . THR B 1 41 ? -2.802  4.503   -3.340  1.00 12.92 ? 94   THR B C   1 
ATOM   849  O  O   . THR B 1 41 ? -3.682  3.731   -3.692  1.00 12.24 ? 94   THR B O   1 
ATOM   850  C  CB  . THR B 1 41 ? -2.266  6.121   -5.249  1.00 14.17 ? 94   THR B CB  1 
ATOM   851  O  OG1 . THR B 1 41 ? -0.841  5.946   -5.237  1.00 13.42 ? 94   THR B OG1 1 
ATOM   852  C  CG2 . THR B 1 41 ? -2.642  7.535   -5.815  1.00 15.19 ? 94   THR B CG2 1 
ATOM   853  N  N   . ASN B 1 42 ? -1.851  4.158   -2.469  1.00 12.66 ? 95   ASN B N   1 
ATOM   854  C  CA  . ASN B 1 42 ? -1.891  2.865   -1.784  1.00 12.88 ? 95   ASN B CA  1 
ATOM   855  C  C   . ASN B 1 42 ? -3.168  2.724   -0.958  1.00 12.29 ? 95   ASN B C   1 
ATOM   856  O  O   . ASN B 1 42 ? -3.871  1.722   -1.040  1.00 12.39 ? 95   ASN B O   1 
ATOM   857  C  CB  . ASN B 1 42 ? -0.666  2.635   -0.896  1.00 12.94 ? 95   ASN B CB  1 
ATOM   858  C  CG  . ASN B 1 42 ? 0.605   2.405   -1.688  1.00 13.94 ? 95   ASN B CG  1 
ATOM   859  O  OD1 . ASN B 1 42 ? 0.573   2.008   -2.858  1.00 14.63 ? 95   ASN B OD1 1 
ATOM   860  N  ND2 . ASN B 1 42 ? 1.738   2.671   -1.057  1.00 13.76 ? 95   ASN B ND2 1 
ATOM   861  N  N   . ALA B 1 43 ? -3.477  3.756   -0.177  1.00 12.30 ? 96   ALA B N   1 
ATOM   862  C  CA  . ALA B 1 43 ? -4.654  3.747   0.671   1.00 11.70 ? 96   ALA B CA  1 
ATOM   863  C  C   . ALA B 1 43 ? -5.935  3.668   -0.163  1.00 11.89 ? 96   ALA B C   1 
ATOM   864  O  O   . ALA B 1 43 ? -6.846  2.912   0.151   1.00 11.50 ? 96   ALA B O   1 
ATOM   865  C  CB  . ALA B 1 43 ? -4.647  4.983   1.544   1.00 11.78 ? 96   ALA B CB  1 
ATOM   866  N  N   . ILE B 1 44 ? -6.018  4.465   -1.223  1.00 12.24 ? 97   ILE B N   1 
ATOM   867  C  CA  . ILE B 1 44 ? -7.169  4.397   -2.135  1.00 12.00 ? 97   ILE B CA  1 
ATOM   868  C  C   . ILE B 1 44 ? -7.319  2.971   -2.726  1.00 12.35 ? 97   ILE B C   1 
ATOM   869  O  O   . ILE B 1 44 ? -8.439  2.458   -2.816  1.00 11.11 ? 97   ILE B O   1 
ATOM   870  C  CB  . ILE B 1 44 ? -7.062  5.406   -3.276  1.00 12.03 ? 97   ILE B CB  1 
ATOM   871  C  CG1 . ILE B 1 44 ? -7.242  6.840   -2.780  1.00 12.27 ? 97   ILE B CG1 1 
ATOM   872  C  CG2 . ILE B 1 44 ? -8.117  5.123   -4.373  1.00 12.58 ? 97   ILE B CG2 1 
ATOM   873  C  CD1 . ILE B 1 44 ? -6.743  7.891   -3.774  1.00 10.67 ? 97   ILE B CD1 1 
ATOM   874  N  N   . ALA B 1 45 ? -6.182  2.343   -3.055  1.00 12.07 ? 98   ALA B N   1 
ATOM   875  C  CA  . ALA B 1 45 ? -6.132  1.001   -3.651  1.00 12.78 ? 98   ALA B CA  1 
ATOM   876  C  C   . ALA B 1 45 ? -6.707  -0.168  -2.814  1.00 12.93 ? 98   ALA B C   1 
ATOM   877  O  O   . ALA B 1 45 ? -7.028  -1.218  -3.379  1.00 12.64 ? 98   ALA B O   1 
ATOM   878  C  CB  . ALA B 1 45 ? -4.716  0.675   -4.063  1.00 12.38 ? 98   ALA B CB  1 
ATOM   879  N  N   . VAL B 1 46 ? -6.791  0.005   -1.491  1.00 13.14 ? 99   VAL B N   1 
ATOM   880  C  CA  . VAL B 1 46 ? -7.322  -1.023  -0.588  1.00 14.00 ? 99   VAL B CA  1 
ATOM   881  C  C   . VAL B 1 46 ? -8.730  -0.663  -0.087  1.00 15.11 ? 99   VAL B C   1 
ATOM   882  O  O   . VAL B 1 46 ? -9.302  -1.355  0.762   1.00 15.68 ? 99   VAL B O   1 
ATOM   883  C  CB  . VAL B 1 46 ? -6.345  -1.325  0.592   1.00 13.16 ? 99   VAL B CB  1 
ATOM   884  C  CG1 . VAL B 1 46 ? -4.987  -1.823  0.054   1.00 11.96 ? 99   VAL B CG1 1 
ATOM   885  C  CG2 . VAL B 1 46 ? -6.188  -0.110  1.526   1.00 12.41 ? 99   VAL B CG2 1 
ATOM   886  N  N   . CYS B 1 47 ? -9.283  0.418   -0.639  1.00 17.56 ? 100  CYS B N   1 
ATOM   887  C  CA  . CYS B 1 47 ? -10.554 0.972   -0.214  1.00 18.31 ? 100  CYS B CA  1 
ATOM   888  C  C   . CYS B 1 47 ? -11.550 0.580   -1.297  1.00 18.78 ? 100  CYS B C   1 
ATOM   889  O  O   . CYS B 1 47 ? -11.408 0.983   -2.441  1.00 19.63 ? 100  CYS B O   1 
ATOM   890  C  CB  . CYS B 1 47 ? -10.398 2.493   -0.027  1.00 18.78 ? 100  CYS B CB  1 
ATOM   891  S  SG  . CYS B 1 47 ? -11.822 3.480   0.434   1.00 22.62 ? 100  CYS B SG  1 
ATOM   892  N  N   . GLY B 1 48 ? -12.526 -0.244  -0.928  1.00 18.92 ? 101  GLY B N   1 
ATOM   893  C  CA  . GLY B 1 48 ? -13.486 -0.833  -1.865  1.00 19.15 ? 101  GLY B CA  1 
ATOM   894  C  C   . GLY B 1 48 ? -14.424 0.160   -2.527  1.00 19.50 ? 101  GLY B C   1 
ATOM   895  O  O   . GLY B 1 48 ? -14.771 -0.011  -3.689  1.00 19.95 ? 101  GLY B O   1 
ATOM   896  N  N   . GLN B 1 49 ? -14.834 1.194   -1.791  1.00 19.99 ? 102  GLN B N   1 
ATOM   897  C  CA  . GLN B 1 49 ? -15.656 2.281   -2.346  1.00 19.83 ? 102  GLN B CA  1 
ATOM   898  C  C   . GLN B 1 49 ? -15.016 3.618   -2.009  1.00 18.98 ? 102  GLN B C   1 
ATOM   899  O  O   . GLN B 1 49 ? -15.404 4.268   -1.050  1.00 20.37 ? 102  GLN B O   1 
ATOM   900  C  CB  . GLN B 1 49 ? -17.091 2.217   -1.795  1.00 20.36 ? 102  GLN B CB  1 
ATOM   901  C  CG  . GLN B 1 49 ? -18.036 3.280   -2.388  1.00 22.85 ? 102  GLN B CG  1 
ATOM   902  C  CD  . GLN B 1 49 ? -17.909 3.398   -3.907  1.00 26.52 ? 102  GLN B CD  1 
ATOM   903  O  OE1 . GLN B 1 49 ? -17.124 4.223   -4.425  1.00 28.57 ? 102  GLN B OE1 1 
ATOM   904  N  NE2 . GLN B 1 49 ? -18.669 2.567   -4.632  1.00 29.28 ? 102  GLN B NE2 1 
ATOM   905  N  N   . PRO B 1 50 ? -13.990 4.016   -2.771  1.00 17.73 ? 103  PRO B N   1 
ATOM   906  C  CA  . PRO B 1 50 ? -13.255 5.215   -2.436  1.00 17.21 ? 103  PRO B CA  1 
ATOM   907  C  C   . PRO B 1 50 ? -13.874 6.518   -2.964  1.00 16.31 ? 103  PRO B C   1 
ATOM   908  O  O   . PRO B 1 50 ? -13.168 7.502   -3.057  1.00 15.54 ? 103  PRO B O   1 
ATOM   909  C  CB  . PRO B 1 50 ? -11.907 4.970   -3.104  1.00 17.24 ? 103  PRO B CB  1 
ATOM   910  C  CG  . PRO B 1 50 ? -12.272 4.201   -4.336  1.00 17.91 ? 103  PRO B CG  1 
ATOM   911  C  CD  . PRO B 1 50 ? -13.443 3.355   -3.969  1.00 17.08 ? 103  PRO B CD  1 
ATOM   912  N  N   . GLN B 1 51 ? -15.162 6.535   -3.309  1.00 16.58 ? 104  GLN B N   1 
ATOM   913  C  CA  . GLN B 1 51 ? -15.777 7.764   -3.863  1.00 16.58 ? 104  GLN B CA  1 
ATOM   914  C  C   . GLN B 1 51 ? -15.631 8.986   -2.940  1.00 15.88 ? 104  GLN B C   1 
ATOM   915  O  O   . GLN B 1 51 ? -15.165 10.048  -3.357  1.00 15.61 ? 104  GLN B O   1 
ATOM   916  C  CB  . GLN B 1 51 ? -17.258 7.533   -4.147  1.00 16.64 ? 104  GLN B CB  1 
ATOM   917  C  CG  . GLN B 1 51 ? -17.995 8.819   -4.466  1.00 17.90 ? 104  GLN B CG  1 
ATOM   918  C  CD  . GLN B 1 51 ? -19.376 8.546   -4.946  1.00 18.36 ? 104  GLN B CD  1 
ATOM   919  O  OE1 . GLN B 1 51 ? -19.557 8.099   -6.068  1.00 21.85 ? 104  GLN B OE1 1 
ATOM   920  N  NE2 . GLN B 1 51 ? -20.367 8.807   -4.101  1.00 19.92 ? 104  GLN B NE2 1 
ATOM   921  N  N   . GLN B 1 52 ? -16.026 8.834   -1.681  1.00 15.37 ? 105  GLN B N   1 
ATOM   922  C  CA  . GLN B 1 52 ? -15.923 9.947   -0.748  1.00 15.28 ? 105  GLN B CA  1 
ATOM   923  C  C   . GLN B 1 52 ? -14.469 10.315  -0.439  1.00 14.53 ? 105  GLN B C   1 
ATOM   924  O  O   . GLN B 1 52 ? -14.154 11.491  -0.296  1.00 14.42 ? 105  GLN B O   1 
ATOM   925  C  CB  . GLN B 1 52 ? -16.740 9.679   0.513   1.00 15.13 ? 105  GLN B CB  1 
ATOM   926  C  CG  . GLN B 1 52 ? -18.249 9.757   0.226   1.00 15.68 ? 105  GLN B CG  1 
ATOM   927  C  CD  . GLN B 1 52 ? -19.097 9.547   1.461   1.00 16.07 ? 105  GLN B CD  1 
ATOM   928  O  OE1 . GLN B 1 52 ? -18.579 9.309   2.560   1.00 18.95 ? 105  GLN B OE1 1 
ATOM   929  N  NE2 . GLN B 1 52 ? -20.409 9.616   1.290   1.00 15.66 ? 105  GLN B NE2 1 
ATOM   930  N  N   . LEU B 1 53 ? -13.588 9.321   -0.359  1.00 14.06 ? 106  LEU B N   1 
ATOM   931  C  CA  . LEU B 1 53 ? -12.176 9.580   -0.124  1.00 14.19 ? 106  LEU B CA  1 
ATOM   932  C  C   . LEU B 1 53 ? -11.584 10.393  -1.277  1.00 13.71 ? 106  LEU B C   1 
ATOM   933  O  O   . LEU B 1 53 ? -10.861 11.360  -1.051  1.00 12.77 ? 106  LEU B O   1 
ATOM   934  C  CB  . LEU B 1 53 ? -11.425 8.255   0.102   1.00 14.42 ? 106  LEU B CB  1 
ATOM   935  C  CG  . LEU B 1 53 ? -9.912  8.295   0.366   1.00 14.28 ? 106  LEU B CG  1 
ATOM   936  C  CD1 . LEU B 1 53 ? -9.582  9.155   1.618   1.00 16.07 ? 106  LEU B CD1 1 
ATOM   937  C  CD2 . LEU B 1 53 ? -9.412  6.882   0.515   1.00 14.05 ? 106  LEU B CD2 1 
ATOM   938  N  N   . LEU B 1 54 ? -11.912 10.008  -2.516  1.00 13.99 ? 107  LEU B N   1 
ATOM   939  C  CA  . LEU B 1 54 ? -11.472 10.751  -3.703  1.00 14.28 ? 107  LEU B CA  1 
ATOM   940  C  C   . LEU B 1 54 ? -11.989 12.174  -3.711  1.00 14.47 ? 107  LEU B C   1 
ATOM   941  O  O   . LEU B 1 54 ? -11.267 13.093  -4.078  1.00 14.87 ? 107  LEU B O   1 
ATOM   942  C  CB  . LEU B 1 54 ? -11.929 10.060  -4.988  1.00 14.03 ? 107  LEU B CB  1 
ATOM   943  C  CG  . LEU B 1 54 ? -11.126 8.823   -5.344  1.00 12.68 ? 107  LEU B CG  1 
ATOM   944  C  CD1 . LEU B 1 54 ? -11.755 8.057   -6.563  1.00 11.76 ? 107  LEU B CD1 1 
ATOM   945  C  CD2 . LEU B 1 54 ? -9.741  9.263   -5.635  1.00 14.40 ? 107  LEU B CD2 1 
ATOM   946  N  N   . GLN B 1 55 ? -13.242 12.328  -3.310  1.00 15.35 ? 108  GLN B N   1 
ATOM   947  C  CA  . GLN B 1 55 ? -13.899 13.632  -3.195  1.00 16.56 ? 108  GLN B CA  1 
ATOM   948  C  C   . GLN B 1 55 ? -13.227 14.550  -2.202  1.00 17.03 ? 108  GLN B C   1 
ATOM   949  O  O   . GLN B 1 55 ? -13.029 15.729  -2.472  1.00 16.99 ? 108  GLN B O   1 
ATOM   950  C  CB  . GLN B 1 55 ? -15.371 13.447  -2.807  1.00 16.95 ? 108  GLN B CB  1 
ATOM   951  C  CG  . GLN B 1 55 ? -16.283 13.338  -4.000  1.00 17.73 ? 108  GLN B CG  1 
ATOM   952  C  CD  . GLN B 1 55 ? -17.739 13.174  -3.612  1.00 18.40 ? 108  GLN B CD  1 
ATOM   953  O  OE1 . GLN B 1 55 ? -18.135 12.149  -3.057  1.00 18.53 ? 108  GLN B OE1 1 
ATOM   954  N  NE2 . GLN B 1 55 ? -18.546 14.177  -3.931  1.00 19.86 ? 108  GLN B NE2 1 
ATOM   955  N  N   . VAL B 1 56 ? -12.879 14.010  -1.045  1.00 18.48 ? 109  VAL B N   1 
ATOM   956  C  CA  . VAL B 1 56 ? -12.238 14.808  -0.019  1.00 19.17 ? 109  VAL B CA  1 
ATOM   957  C  C   . VAL B 1 56 ? -10.801 15.109  -0.459  1.00 19.80 ? 109  VAL B C   1 
ATOM   958  O  O   . VAL B 1 56 ? -10.292 16.219  -0.257  1.00 20.05 ? 109  VAL B O   1 
ATOM   959  C  CB  . VAL B 1 56 ? -12.332 14.112  1.353   1.00 19.11 ? 109  VAL B CB  1 
ATOM   960  C  CG1 . VAL B 1 56 ? -11.465 14.823  2.397   1.00 19.81 ? 109  VAL B CG1 1 
ATOM   961  C  CG2 . VAL B 1 56 ? -13.793 14.065  1.801   1.00 18.25 ? 109  VAL B CG2 1 
ATOM   962  N  N   . LEU B 1 57 ? -10.167 14.135  -1.107  1.00 20.44 ? 110  LEU B N   1 
ATOM   963  C  CA  . LEU B 1 57 ? -8.824  14.326  -1.659  1.00 21.23 ? 110  LEU B CA  1 
ATOM   964  C  C   . LEU B 1 57 ? -8.808  15.461  -2.690  1.00 21.47 ? 110  LEU B C   1 
ATOM   965  O  O   . LEU B 1 57 ? -7.949  16.318  -2.632  1.00 21.21 ? 110  LEU B O   1 
ATOM   966  C  CB  . LEU B 1 57 ? -8.296  13.026  -2.285  1.00 21.21 ? 110  LEU B CB  1 
ATOM   967  C  CG  . LEU B 1 57 ? -7.148  12.209  -1.669  1.00 23.23 ? 110  LEU B CG  1 
ATOM   968  C  CD1 . LEU B 1 57 ? -6.662  12.738  -0.282  1.00 22.95 ? 110  LEU B CD1 1 
ATOM   969  C  CD2 . LEU B 1 57 ? -7.457  10.722  -1.649  1.00 21.55 ? 110  LEU B CD2 1 
ATOM   970  N  N   . GLN B 1 58 ? -9.756  15.476  -3.627  1.00 22.68 ? 111  GLN B N   1 
ATOM   971  C  CA  . GLN B 1 58 ? -9.817  16.582  -4.604  1.00 23.94 ? 111  GLN B CA  1 
ATOM   972  C  C   . GLN B 1 58 ? -10.168 17.937  -3.959  1.00 24.57 ? 111  GLN B C   1 
ATOM   973  O  O   . GLN B 1 58 ? -9.839  18.996  -4.507  1.00 25.60 ? 111  GLN B O   1 
ATOM   974  C  CB  . GLN B 1 58 ? -10.774 16.292  -5.754  1.00 24.10 ? 111  GLN B CB  1 
ATOM   975  C  CG  . GLN B 1 58 ? -12.201 16.053  -5.365  1.00 27.06 ? 111  GLN B CG  1 
ATOM   976  C  CD  . GLN B 1 58 ? -13.195 16.757  -6.272  1.00 29.14 ? 111  GLN B CD  1 
ATOM   977  O  OE1 . GLN B 1 58 ? -12.819 17.334  -7.295  1.00 29.15 ? 111  GLN B OE1 1 
ATOM   978  N  NE2 . GLN B 1 58 ? -14.480 16.721  -5.884  1.00 29.95 ? 111  GLN B NE2 1 
ATOM   979  N  N   . GLN B 1 59 ? -10.841 17.898  -2.816  1.00 24.70 ? 112  GLN B N   1 
ATOM   980  C  CA  . GLN B 1 59 ? -11.136 19.109  -2.056  1.00 24.70 ? 112  GLN B CA  1 
ATOM   981  C  C   . GLN B 1 59 ? -9.940  19.631  -1.267  1.00 24.77 ? 112  GLN B C   1 
ATOM   982  O  O   . GLN B 1 59 ? -9.856  20.834  -0.991  1.00 26.10 ? 112  GLN B O   1 
ATOM   983  C  CB  . GLN B 1 59 ? -12.272 18.848  -1.072  1.00 25.19 ? 112  GLN B CB  1 
ATOM   984  C  CG  . GLN B 1 59 ? -13.609 18.593  -1.718  1.00 26.18 ? 112  GLN B CG  1 
ATOM   985  C  CD  . GLN B 1 59 ? -14.471 19.813  -1.728  1.00 28.64 ? 112  GLN B CD  1 
ATOM   986  O  OE1 . GLN B 1 59 ? -15.587 19.786  -1.219  1.00 30.60 ? 112  GLN B OE1 1 
ATOM   987  N  NE2 . GLN B 1 59 ? -13.965 20.902  -2.303  1.00 30.04 ? 112  GLN B NE2 1 
ATOM   988  N  N   . THR B 1 60 ? -9.044  18.740  -0.855  1.00 24.30 ? 113  THR B N   1 
ATOM   989  C  CA  . THR B 1 60 ? -7.984  19.112  0.081   1.00 23.31 ? 113  THR B CA  1 
ATOM   990  C  C   . THR B 1 60 ? -6.580  19.219  -0.533  1.00 23.06 ? 113  THR B C   1 
ATOM   991  O  O   . THR B 1 60 ? -5.709  19.885  0.038   1.00 22.95 ? 113  THR B O   1 
ATOM   992  C  CB  . THR B 1 60 ? -7.971  18.183  1.299   1.00 23.48 ? 113  THR B CB  1 
ATOM   993  O  OG1 . THR B 1 60 ? -7.713  16.831  0.893   1.00 23.29 ? 113  THR B OG1 1 
ATOM   994  C  CG2 . THR B 1 60 ? -9.338  18.256  2.039   1.00 22.57 ? 113  THR B CG2 1 
ATOM   995  N  N   . LEU B 1 61 ? -6.369  18.589  -1.688  1.00 22.16 ? 114  LEU B N   1 
ATOM   996  C  CA  . LEU B 1 61 ? -5.072  18.648  -2.372  1.00 21.61 ? 114  LEU B CA  1 
ATOM   997  C  C   . LEU B 1 61 ? -5.011  19.811  -3.353  1.00 20.85 ? 114  LEU B C   1 
ATOM   998  O  O   . LEU B 1 61 ? -6.021  20.180  -3.941  1.00 20.35 ? 114  LEU B O   1 
ATOM   999  C  CB  . LEU B 1 61 ? -4.792  17.341  -3.128  1.00 20.77 ? 114  LEU B CB  1 
ATOM   1000 C  CG  . LEU B 1 61 ? -4.511  16.104  -2.274  1.00 20.57 ? 114  LEU B CG  1 
ATOM   1001 C  CD1 . LEU B 1 61 ? -4.427  14.858  -3.170  1.00 18.94 ? 114  LEU B CD1 1 
ATOM   1002 C  CD2 . LEU B 1 61 ? -3.235  16.310  -1.499  1.00 18.90 ? 114  LEU B CD2 1 
ATOM   1003 N  N   . PRO B 1 62 ? -3.817  20.398  -3.538  1.00 20.76 ? 115  PRO B N   1 
ATOM   1004 C  CA  . PRO B 1 62 ? -3.706  21.369  -4.629  1.00 20.34 ? 115  PRO B CA  1 
ATOM   1005 C  C   . PRO B 1 62 ? -3.962  20.688  -5.984  1.00 20.19 ? 115  PRO B C   1 
ATOM   1006 O  O   . PRO B 1 62 ? -3.554  19.548  -6.176  1.00 19.67 ? 115  PRO B O   1 
ATOM   1007 C  CB  . PRO B 1 62 ? -2.259  21.877  -4.507  1.00 20.98 ? 115  PRO B CB  1 
ATOM   1008 C  CG  . PRO B 1 62 ? -1.813  21.509  -3.139  1.00 20.51 ? 115  PRO B CG  1 
ATOM   1009 C  CD  . PRO B 1 62 ? -2.553  20.252  -2.794  1.00 20.68 ? 115  PRO B CD  1 
ATOM   1010 N  N   . PRO B 1 63 ? -4.671  21.363  -6.910  1.00 20.18 ? 116  PRO B N   1 
ATOM   1011 C  CA  . PRO B 1 63 ? -5.092  20.708  -8.152  1.00 19.98 ? 116  PRO B CA  1 
ATOM   1012 C  C   . PRO B 1 63 ? -3.987  19.995  -8.939  1.00 19.51 ? 116  PRO B C   1 
ATOM   1013 O  O   . PRO B 1 63 ? -4.214  18.887  -9.426  1.00 19.67 ? 116  PRO B O   1 
ATOM   1014 C  CB  . PRO B 1 63 ? -5.715  21.845  -8.954  1.00 20.16 ? 116  PRO B CB  1 
ATOM   1015 C  CG  . PRO B 1 63 ? -6.196  22.788  -7.915  1.00 20.87 ? 116  PRO B CG  1 
ATOM   1016 C  CD  . PRO B 1 63 ? -5.145  22.754  -6.854  1.00 20.43 ? 116  PRO B CD  1 
ATOM   1017 N  N   . PRO B 1 64 ? -2.792  20.609  -9.073  1.00 18.41 ? 117  PRO B N   1 
ATOM   1018 C  CA  . PRO B 1 64 ? -1.770  19.818  -9.758  1.00 17.42 ? 117  PRO B CA  1 
ATOM   1019 C  C   . PRO B 1 64 ? -1.367  18.541  -8.997  1.00 16.84 ? 117  PRO B C   1 
ATOM   1020 O  O   . PRO B 1 64 ? -1.063  17.547  -9.632  1.00 16.41 ? 117  PRO B O   1 
ATOM   1021 C  CB  . PRO B 1 64 ? -0.589  20.792  -9.897  1.00 17.49 ? 117  PRO B CB  1 
ATOM   1022 C  CG  . PRO B 1 64 ? -1.148  22.135  -9.612  1.00 18.83 ? 117  PRO B CG  1 
ATOM   1023 C  CD  . PRO B 1 64 ? -2.292  21.932  -8.674  1.00 18.44 ? 117  PRO B CD  1 
ATOM   1024 N  N   . VAL B 1 65 ? -1.379  18.557  -7.663  1.00 16.28 ? 118  VAL B N   1 
ATOM   1025 C  CA  . VAL B 1 65 ? -1.077  17.337  -6.892  1.00 16.33 ? 118  VAL B CA  1 
ATOM   1026 C  C   . VAL B 1 65 ? -2.220  16.326  -7.092  1.00 16.51 ? 118  VAL B C   1 
ATOM   1027 O  O   . VAL B 1 65 ? -1.982  15.115  -7.241  1.00 15.50 ? 118  VAL B O   1 
ATOM   1028 C  CB  . VAL B 1 65 ? -0.817  17.632  -5.377  1.00 15.53 ? 118  VAL B CB  1 
ATOM   1029 C  CG1 . VAL B 1 65 ? -0.602  16.341  -4.587  1.00 15.66 ? 118  VAL B CG1 1 
ATOM   1030 C  CG2 . VAL B 1 65 ? 0.380   18.554  -5.214  1.00 15.39 ? 118  VAL B CG2 1 
ATOM   1031 N  N   . PHE B 1 66 ? -3.463  16.812  -7.134  1.00 16.97 ? 119  PHE B N   1 
ATOM   1032 C  CA  . PHE B 1 66 ? -4.586  15.914  -7.454  1.00 17.83 ? 119  PHE B CA  1 
ATOM   1033 C  C   . PHE B 1 66 ? -4.446  15.266  -8.853  1.00 18.04 ? 119  PHE B C   1 
ATOM   1034 O  O   . PHE B 1 66 ? -4.712  14.087  -9.009  1.00 16.50 ? 119  PHE B O   1 
ATOM   1035 C  CB  . PHE B 1 66 ? -5.954  16.590  -7.293  1.00 18.26 ? 119  PHE B CB  1 
ATOM   1036 C  CG  . PHE B 1 66 ? -7.091  15.607  -7.229  1.00 18.15 ? 119  PHE B CG  1 
ATOM   1037 C  CD1 . PHE B 1 66 ? -7.195  14.718  -6.158  1.00 19.98 ? 119  PHE B CD1 1 
ATOM   1038 C  CD2 . PHE B 1 66 ? -8.013  15.517  -8.264  1.00 20.68 ? 119  PHE B CD2 1 
ATOM   1039 C  CE1 . PHE B 1 66 ? -8.222  13.764  -6.108  1.00 19.17 ? 119  PHE B CE1 1 
ATOM   1040 C  CE2 . PHE B 1 66 ? -9.051  14.582  -8.226  1.00 19.06 ? 119  PHE B CE2 1 
ATOM   1041 C  CZ  . PHE B 1 66 ? -9.150  13.698  -7.142  1.00 19.64 ? 119  PHE B CZ  1 
ATOM   1042 N  N   . GLN B 1 67 ? -3.986  16.026  -9.849  1.00 18.78 ? 120  GLN B N   1 
ATOM   1043 C  CA  . GLN B 1 67 ? -3.728  15.466  -11.182 1.00 19.63 ? 120  GLN B CA  1 
ATOM   1044 C  C   . GLN B 1 67 ? -2.640  14.381  -11.175 1.00 20.13 ? 120  GLN B C   1 
ATOM   1045 O  O   . GLN B 1 67 ? -2.718  13.391  -11.918 1.00 18.83 ? 120  GLN B O   1 
ATOM   1046 C  CB  . GLN B 1 67 ? -3.374  16.579  -12.186 1.00 20.23 ? 120  GLN B CB  1 
ATOM   1047 C  CG  . GLN B 1 67 ? -4.547  17.508  -12.504 1.00 20.16 ? 120  GLN B CG  1 
ATOM   1048 C  CD  . GLN B 1 67 ? -5.722  16.800  -13.157 1.00 21.74 ? 120  GLN B CD  1 
ATOM   1049 O  OE1 . GLN B 1 67 ? -5.562  16.040  -14.107 1.00 24.21 ? 120  GLN B OE1 1 
ATOM   1050 N  NE2 . GLN B 1 67 ? -6.918  17.063  -12.651 1.00 23.74 ? 120  GLN B NE2 1 
HETATM 1051 N  N   . MSE B 1 68 ? -1.626  14.574  -10.339 1.00 20.93 ? 121  MSE B N   1 
HETATM 1052 C  CA  . MSE B 1 68 ? -0.579  13.574  -10.155 1.00 22.29 ? 121  MSE B CA  1 
HETATM 1053 C  C   . MSE B 1 68 ? -1.177  12.310  -9.547  1.00 20.59 ? 121  MSE B C   1 
HETATM 1054 O  O   . MSE B 1 68 ? -0.914  11.194  -9.997  1.00 20.34 ? 121  MSE B O   1 
HETATM 1055 C  CB  . MSE B 1 68 ? 0.528   14.153  -9.266  1.00 21.87 ? 121  MSE B CB  1 
HETATM 1056 C  CG  . MSE B 1 68 ? 1.695   13.231  -8.986  1.00 23.20 ? 121  MSE B CG  1 
HETATM 1057 SE SE  . MSE B 1 68 ? 2.951   14.193  -7.815  1.00 33.95 ? 121  MSE B SE  1 
HETATM 1058 C  CE  . MSE B 1 68 ? 3.344   15.573  -9.086  1.00 20.50 ? 121  MSE B CE  1 
ATOM   1059 N  N   . LEU B 1 69 ? -2.017  12.498  -8.537  1.00 19.33 ? 122  LEU B N   1 
ATOM   1060 C  CA  . LEU B 1 69 ? -2.742  11.386  -7.925  1.00 18.76 ? 122  LEU B CA  1 
ATOM   1061 C  C   . LEU B 1 69 ? -3.552  10.565  -8.930  1.00 18.36 ? 122  LEU B C   1 
ATOM   1062 O  O   . LEU B 1 69 ? -3.498  9.340   -8.902  1.00 16.93 ? 122  LEU B O   1 
ATOM   1063 C  CB  . LEU B 1 69 ? -3.651  11.912  -6.817  1.00 18.69 ? 122  LEU B CB  1 
ATOM   1064 C  CG  . LEU B 1 69 ? -4.349  10.861  -5.965  1.00 18.38 ? 122  LEU B CG  1 
ATOM   1065 C  CD1 . LEU B 1 69 ? -4.426  11.345  -4.511  1.00 21.02 ? 122  LEU B CD1 1 
ATOM   1066 C  CD2 . LEU B 1 69 ? -5.732  10.550  -6.505  1.00 20.97 ? 122  LEU B CD2 1 
ATOM   1067 N  N   . LEU B 1 70 ? -4.283  11.234  -9.825  1.00 18.44 ? 123  LEU B N   1 
ATOM   1068 C  CA  . LEU B 1 70 ? -5.083  10.527  -10.821 1.00 19.65 ? 123  LEU B CA  1 
ATOM   1069 C  C   . LEU B 1 70 ? -4.239  9.651   -11.746 1.00 19.98 ? 123  LEU B C   1 
ATOM   1070 O  O   . LEU B 1 70 ? -4.628  8.526   -12.049 1.00 20.03 ? 123  LEU B O   1 
ATOM   1071 C  CB  . LEU B 1 70 ? -5.951  11.489  -11.636 1.00 19.23 ? 123  LEU B CB  1 
ATOM   1072 C  CG  . LEU B 1 70 ? -7.041  12.216  -10.853 1.00 19.59 ? 123  LEU B CG  1 
ATOM   1073 C  CD1 . LEU B 1 70 ? -7.700  13.278  -11.729 1.00 19.34 ? 123  LEU B CD1 1 
ATOM   1074 C  CD2 . LEU B 1 70 ? -8.096  11.243  -10.267 1.00 20.15 ? 123  LEU B CD2 1 
ATOM   1075 N  N   . THR B 1 71 ? -3.082  10.151  -12.180 1.00 21.06 ? 124  THR B N   1 
ATOM   1076 C  CA  . THR B 1 71 ? -2.200  9.362   -13.042 1.00 21.93 ? 124  THR B CA  1 
ATOM   1077 C  C   . THR B 1 71 ? -1.610  8.165   -12.296 1.00 22.61 ? 124  THR B C   1 
ATOM   1078 O  O   . THR B 1 71 ? -1.244  7.160   -12.920 1.00 22.45 ? 124  THR B O   1 
ATOM   1079 C  CB  . THR B 1 71 ? -1.036  10.194  -13.670 1.00 21.73 ? 124  THR B CB  1 
ATOM   1080 O  OG1 . THR B 1 71 ? -0.085  10.558  -12.662 1.00 23.33 ? 124  THR B OG1 1 
ATOM   1081 C  CG2 . THR B 1 71 ? -1.549  11.418  -14.344 1.00 21.02 ? 124  THR B CG2 1 
ATOM   1082 N  N   . LYS B 1 72 ? -1.521  8.275   -10.968 1.00 23.21 ? 125  LYS B N   1 
ATOM   1083 C  CA  . LYS B 1 72 ? -0.947  7.225   -10.146 1.00 24.38 ? 125  LYS B CA  1 
ATOM   1084 C  C   . LYS B 1 72 ? -1.999  6.310   -9.542  1.00 24.91 ? 125  LYS B C   1 
ATOM   1085 O  O   . LYS B 1 72 ? -1.652  5.412   -8.769  1.00 25.62 ? 125  LYS B O   1 
ATOM   1086 C  CB  . LYS B 1 72 ? -0.096  7.828   -9.036  1.00 24.75 ? 125  LYS B CB  1 
ATOM   1087 C  CG  . LYS B 1 72 ? 1.190   8.436   -9.544  1.00 25.00 ? 125  LYS B CG  1 
ATOM   1088 C  CD  . LYS B 1 72 ? 2.085   8.832   -8.395  1.00 26.27 ? 125  LYS B CD  1 
ATOM   1089 C  CE  . LYS B 1 72 ? 3.554   8.830   -8.792  1.00 27.36 ? 125  LYS B CE  1 
ATOM   1090 N  NZ  . LYS B 1 72 ? 4.330   9.705   -7.892  1.00 28.36 ? 125  LYS B NZ  1 
ATOM   1091 N  N   . LEU B 1 73 ? -3.269  6.517   -9.888  1.00 25.09 ? 126  LEU B N   1 
ATOM   1092 C  CA  . LEU B 1 73 ? -4.363  5.731   -9.295  1.00 25.93 ? 126  LEU B CA  1 
ATOM   1093 C  C   . LEU B 1 73 ? -4.091  4.247   -9.443  1.00 26.55 ? 126  LEU B C   1 
ATOM   1094 O  O   . LEU B 1 73 ? -3.520  3.818   -10.458 1.00 26.48 ? 126  LEU B O   1 
ATOM   1095 C  CB  . LEU B 1 73 ? -5.720  6.044   -9.943  1.00 26.38 ? 126  LEU B CB  1 
ATOM   1096 C  CG  . LEU B 1 73 ? -6.631  7.102   -9.308  1.00 27.44 ? 126  LEU B CG  1 
ATOM   1097 C  CD1 . LEU B 1 73 ? -7.921  7.216   -10.125 1.00 27.61 ? 126  LEU B CD1 1 
ATOM   1098 C  CD2 . LEU B 1 73 ? -6.935  6.785   -7.843  1.00 27.00 ? 126  LEU B CD2 1 
ATOM   1099 O  OXT . LEU B 1 73 ? -4.470  3.482   -8.558  1.00 26.81 ? 126  LEU B OXT 1 
ATOM   1100 N  N   . GLY C 2 1  ? 12.430  -14.453 -13.296 1.00 18.28 ? 12   GLY C N   1 
ATOM   1101 C  CA  . GLY C 2 1  ? 11.540  -13.445 -13.955 1.00 18.53 ? 12   GLY C CA  1 
ATOM   1102 C  C   . GLY C 2 1  ? 10.355  -13.019 -13.094 1.00 18.41 ? 12   GLY C C   1 
ATOM   1103 O  O   . GLY C 2 1  ? 10.221  -13.466 -11.962 1.00 18.37 ? 12   GLY C O   1 
ATOM   1104 N  N   . PRO C 2 2  ? 9.467   -12.170 -13.638 1.00 18.21 ? 13   PRO C N   1 
ATOM   1105 C  CA  . PRO C 2 2  ? 8.336   -11.625 -12.884 1.00 18.00 ? 13   PRO C CA  1 
ATOM   1106 C  C   . PRO C 2 2  ? 7.269   -12.639 -12.376 1.00 17.90 ? 13   PRO C C   1 
ATOM   1107 O  O   . PRO C 2 2  ? 6.557   -12.323 -11.417 1.00 17.64 ? 13   PRO C O   1 
ATOM   1108 C  CB  . PRO C 2 2  ? 7.713   -10.629 -13.878 1.00 18.62 ? 13   PRO C CB  1 
ATOM   1109 C  CG  . PRO C 2 2  ? 8.099   -11.150 -15.221 1.00 18.50 ? 13   PRO C CG  1 
ATOM   1110 C  CD  . PRO C 2 2  ? 9.491   -11.657 -15.018 1.00 18.82 ? 13   PRO C CD  1 
ATOM   1111 N  N   . ARG C 2 3  ? 7.160   -13.825 -12.978 1.00 17.09 ? 14   ARG C N   1 
ATOM   1112 C  CA  . ARG C 2 3  ? 6.174   -14.837 -12.514 1.00 16.94 ? 14   ARG C CA  1 
ATOM   1113 C  C   . ARG C 2 3  ? 6.623   -15.570 -11.256 1.00 15.92 ? 14   ARG C C   1 
ATOM   1114 O  O   . ARG C 2 3  ? 5.941   -16.483 -10.785 1.00 14.75 ? 14   ARG C O   1 
ATOM   1115 C  CB  . ARG C 2 3  ? 5.901   -15.895 -13.577 1.00 16.73 ? 14   ARG C CB  1 
ATOM   1116 C  CG  . ARG C 2 3  ? 5.043   -15.457 -14.727 1.00 17.66 ? 14   ARG C CG  1 
ATOM   1117 C  CD  . ARG C 2 3  ? 5.090   -16.550 -15.792 1.00 17.84 ? 14   ARG C CD  1 
ATOM   1118 N  NE  . ARG C 2 3  ? 4.614   -16.029 -17.027 1.00 21.87 ? 14   ARG C NE  1 
ATOM   1119 C  CZ  . ARG C 2 3  ? 5.324   -15.807 -18.124 1.00 19.14 ? 14   ARG C CZ  1 
ATOM   1120 N  NH1 . ARG C 2 3  ? 6.600   -16.194 -18.281 1.00 16.56 ? 14   ARG C NH1 1 
ATOM   1121 N  NH2 . ARG C 2 3  ? 4.684   -15.243 -19.112 1.00 20.46 ? 14   ARG C NH2 1 
ATOM   1122 N  N   . LEU C 2 4  ? 7.783   -15.192 -10.736 1.00 15.53 ? 15   LEU C N   1 
ATOM   1123 C  CA  . LEU C 2 4  ? 8.178   -15.534 -9.370  1.00 15.10 ? 15   LEU C CA  1 
ATOM   1124 C  C   . LEU C 2 4  ? 7.051   -15.162 -8.419  1.00 14.91 ? 15   LEU C C   1 
ATOM   1125 O  O   . LEU C 2 4  ? 6.850   -15.805 -7.394  1.00 15.37 ? 15   LEU C O   1 
ATOM   1126 C  CB  . LEU C 2 4  ? 9.455   -14.776 -9.015  1.00 15.48 ? 15   LEU C CB  1 
ATOM   1127 C  CG  . LEU C 2 4  ? 10.495  -15.413 -8.120  1.00 16.64 ? 15   LEU C CG  1 
ATOM   1128 C  CD1 . LEU C 2 4  ? 10.657  -16.894 -8.383  1.00 16.64 ? 15   LEU C CD1 1 
ATOM   1129 C  CD2 . LEU C 2 4  ? 11.834  -14.646 -8.311  1.00 16.51 ? 15   LEU C CD2 1 
ATOM   1130 N  N   . SER C 2 5  ? 6.292   -14.127 -8.795  1.00 14.31 ? 16   SER C N   1 
ATOM   1131 C  CA  . SER C 2 5  ? 5.088   -13.718 -8.076  1.00 13.59 ? 16   SER C CA  1 
ATOM   1132 C  C   . SER C 2 5  ? 4.148   -14.885 -7.758  1.00 13.46 ? 16   SER C C   1 
ATOM   1133 O  O   . SER C 2 5  ? 3.456   -14.835 -6.770  1.00 12.61 ? 16   SER C O   1 
ATOM   1134 C  CB  . SER C 2 5  ? 4.328   -12.656 -8.874  1.00 13.27 ? 16   SER C CB  1 
ATOM   1135 O  OG  . SER C 2 5  ? 3.920   -13.173 -10.134 1.00 13.32 ? 16   SER C OG  1 
ATOM   1136 N  N   . ARG C 2 6  ? 4.099   -15.922 -8.600  1.00 13.00 ? 17   ARG C N   1 
ATOM   1137 C  CA  . ARG C 2 6  ? 3.202   -17.052 -8.334  1.00 13.29 ? 17   ARG C CA  1 
ATOM   1138 C  C   . ARG C 2 6  ? 3.600   -17.865 -7.085  1.00 13.27 ? 17   ARG C C   1 
ATOM   1139 O  O   . ARG C 2 6  ? 2.744   -18.448 -6.414  1.00 13.23 ? 17   ARG C O   1 
ATOM   1140 C  CB  . ARG C 2 6  ? 3.115   -17.959 -9.562  1.00 13.53 ? 17   ARG C CB  1 
ATOM   1141 C  CG  . ARG C 2 6  ? 2.428   -17.305 -10.714 1.00 12.90 ? 17   ARG C CG  1 
ATOM   1142 C  CD  . ARG C 2 6  ? 2.184   -18.287 -11.838 1.00 13.17 ? 17   ARG C CD  1 
ATOM   1143 N  NE  . ARG C 2 6  ? 1.573   -17.624 -13.004 1.00 10.62 ? 17   ARG C NE  1 
ATOM   1144 C  CZ  . ARG C 2 6  ? 1.203   -18.268 -14.103 1.00 9.12  ? 17   ARG C CZ  1 
ATOM   1145 N  NH1 . ARG C 2 6  ? 1.307   -19.582 -14.165 1.00 10.86 ? 17   ARG C NH1 1 
ATOM   1146 N  NH2 . ARG C 2 6  ? 0.688   -17.605 -15.120 1.00 10.35 ? 17   ARG C NH2 1 
ATOM   1147 N  N   . LEU C 2 7  ? 4.885   -17.852 -6.768  1.00 13.49 ? 18   LEU C N   1 
ATOM   1148 C  CA  . LEU C 2 7  ? 5.418   -18.448 -5.543  1.00 14.01 ? 18   LEU C CA  1 
ATOM   1149 C  C   . LEU C 2 7  ? 4.973   -17.625 -4.299  1.00 14.07 ? 18   LEU C C   1 
ATOM   1150 O  O   . LEU C 2 7  ? 4.532   -18.177 -3.278  1.00 13.41 ? 18   LEU C O   1 
ATOM   1151 C  CB  . LEU C 2 7  ? 6.952   -18.559 -5.683  1.00 14.81 ? 18   LEU C CB  1 
ATOM   1152 C  CG  . LEU C 2 7  ? 7.856   -19.102 -4.577  1.00 14.78 ? 18   LEU C CG  1 
ATOM   1153 C  CD1 . LEU C 2 7  ? 7.536   -20.542 -4.209  1.00 17.20 ? 18   LEU C CD1 1 
ATOM   1154 C  CD2 . LEU C 2 7  ? 9.319   -18.963 -5.047  1.00 15.30 ? 18   LEU C CD2 1 
ATOM   1155 N  N   . LEU C 2 8  ? 5.031   -16.305 -4.403  1.00 14.08 ? 19   LEU C N   1 
ATOM   1156 C  CA  . LEU C 2 8  ? 4.577   -15.454 -3.313  1.00 14.08 ? 19   LEU C CA  1 
ATOM   1157 C  C   . LEU C 2 8  ? 3.065   -15.607 -3.092  1.00 15.03 ? 19   LEU C C   1 
ATOM   1158 O  O   . LEU C 2 8  ? 2.602   -15.666 -1.954  1.00 14.56 ? 19   LEU C O   1 
ATOM   1159 C  CB  . LEU C 2 8  ? 4.952   -13.994 -3.562  1.00 13.74 ? 19   LEU C CB  1 
ATOM   1160 C  CG  . LEU C 2 8  ? 6.443   -13.696 -3.789  1.00 14.29 ? 19   LEU C CG  1 
ATOM   1161 C  CD1 . LEU C 2 8  ? 6.773   -12.183 -3.823  1.00 11.57 ? 19   LEU C CD1 1 
ATOM   1162 C  CD2 . LEU C 2 8  ? 7.277   -14.409 -2.754  1.00 15.05 ? 19   LEU C CD2 1 
ATOM   1163 N  N   . SER C 2 9  ? 2.302   -15.676 -4.179  1.00 14.74 ? 20   SER C N   1 
ATOM   1164 C  CA  . SER C 2 9  ? 0.853   -15.881 -4.083  1.00 15.55 ? 20   SER C CA  1 
ATOM   1165 C  C   . SER C 2 9  ? 0.462   -17.211 -3.455  1.00 15.18 ? 20   SER C C   1 
ATOM   1166 O  O   . SER C 2 9  ? -0.496  -17.278 -2.677  1.00 15.55 ? 20   SER C O   1 
ATOM   1167 C  CB  . SER C 2 9  ? 0.212   -15.737 -5.469  1.00 15.85 ? 20   SER C CB  1 
ATOM   1168 O  OG  . SER C 2 9  ? 0.220   -14.363 -5.803  1.00 20.13 ? 20   SER C OG  1 
ATOM   1169 N  N   . ALA C 2 10 ? 1.205   -18.261 -3.797  1.00 15.29 ? 21   ALA C N   1 
ATOM   1170 C  CA  . ALA C 2 10 ? 1.037   -19.591 -3.205  1.00 15.56 ? 21   ALA C CA  1 
ATOM   1171 C  C   . ALA C 2 10 ? 1.293   -19.599 -1.700  1.00 16.02 ? 21   ALA C C   1 
ATOM   1172 O  O   . ALA C 2 10 ? 0.649   -20.324 -0.951  1.00 15.54 ? 21   ALA C O   1 
ATOM   1173 C  CB  . ALA C 2 10 ? 1.992   -20.590 -3.882  1.00 14.78 ? 21   ALA C CB  1 
ATOM   1174 N  N   . ALA C 2 11 ? 2.292   -18.841 -1.271  1.00 16.86 ? 22   ALA C N   1 
ATOM   1175 C  CA  . ALA C 2 11 ? 2.607   -18.720 0.143   1.00 17.82 ? 22   ALA C CA  1 
ATOM   1176 C  C   . ALA C 2 11 ? 1.439   -18.024 0.806   1.00 19.23 ? 22   ALA C C   1 
ATOM   1177 O  O   . ALA C 2 11 ? 0.980   -18.434 1.878   1.00 19.08 ? 22   ALA C O   1 
ATOM   1178 C  CB  . ALA C 2 11 ? 3.884   -17.925 0.323   1.00 17.70 ? 22   ALA C CB  1 
ATOM   1179 N  N   . GLY C 2 12 ? 0.979   -16.958 0.141   1.00 21.03 ? 23   GLY C N   1 
ATOM   1180 C  CA  . GLY C 2 12 ? -0.240  -16.238 0.490   1.00 21.85 ? 23   GLY C CA  1 
ATOM   1181 C  C   . GLY C 2 12 ? -0.258  -15.770 1.935   1.00 23.17 ? 23   GLY C C   1 
ATOM   1182 O  O   . GLY C 2 12 ? 0.796   -15.451 2.494   1.00 22.20 ? 23   GLY C O   1 
HETATM 1183 N  N   . CY3 C 2 13 ? -1.446  -15.770 2.553   1.00 27.81 ? 24   CY3 C N   1 
HETATM 1184 C  CA  . CY3 C 2 13 ? -1.530  -15.066 3.821   1.00 29.09 ? 24   CY3 C CA  1 
HETATM 1185 C  C   . CY3 C 2 13 ? -2.380  -15.916 4.702   1.00 29.32 ? 24   CY3 C C   1 
HETATM 1186 O  O   . CY3 C 2 13 ? -1.872  -16.507 5.638   1.00 29.80 ? 24   CY3 C O   1 
HETATM 1187 C  CB  . CY3 C 2 13 ? -2.119  -13.666 3.631   1.00 28.96 ? 24   CY3 C CB  1 
HETATM 1188 S  SG  . CY3 C 2 13 ? -1.030  -12.664 2.584   1.00 31.05 ? 24   CY3 C SG  1 
HETATM 1189 N  N1  . CY3 C 2 13 ? -3.668  -15.991 4.375   1.00 29.81 ? 24   CY3 C N1  1 
ATOM   1190 N  N   . GLY D 2 1  ? -1.603  19.330  8.941   1.00 30.57 ? 12   GLY D N   1 
ATOM   1191 C  CA  . GLY D 2 1  ? -0.997  18.463  9.978   1.00 30.79 ? 12   GLY D CA  1 
ATOM   1192 C  C   . GLY D 2 1  ? -1.422  17.014  9.821   1.00 30.91 ? 12   GLY D C   1 
ATOM   1193 O  O   . GLY D 2 1  ? -2.440  16.744  9.206   1.00 31.16 ? 12   GLY D O   1 
ATOM   1194 N  N   . PRO D 2 2  ? -0.635  16.070  10.385  1.00 31.11 ? 13   PRO D N   1 
ATOM   1195 C  CA  . PRO D 2 2  ? -0.896  14.620  10.373  1.00 30.70 ? 13   PRO D CA  1 
ATOM   1196 C  C   . PRO D 2 2  ? -2.358  14.205  10.608  1.00 30.61 ? 13   PRO D C   1 
ATOM   1197 O  O   . PRO D 2 2  ? -2.841  13.273  9.940   1.00 30.98 ? 13   PRO D O   1 
ATOM   1198 C  CB  . PRO D 2 2  ? -0.005  14.109  11.512  1.00 30.91 ? 13   PRO D CB  1 
ATOM   1199 C  CG  . PRO D 2 2  ? 1.159   15.010  11.490  1.00 31.35 ? 13   PRO D CG  1 
ATOM   1200 C  CD  . PRO D 2 2  ? 0.629   16.374  11.080  1.00 31.13 ? 13   PRO D CD  1 
ATOM   1201 N  N   . ARG D 2 3  ? -3.040  14.897  11.529  1.00 29.72 ? 14   ARG D N   1 
ATOM   1202 C  CA  . ARG D 2 3  ? -4.463  14.634  11.854  1.00 28.78 ? 14   ARG D CA  1 
ATOM   1203 C  C   . ARG D 2 3  ? -5.457  15.041  10.754  1.00 27.52 ? 14   ARG D C   1 
ATOM   1204 O  O   . ARG D 2 3  ? -6.671  14.915  10.927  1.00 26.91 ? 14   ARG D O   1 
ATOM   1205 C  CB  . ARG D 2 3  ? -4.849  15.341  13.149  1.00 28.38 ? 14   ARG D CB  1 
ATOM   1206 C  CG  . ARG D 2 3  ? -4.081  14.864  14.375  1.00 29.11 ? 14   ARG D CG  1 
ATOM   1207 C  CD  . ARG D 2 3  ? -4.250  15.846  15.516  1.00 28.55 ? 14   ARG D CD  1 
ATOM   1208 N  NE  . ARG D 2 3  ? -3.196  15.674  16.488  1.00 29.65 ? 14   ARG D NE  1 
ATOM   1209 C  CZ  . ARG D 2 3  ? -2.284  16.583  16.808  1.00 28.54 ? 14   ARG D CZ  1 
ATOM   1210 N  NH1 . ARG D 2 3  ? -2.280  17.811  16.285  1.00 27.96 ? 14   ARG D NH1 1 
ATOM   1211 N  NH2 . ARG D 2 3  ? -1.383  16.257  17.706  1.00 29.95 ? 14   ARG D NH2 1 
ATOM   1212 N  N   . LEU D 2 4  ? -4.948  15.544  9.635   1.00 26.09 ? 15   LEU D N   1 
ATOM   1213 C  CA  . LEU D 2 4  ? -5.727  15.591  8.401   1.00 25.05 ? 15   LEU D CA  1 
ATOM   1214 C  C   . LEU D 2 4  ? -6.165  14.162  8.004   1.00 24.36 ? 15   LEU D C   1 
ATOM   1215 O  O   . LEU D 2 4  ? -7.161  13.971  7.318   1.00 25.02 ? 15   LEU D O   1 
ATOM   1216 C  CB  . LEU D 2 4  ? -4.881  16.241  7.309   1.00 25.10 ? 15   LEU D CB  1 
ATOM   1217 C  CG  . LEU D 2 4  ? -5.475  16.665  5.977   1.00 25.80 ? 15   LEU D CG  1 
ATOM   1218 C  CD1 . LEU D 2 4  ? -6.718  17.495  6.171   1.00 23.29 ? 15   LEU D CD1 1 
ATOM   1219 C  CD2 . LEU D 2 4  ? -4.419  17.453  5.213   1.00 25.53 ? 15   LEU D CD2 1 
ATOM   1220 N  N   . SER D 2 5  ? -5.428  13.158  8.476   1.00 22.89 ? 16   SER D N   1 
ATOM   1221 C  CA  . SER D 2 5  ? -5.822  11.762  8.330   1.00 21.89 ? 16   SER D CA  1 
ATOM   1222 C  C   . SER D 2 5  ? -7.210  11.445  8.902   1.00 20.58 ? 16   SER D C   1 
ATOM   1223 O  O   . SER D 2 5  ? -7.899  10.552  8.412   1.00 20.05 ? 16   SER D O   1 
ATOM   1224 C  CB  . SER D 2 5  ? -4.778  10.863  9.008   1.00 21.72 ? 16   SER D CB  1 
ATOM   1225 O  OG  . SER D 2 5  ? -4.778  11.036  10.418  1.00 23.77 ? 16   SER D OG  1 
ATOM   1226 N  N   . ARG D 2 6  ? -7.614  12.162  9.945   1.00 19.20 ? 17   ARG D N   1 
ATOM   1227 C  CA  . ARG D 2 6  ? -8.926  11.965  10.550  1.00 18.76 ? 17   ARG D CA  1 
ATOM   1228 C  C   . ARG D 2 6  ? -10.050 12.320  9.576   1.00 18.12 ? 17   ARG D C   1 
ATOM   1229 O  O   . ARG D 2 6  ? -11.081 11.653  9.521   1.00 17.75 ? 17   ARG D O   1 
ATOM   1230 C  CB  . ARG D 2 6  ? -9.051  12.802  11.825  1.00 18.46 ? 17   ARG D CB  1 
ATOM   1231 C  CG  . ARG D 2 6  ? -8.197  12.301  12.946  1.00 17.45 ? 17   ARG D CG  1 
ATOM   1232 C  CD  . ARG D 2 6  ? -8.605  12.935  14.280  1.00 17.40 ? 17   ARG D CD  1 
ATOM   1233 N  NE  . ARG D 2 6  ? -7.609  12.647  15.305  1.00 14.80 ? 17   ARG D NE  1 
ATOM   1234 C  CZ  . ARG D 2 6  ? -7.751  12.901  16.604  1.00 12.78 ? 17   ARG D CZ  1 
ATOM   1235 N  NH1 . ARG D 2 6  ? -8.856  13.449  17.088  1.00 11.93 ? 17   ARG D NH1 1 
ATOM   1236 N  NH2 . ARG D 2 6  ? -6.766  12.590  17.420  1.00 11.47 ? 17   ARG D NH2 1 
ATOM   1237 N  N   . LEU D 2 7  ? -9.829  13.375  8.807   1.00 18.43 ? 18   LEU D N   1 
ATOM   1238 C  CA  . LEU D 2 7  ? -10.759 13.781  7.769   1.00 18.00 ? 18   LEU D CA  1 
ATOM   1239 C  C   . LEU D 2 7  ? -10.863 12.692  6.693   1.00 18.22 ? 18   LEU D C   1 
ATOM   1240 O  O   . LEU D 2 7  ? -11.959 12.295  6.304   1.00 18.13 ? 18   LEU D O   1 
ATOM   1241 C  CB  . LEU D 2 7  ? -10.303 15.112  7.176   1.00 18.37 ? 18   LEU D CB  1 
ATOM   1242 C  CG  . LEU D 2 7  ? -11.129 15.718  6.050   1.00 18.12 ? 18   LEU D CG  1 
ATOM   1243 C  CD1 . LEU D 2 7  ? -12.630 15.805  6.421   1.00 18.12 ? 18   LEU D CD1 1 
ATOM   1244 C  CD2 . LEU D 2 7  ? -10.540 17.076  5.681   1.00 17.08 ? 18   LEU D CD2 1 
ATOM   1245 N  N   . LEU D 2 8  ? -9.713  12.205  6.245   1.00 18.63 ? 19   LEU D N   1 
ATOM   1246 C  CA  . LEU D 2 8  ? -9.648  11.162  5.222   1.00 18.70 ? 19   LEU D CA  1 
ATOM   1247 C  C   . LEU D 2 8  ? -10.251 9.849   5.694   1.00 18.95 ? 19   LEU D C   1 
ATOM   1248 O  O   . LEU D 2 8  ? -11.011 9.236   4.953   1.00 19.18 ? 19   LEU D O   1 
ATOM   1249 C  CB  . LEU D 2 8  ? -8.219  10.943  4.758   1.00 18.80 ? 19   LEU D CB  1 
ATOM   1250 C  CG  . LEU D 2 8  ? -7.496  12.112  4.090   1.00 19.50 ? 19   LEU D CG  1 
ATOM   1251 C  CD1 . LEU D 2 8  ? -6.201  11.620  3.443   1.00 19.26 ? 19   LEU D CD1 1 
ATOM   1252 C  CD2 . LEU D 2 8  ? -8.384  12.796  3.070   1.00 21.74 ? 19   LEU D CD2 1 
ATOM   1253 N  N   . SER D 2 9  ? -9.947  9.429   6.921   1.00 18.58 ? 20   SER D N   1 
ATOM   1254 C  CA  . SER D 2 9  ? -10.502 8.175   7.451   1.00 19.43 ? 20   SER D CA  1 
ATOM   1255 C  C   . SER D 2 9  ? -12.034 8.249   7.679   1.00 19.39 ? 20   SER D C   1 
ATOM   1256 O  O   . SER D 2 9  ? -12.738 7.250   7.544   1.00 19.13 ? 20   SER D O   1 
ATOM   1257 C  CB  . SER D 2 9  ? -9.765  7.747   8.723   1.00 19.30 ? 20   SER D CB  1 
ATOM   1258 O  OG  . SER D 2 9  ? -10.034 8.638   9.783   1.00 22.34 ? 20   SER D OG  1 
ATOM   1259 N  N   . ALA D 2 10 ? -12.535 9.442   7.985   1.00 19.59 ? 21   ALA D N   1 
ATOM   1260 C  CA  . ALA D 2 10 ? -13.962 9.705   8.111   1.00 20.13 ? 21   ALA D CA  1 
ATOM   1261 C  C   . ALA D 2 10 ? -14.716 9.535   6.789   1.00 20.07 ? 21   ALA D C   1 
ATOM   1262 O  O   . ALA D 2 10 ? -15.878 9.136   6.782   1.00 20.39 ? 21   ALA D O   1 
ATOM   1263 C  CB  . ALA D 2 10 ? -14.193 11.106  8.665   1.00 19.72 ? 21   ALA D CB  1 
ATOM   1264 N  N   . ALA D 2 11 ? -14.079 9.817   5.662   1.00 20.64 ? 22   ALA D N   1 
ATOM   1265 C  CA  . ALA D 2 11 ? -14.736 9.545   4.365   1.00 21.04 ? 22   ALA D CA  1 
ATOM   1266 C  C   . ALA D 2 11 ? -15.149 8.064   4.238   1.00 21.58 ? 22   ALA D C   1 
ATOM   1267 O  O   . ALA D 2 11 ? -16.102 7.729   3.529   1.00 21.65 ? 22   ALA D O   1 
ATOM   1268 C  CB  . ALA D 2 11 ? -13.844 9.951   3.203   1.00 20.86 ? 22   ALA D CB  1 
ATOM   1269 N  N   . GLY D 2 12 ? -14.420 7.185   4.913   1.00 22.16 ? 23   GLY D N   1 
ATOM   1270 C  CA  . GLY D 2 12 ? -14.707 5.753   4.889   1.00 22.24 ? 23   GLY D CA  1 
ATOM   1271 C  C   . GLY D 2 12 ? -14.518 5.088   3.533   1.00 22.96 ? 23   GLY D C   1 
ATOM   1272 O  O   . GLY D 2 12 ? -13.950 5.664   2.593   1.00 22.86 ? 23   GLY D O   1 
HETATM 1273 N  N   . CY3 D 2 13 ? -14.643 3.800   3.254   1.00 24.51 ? 24   CY3 D N   1 
HETATM 1274 C  CA  . CY3 D 2 13 ? -14.651 2.881   2.139   1.00 24.93 ? 24   CY3 D CA  1 
HETATM 1275 C  C   . CY3 D 2 13 ? -15.902 2.101   2.370   1.00 25.17 ? 24   CY3 D C   1 
HETATM 1276 O  O   . CY3 D 2 13 ? -16.924 2.476   1.801   1.00 25.06 ? 24   CY3 D O   1 
HETATM 1277 C  CB  . CY3 D 2 13 ? -13.414 1.980   2.101   1.00 24.67 ? 24   CY3 D CB  1 
HETATM 1278 S  SG  . CY3 D 2 13 ? -11.898 2.917   2.389   1.00 25.93 ? 24   CY3 D SG  1 
HETATM 1279 N  N1  . CY3 D 2 13 ? -15.806 1.078   3.246   1.00 25.09 ? 24   CY3 D N1  1 
HETATM 1280 O  O   . HOH E 3 .  ? -21.838 2.478   6.801   1.00 25.69 ? 2001 HOH A O   1 
HETATM 1281 O  O   . HOH E 3 .  ? -21.572 3.502   4.282   1.00 38.15 ? 2002 HOH A O   1 
HETATM 1282 O  O   . HOH E 3 .  ? -18.545 0.991   4.352   1.00 33.04 ? 2003 HOH A O   1 
HETATM 1283 O  O   . HOH E 3 .  ? -11.884 4.195   6.417   1.00 38.69 ? 2004 HOH A O   1 
HETATM 1284 O  O   . HOH E 3 .  ? -20.451 0.371   7.386   1.00 35.79 ? 2005 HOH A O   1 
HETATM 1285 O  O   . HOH E 3 .  ? -19.592 1.007   1.958   1.00 35.04 ? 2006 HOH A O   1 
HETATM 1286 O  O   . HOH E 3 .  ? -12.917 -3.578  -4.793  1.00 26.03 ? 2007 HOH A O   1 
HETATM 1287 O  O   . HOH E 3 .  ? -12.954 -8.718  -7.233  1.00 66.04 ? 2008 HOH A O   1 
HETATM 1288 O  O   . HOH E 3 .  ? -4.692  -11.749 -3.529  1.00 18.39 ? 2009 HOH A O   1 
HETATM 1289 O  O   . HOH E 3 .  ? -1.420  -1.837  -6.568  1.00 16.77 ? 2010 HOH A O   1 
HETATM 1290 O  O   . HOH E 3 .  ? -5.143  -5.669  -10.882 1.00 23.34 ? 2011 HOH A O   1 
HETATM 1291 O  O   . HOH E 3 .  ? 0.782   -1.151  -8.305  1.00 35.32 ? 2012 HOH A O   1 
HETATM 1292 O  O   . HOH E 3 .  ? -1.964  -13.152 -11.521 1.00 25.26 ? 2013 HOH A O   1 
HETATM 1293 O  O   . HOH E 3 .  ? -19.656 0.381   9.623   1.00 36.18 ? 2014 HOH A O   1 
HETATM 1294 O  O   . HOH E 3 .  ? -20.448 3.131   0.031   1.00 45.66 ? 2015 HOH A O   1 
HETATM 1295 O  O   . HOH E 3 .  ? 11.792  -11.280 -9.868  1.00 22.26 ? 2016 HOH A O   1 
HETATM 1296 O  O   . HOH E 3 .  ? 11.621  -12.499 -4.513  1.00 18.55 ? 2017 HOH A O   1 
HETATM 1297 O  O   . HOH E 3 .  ? 9.797   -8.817  -17.254 1.00 32.88 ? 2018 HOH A O   1 
HETATM 1298 O  O   . HOH E 3 .  ? 17.668  -9.409  -11.677 1.00 37.76 ? 2019 HOH A O   1 
HETATM 1299 O  O   . HOH E 3 .  ? 13.165  -1.210  -13.800 1.00 34.28 ? 2020 HOH A O   1 
HETATM 1300 O  O   . HOH E 3 .  ? 17.221  -3.990  -16.437 1.00 29.84 ? 2021 HOH A O   1 
HETATM 1301 O  O   . HOH E 3 .  ? 8.199   -1.859  -14.182 1.00 54.02 ? 2022 HOH A O   1 
HETATM 1302 O  O   . HOH E 3 .  ? 18.540  -1.142  -17.496 1.00 31.13 ? 2023 HOH A O   1 
HETATM 1303 O  O   . HOH E 3 .  ? 15.236  -4.441  -17.851 1.00 36.21 ? 2024 HOH A O   1 
HETATM 1304 O  O   . HOH E 3 .  ? 15.801  -6.132  -21.030 1.00 51.65 ? 2025 HOH A O   1 
HETATM 1305 O  O   . HOH E 3 .  ? 19.241  -0.526  -9.652  1.00 43.79 ? 2026 HOH A O   1 
HETATM 1306 O  O   . HOH E 3 .  ? 14.218  3.467   -12.574 1.00 47.62 ? 2027 HOH A O   1 
HETATM 1307 O  O   . HOH E 3 .  ? 12.892  1.350   -12.222 1.00 40.25 ? 2028 HOH A O   1 
HETATM 1308 O  O   . HOH E 3 .  ? 16.053  6.466   2.182   1.00 54.02 ? 2029 HOH A O   1 
HETATM 1309 O  O   . HOH E 3 .  ? 20.592  -6.580  -10.148 1.00 44.84 ? 2030 HOH A O   1 
HETATM 1310 O  O   . HOH E 3 .  ? 17.674  -0.298  -6.489  1.00 44.67 ? 2031 HOH A O   1 
HETATM 1311 O  O   . HOH E 3 .  ? 16.509  4.203   0.892   1.00 55.22 ? 2032 HOH A O   1 
HETATM 1312 O  O   . HOH E 3 .  ? -5.246  -10.940 0.408   1.00 34.13 ? 2033 HOH A O   1 
HETATM 1313 O  O   . HOH E 3 .  ? 12.199  3.687   -1.987  1.00 34.19 ? 2034 HOH A O   1 
HETATM 1314 O  O   . HOH E 3 .  ? 8.448   2.133   1.579   1.00 51.84 ? 2035 HOH A O   1 
HETATM 1315 O  O   . HOH E 3 .  ? 20.881  -15.863 4.434   1.00 35.04 ? 2036 HOH A O   1 
HETATM 1316 O  O   . HOH E 3 .  ? 16.126  -11.374 -6.457  1.00 35.96 ? 2037 HOH A O   1 
HETATM 1317 O  O   . HOH E 3 .  ? 6.550   -0.473  1.850   1.00 16.66 ? 2038 HOH A O   1 
HETATM 1318 O  O   . HOH E 3 .  ? 4.704   2.678   -2.242  1.00 23.99 ? 2039 HOH A O   1 
HETATM 1319 O  O   . HOH E 3 .  ? 1.169   -7.541  7.923   1.00 25.35 ? 2040 HOH A O   1 
HETATM 1320 O  O   . HOH E 3 .  ? -5.673  -7.560  5.820   1.00 16.38 ? 2041 HOH A O   1 
HETATM 1321 O  O   . HOH E 3 .  ? -3.919  -10.356 2.111   1.00 41.82 ? 2042 HOH A O   1 
HETATM 1322 O  O   . HOH E 3 .  ? -0.250  -9.018  9.606   1.00 41.52 ? 2043 HOH A O   1 
HETATM 1323 O  O   . HOH E 3 .  ? -4.657  -11.344 4.942   1.00 35.43 ? 2044 HOH A O   1 
HETATM 1324 O  O   . HOH E 3 .  ? -5.651  -13.394 9.994   1.00 40.74 ? 2045 HOH A O   1 
HETATM 1325 O  O   . HOH E 3 .  ? -4.201  -13.335 12.732  1.00 54.54 ? 2046 HOH A O   1 
HETATM 1326 O  O   . HOH E 3 .  ? 1.332   -17.739 6.804   1.00 24.30 ? 2047 HOH A O   1 
HETATM 1327 O  O   . HOH E 3 .  ? -3.721  -18.434 7.950   1.00 52.74 ? 2048 HOH A O   1 
HETATM 1328 O  O   . HOH E 3 .  ? 5.882   -22.466 7.716   1.00 43.49 ? 2049 HOH A O   1 
HETATM 1329 O  O   . HOH E 3 .  ? 2.002   -14.931 10.136  1.00 29.76 ? 2050 HOH A O   1 
HETATM 1330 O  O   . HOH E 3 .  ? 3.929   -22.825 10.946  1.00 56.85 ? 2051 HOH A O   1 
HETATM 1331 O  O   . HOH E 3 .  ? 3.365   -22.942 7.714   1.00 34.59 ? 2052 HOH A O   1 
HETATM 1332 O  O   . HOH E 3 .  ? 6.756   -21.202 4.332   1.00 46.00 ? 2053 HOH A O   1 
HETATM 1333 O  O   . HOH E 3 .  ? 12.752  -21.021 6.453   1.00 27.39 ? 2054 HOH A O   1 
HETATM 1334 O  O   . HOH E 3 .  ? 17.578  -13.815 1.731   1.00 18.90 ? 2055 HOH A O   1 
HETATM 1335 O  O   . HOH E 3 .  ? 13.089  -18.816 5.142   1.00 28.64 ? 2056 HOH A O   1 
HETATM 1336 O  O   . HOH E 3 .  ? 19.507  -16.825 1.499   1.00 41.55 ? 2057 HOH A O   1 
HETATM 1337 O  O   . HOH E 3 .  ? 18.662  -13.937 4.444   1.00 20.32 ? 2058 HOH A O   1 
HETATM 1338 O  O   . HOH E 3 .  ? 15.180  -23.640 2.980   1.00 29.51 ? 2059 HOH A O   1 
HETATM 1339 O  O   . HOH E 3 .  ? 17.855  -15.550 -5.693  1.00 45.14 ? 2060 HOH A O   1 
HETATM 1340 O  O   . HOH E 3 .  ? 13.948  -12.396 -6.672  1.00 28.19 ? 2061 HOH A O   1 
HETATM 1341 O  O   . HOH E 3 .  ? 18.822  -16.488 -1.627  1.00 37.64 ? 2062 HOH A O   1 
HETATM 1342 O  O   . HOH E 3 .  ? 19.652  -11.600 4.860   1.00 27.95 ? 2063 HOH A O   1 
HETATM 1343 O  O   . HOH E 3 .  ? 22.681  -7.746  9.242   1.00 49.89 ? 2064 HOH A O   1 
HETATM 1344 O  O   . HOH E 3 .  ? 18.426  -5.096  8.168   1.00 27.68 ? 2065 HOH A O   1 
HETATM 1345 O  O   . HOH E 3 .  ? 14.012  2.162   7.914   1.00 54.23 ? 2066 HOH A O   1 
HETATM 1346 O  O   . HOH E 3 .  ? 8.385   1.068   5.220   1.00 21.70 ? 2067 HOH A O   1 
HETATM 1347 O  O   . HOH E 3 .  ? 7.950   0.182   7.927   1.00 26.54 ? 2068 HOH A O   1 
HETATM 1348 O  O   . HOH E 3 .  ? 5.599   -5.026  5.651   1.00 16.26 ? 2069 HOH A O   1 
HETATM 1349 O  O   . HOH E 3 .  ? 4.574   -4.393  8.913   1.00 36.62 ? 2070 HOH A O   1 
HETATM 1350 O  O   . HOH F 3 .  ? -17.703 2.529   18.918  1.00 29.52 ? 2001 HOH B O   1 
HETATM 1351 O  O   . HOH F 3 .  ? -19.323 -0.978  17.649  1.00 37.77 ? 2002 HOH B O   1 
HETATM 1352 O  O   . HOH F 3 .  ? -19.328 1.033   19.141  1.00 40.96 ? 2003 HOH B O   1 
HETATM 1353 O  O   . HOH F 3 .  ? -9.329  -1.309  18.162  1.00 48.30 ? 2004 HOH B O   1 
HETATM 1354 O  O   . HOH F 3 .  ? -10.990 0.730   9.480   1.00 29.42 ? 2005 HOH B O   1 
HETATM 1355 O  O   . HOH F 3 .  ? -11.903 3.318   13.345  1.00 37.20 ? 2006 HOH B O   1 
HETATM 1356 O  O   . HOH F 3 .  ? -10.777 -4.968  4.490   1.00 25.33 ? 2007 HOH B O   1 
HETATM 1357 O  O   . HOH F 3 .  ? -5.614  -9.165  8.778   1.00 23.10 ? 2008 HOH B O   1 
HETATM 1358 O  O   . HOH F 3 .  ? -8.710  1.908   8.736   1.00 25.94 ? 2009 HOH B O   1 
HETATM 1359 O  O   . HOH F 3 .  ? -2.750  -6.993  12.210  1.00 35.60 ? 2010 HOH B O   1 
HETATM 1360 O  O   . HOH F 3 .  ? -4.472  7.799   9.663   1.00 34.74 ? 2011 HOH B O   1 
HETATM 1361 O  O   . HOH F 3 .  ? 3.303   5.110   8.096   1.00 39.19 ? 2012 HOH B O   1 
HETATM 1362 O  O   . HOH F 3 .  ? 0.641   1.159   12.746  1.00 18.66 ? 2013 HOH B O   1 
HETATM 1363 O  O   . HOH F 3 .  ? 2.207   1.333   6.006   1.00 10.97 ? 2014 HOH B O   1 
HETATM 1364 O  O   . HOH F 3 .  ? -3.235  7.964   11.661  1.00 25.79 ? 2015 HOH B O   1 
HETATM 1365 O  O   . HOH F 3 .  ? -10.574 3.597   8.611   1.00 51.68 ? 2016 HOH B O   1 
HETATM 1366 O  O   . HOH F 3 .  ? -7.931  -10.408 10.169  1.00 40.10 ? 2017 HOH B O   1 
HETATM 1367 O  O   . HOH F 3 .  ? -4.750  15.924  1.652   1.00 36.55 ? 2018 HOH B O   1 
HETATM 1368 O  O   . HOH F 3 .  ? -0.251  -6.027  13.931  1.00 22.89 ? 2019 HOH B O   1 
HETATM 1369 O  O   . HOH F 3 .  ? 3.652   8.168   9.892   1.00 24.25 ? 2020 HOH B O   1 
HETATM 1370 O  O   . HOH F 3 .  ? 5.641   16.530  7.468   1.00 24.40 ? 2021 HOH B O   1 
HETATM 1371 O  O   . HOH F 3 .  ? 3.275   17.127  8.973   1.00 33.14 ? 2022 HOH B O   1 
HETATM 1372 O  O   . HOH F 3 .  ? 11.957  18.010  2.912   1.00 30.28 ? 2023 HOH B O   1 
HETATM 1373 O  O   . HOH F 3 .  ? 12.640  15.479  3.852   1.00 36.29 ? 2024 HOH B O   1 
HETATM 1374 O  O   . HOH F 3 .  ? 3.897   16.528  11.551  1.00 50.13 ? 2025 HOH B O   1 
HETATM 1375 O  O   . HOH F 3 .  ? 12.017  13.980  -2.040  1.00 65.59 ? 2026 HOH B O   1 
HETATM 1376 O  O   . HOH F 3 .  ? 8.847   12.440  -3.561  1.00 24.46 ? 2027 HOH B O   1 
HETATM 1377 O  O   . HOH F 3 .  ? 2.514   22.175  -1.660  1.00 31.01 ? 2028 HOH B O   1 
HETATM 1378 O  O   . HOH F 3 .  ? 11.508  9.931   1.542   1.00 41.88 ? 2029 HOH B O   1 
HETATM 1379 O  O   . HOH F 3 .  ? -22.765 5.508   -3.487  1.00 43.69 ? 2030 HOH B O   1 
HETATM 1380 O  O   . HOH F 3 .  ? -22.927 2.365   -3.351  1.00 54.02 ? 2031 HOH B O   1 
HETATM 1381 O  O   . HOH F 3 .  ? 6.954   6.150   -2.892  1.00 58.19 ? 2032 HOH B O   1 
HETATM 1382 O  O   . HOH F 3 .  ? 7.820   6.660   1.694   1.00 26.38 ? 2033 HOH B O   1 
HETATM 1383 O  O   . HOH F 3 .  ? 8.585   5.976   -0.258  1.00 29.51 ? 2034 HOH B O   1 
HETATM 1384 O  O   . HOH F 3 .  ? -8.888  19.365  -8.571  1.00 27.16 ? 2035 HOH B O   1 
HETATM 1385 O  O   . HOH F 3 .  ? 0.570   3.714   -5.163  1.00 18.24 ? 2036 HOH B O   1 
HETATM 1386 O  O   . HOH F 3 .  ? -6.223  20.819  -12.596 1.00 34.05 ? 2037 HOH B O   1 
HETATM 1387 O  O   . HOH F 3 .  ? -3.037  23.762  -12.793 1.00 46.31 ? 2038 HOH B O   1 
HETATM 1388 O  O   . HOH F 3 .  ? -3.009  14.976  -16.549 1.00 43.41 ? 2039 HOH B O   1 
HETATM 1389 O  O   . HOH F 3 .  ? -9.696  1.229   -4.928  1.00 23.91 ? 2040 HOH B O   1 
HETATM 1390 O  O   . HOH F 3 .  ? 2.817   4.880   -10.169 1.00 33.32 ? 2041 HOH B O   1 
HETATM 1391 O  O   . HOH F 3 .  ? -9.529  -3.564  2.291   1.00 17.08 ? 2042 HOH B O   1 
HETATM 1392 O  O   . HOH F 3 .  ? -16.331 -0.200  -6.363  1.00 42.52 ? 2043 HOH B O   1 
HETATM 1393 O  O   . HOH F 3 .  ? -15.714 0.349   0.486   1.00 49.07 ? 2044 HOH B O   1 
HETATM 1394 O  O   . HOH F 3 .  ? -21.008 0.719   -4.332  1.00 47.45 ? 2045 HOH B O   1 
HETATM 1395 O  O   . HOH F 3 .  ? -19.882 4.879   -4.404  1.00 37.12 ? 2046 HOH B O   1 
HETATM 1396 O  O   . HOH F 3 .  ? -22.767 10.544  -3.270  1.00 50.81 ? 2047 HOH B O   1 
HETATM 1397 O  O   . HOH F 3 .  ? -23.330 8.086   -4.391  1.00 39.63 ? 2048 HOH B O   1 
HETATM 1398 O  O   . HOH F 3 .  ? -17.569 6.601   -0.671  1.00 23.19 ? 2049 HOH B O   1 
HETATM 1399 O  O   . HOH F 3 .  ? -21.343 9.808   -1.196  1.00 41.50 ? 2050 HOH B O   1 
HETATM 1400 O  O   . HOH F 3 .  ? -7.758  19.198  -6.310  1.00 21.66 ? 2051 HOH B O   1 
HETATM 1401 O  O   . HOH F 3 .  ? -11.326 18.623  -8.316  1.00 39.87 ? 2052 HOH B O   1 
HETATM 1402 O  O   . HOH F 3 .  ? -10.913 21.942  -4.231  1.00 70.83 ? 2053 HOH B O   1 
HETATM 1403 O  O   . HOH F 3 .  ? -17.292 20.952  -2.751  1.00 26.83 ? 2054 HOH B O   1 
HETATM 1404 O  O   . HOH F 3 .  ? -13.102 23.324  -4.192  1.00 50.60 ? 2055 HOH B O   1 
HETATM 1405 O  O   . HOH F 3 .  ? -3.449  21.349  -12.477 1.00 34.93 ? 2056 HOH B O   1 
HETATM 1406 O  O   . HOH F 3 .  ? -0.021  17.584  -12.216 1.00 24.52 ? 2057 HOH B O   1 
HETATM 1407 O  O   . HOH F 3 .  ? -4.229  13.935  -14.534 1.00 23.86 ? 2058 HOH B O   1 
HETATM 1408 O  O   . HOH F 3 .  ? -7.198  18.845  -10.622 1.00 35.64 ? 2059 HOH B O   1 
HETATM 1409 O  O   . HOH F 3 .  ? -6.926  16.474  -16.610 1.00 32.03 ? 2060 HOH B O   1 
HETATM 1410 O  O   . HOH F 3 .  ? -4.408  6.958   -14.064 1.00 25.29 ? 2061 HOH B O   1 
HETATM 1411 O  O   . HOH F 3 .  ? 6.068   10.791  -9.352  1.00 51.07 ? 2062 HOH B O   1 
HETATM 1412 O  O   . HOH F 3 .  ? 0.676   3.805   -9.464  1.00 41.71 ? 2063 HOH B O   1 
HETATM 1413 O  O   . HOH F 3 .  ? -3.548  4.640   -12.832 1.00 29.93 ? 2064 HOH B O   1 
HETATM 1414 O  O   . HOH F 3 .  ? -5.371  3.869   -6.192  1.00 23.35 ? 2065 HOH B O   1 
HETATM 1415 O  O   . HOH F 3 .  ? -1.569  2.180   -10.632 1.00 50.74 ? 2066 HOH B O   1 
HETATM 1416 O  O   . HOH G 3 .  ? 15.753  -14.642 -13.477 1.00 36.05 ? 2001 HOH C O   1 
HETATM 1417 O  O   . HOH G 3 .  ? 11.654  -16.758 -13.457 1.00 32.76 ? 2002 HOH C O   1 
HETATM 1418 O  O   . HOH G 3 .  ? 13.543  -12.660 -11.241 1.00 33.52 ? 2003 HOH C O   1 
HETATM 1419 O  O   . HOH G 3 .  ? 3.843   -11.174 -13.028 1.00 30.15 ? 2004 HOH C O   1 
HETATM 1420 O  O   . HOH G 3 .  ? 5.297   -10.569 -11.490 1.00 32.08 ? 2005 HOH C O   1 
HETATM 1421 O  O   . HOH G 3 .  ? 6.941   -12.572 -18.660 1.00 22.46 ? 2006 HOH C O   1 
HETATM 1422 O  O   . HOH G 3 .  ? 4.909   -13.104 -20.623 1.00 15.40 ? 2007 HOH C O   1 
HETATM 1423 O  O   . HOH G 3 .  ? 0.311   -19.194 -7.174  1.00 19.63 ? 2008 HOH C O   1 
HETATM 1424 O  O   . HOH G 3 .  ? 0.927   -21.491 -11.763 1.00 30.22 ? 2009 HOH C O   1 
HETATM 1425 O  O   . HOH G 3 .  ? -2.804  -13.525 -4.350  1.00 25.59 ? 2010 HOH C O   1 
HETATM 1426 O  O   . HOH G 3 .  ? -0.150  -15.571 -8.815  1.00 22.55 ? 2011 HOH C O   1 
HETATM 1427 O  O   . HOH G 3 .  ? -2.159  -19.343 -0.851  1.00 42.70 ? 2012 HOH C O   1 
HETATM 1428 O  O   . HOH G 3 .  ? 3.617   -20.927 -1.516  1.00 42.61 ? 2013 HOH C O   1 
HETATM 1429 O  O   . HOH G 3 .  ? -0.157  -18.880 4.219   1.00 38.18 ? 2014 HOH C O   1 
HETATM 1430 O  O   . HOH G 3 .  ? 2.290   -15.670 4.475   1.00 13.74 ? 2015 HOH C O   1 
HETATM 1431 O  O   . HOH G 3 .  ? 8.657   -10.593 -19.481 1.00 34.24 ? 2016 HOH C O   1 
HETATM 1432 O  O   . HOH G 3 .  ? 4.858   -12.201 -16.511 1.00 16.71 ? 2017 HOH C O   1 
HETATM 1433 O  O   . HOH G 3 .  ? -2.510  -14.798 -9.448  1.00 42.40 ? 2018 HOH C O   1 
HETATM 1434 O  O   . HOH G 3 .  ? -3.076  -19.997 -3.204  1.00 44.82 ? 2019 HOH C O   1 
HETATM 1435 O  O   . HOH H 3 .  ? -1.836  12.083  12.615  1.00 81.16 ? 2001 HOH D O   1 
HETATM 1436 O  O   . HOH H 3 .  ? 1.171   15.789  18.029  1.00 22.42 ? 2002 HOH D O   1 
HETATM 1437 O  O   . HOH H 3 .  ? -11.470 14.165  15.396  1.00 38.92 ? 2003 HOH D O   1 
HETATM 1438 O  O   . HOH H 3 .  ? -11.783 9.961   11.890  1.00 24.15 ? 2004 HOH D O   1 
HETATM 1439 O  O   . HOH H 3 .  ? -12.370 6.860   11.594  1.00 46.26 ? 2005 HOH D O   1 
HETATM 1440 O  O   . HOH H 3 .  ? -8.208  8.230   11.491  1.00 28.13 ? 2006 HOH D O   1 
HETATM 1441 O  O   . HOH H 3 .  ? -16.071 5.998   7.878   1.00 36.13 ? 2007 HOH D O   1 
HETATM 1442 O  O   . HOH H 3 .  ? -17.313 5.629   2.099   1.00 35.64 ? 2008 HOH D O   1 
HETATM 1443 O  O   . HOH H 3 .  ? -11.772 6.445   4.203   1.00 39.47 ? 2009 HOH D O   1 
HETATM 1444 O  O   . HOH H 3 .  ? -14.540 6.569   0.273   1.00 14.60 ? 2010 HOH D O   1 
HETATM 1445 O  O   . HOH H 3 .  ? -12.575 11.580  14.148  1.00 32.31 ? 2011 HOH D O   1 
HETATM 1446 O  O   . HOH H 3 .  ? -15.079 9.021   11.651  1.00 49.54 ? 2012 HOH D O   1 
HETATM 1447 O  O   . HOH H 3 .  ? -20.785 5.965   2.271   1.00 38.12 ? 2013 HOH D O   1 
# 
